data_1BUZ
# 
_entry.id   1BUZ 
# 
_audit_conform.dict_name       mmcif_pdbx.dic 
_audit_conform.dict_version    5.390 
_audit_conform.dict_location   http://mmcif.pdb.org/dictionaries/ascii/mmcif_pdbx.dic 
# 
loop_
_database_2.database_id 
_database_2.database_code 
_database_2.pdbx_database_accession 
_database_2.pdbx_DOI 
PDB   1BUZ         pdb_00001buz 10.2210/pdb1buz/pdb 
WWPDB D_1000172102 ?            ?                   
# 
loop_
_pdbx_audit_revision_history.ordinal 
_pdbx_audit_revision_history.data_content_type 
_pdbx_audit_revision_history.major_revision 
_pdbx_audit_revision_history.minor_revision 
_pdbx_audit_revision_history.revision_date 
1 'Structure model' 1 0 1998-07-01 
2 'Structure model' 1 1 2008-03-24 
3 'Structure model' 1 2 2011-07-13 
4 'Structure model' 1 3 2017-11-29 
5 'Structure model' 1 4 2018-08-08 
6 'Structure model' 1 5 2024-04-10 
# 
_pdbx_audit_revision_details.ordinal             1 
_pdbx_audit_revision_details.revision_ordinal    1 
_pdbx_audit_revision_details.data_content_type   'Structure model' 
_pdbx_audit_revision_details.provider            repository 
_pdbx_audit_revision_details.type                'Initial release' 
_pdbx_audit_revision_details.description         ? 
_pdbx_audit_revision_details.details             ? 
# 
loop_
_pdbx_audit_revision_group.ordinal 
_pdbx_audit_revision_group.revision_ordinal 
_pdbx_audit_revision_group.data_content_type 
_pdbx_audit_revision_group.group 
1  2 'Structure model' 'Version format compliance' 
2  3 'Structure model' 'Version format compliance' 
3  4 'Structure model' 'Derived calculations'      
4  4 'Structure model' Other                       
5  5 'Structure model' 'Data collection'           
6  5 'Structure model' 'Experimental preparation'  
7  5 'Structure model' 'Refinement description'    
8  5 'Structure model' 'Source and taxonomy'       
9  6 'Structure model' 'Data collection'           
10 6 'Structure model' 'Database references'       
# 
loop_
_pdbx_audit_revision_category.ordinal 
_pdbx_audit_revision_category.revision_ordinal 
_pdbx_audit_revision_category.data_content_type 
_pdbx_audit_revision_category.category 
1  4 'Structure model' pdbx_database_status             
2  4 'Structure model' pdbx_struct_assembly             
3  4 'Structure model' pdbx_struct_oper_list            
4  4 'Structure model' struct_conf                      
5  4 'Structure model' struct_conf_type                 
6  5 'Structure model' entity_src_gen                   
7  5 'Structure model' pdbx_nmr_details                 
8  5 'Structure model' pdbx_nmr_exptl_sample            
9  5 'Structure model' pdbx_nmr_exptl_sample_conditions 
10 5 'Structure model' pdbx_nmr_refine                  
11 5 'Structure model' pdbx_nmr_representative          
12 5 'Structure model' pdbx_nmr_sample_details          
13 5 'Structure model' pdbx_nmr_software                
14 5 'Structure model' pdbx_nmr_spectrometer            
15 6 'Structure model' chem_comp_atom                   
16 6 'Structure model' chem_comp_bond                   
17 6 'Structure model' database_2                       
# 
loop_
_pdbx_audit_revision_item.ordinal 
_pdbx_audit_revision_item.revision_ordinal 
_pdbx_audit_revision_item.data_content_type 
_pdbx_audit_revision_item.item 
1  4 'Structure model' '_pdbx_database_status.process_site'               
2  5 'Structure model' '_entity_src_gen.gene_src_genus'                   
3  5 'Structure model' '_entity_src_gen.host_org_genus'                   
4  5 'Structure model' '_entity_src_gen.host_org_species'                 
5  5 'Structure model' '_entity_src_gen.pdbx_host_org_strain'             
6  5 'Structure model' '_pdbx_nmr_exptl_sample_conditions.label'          
7  5 'Structure model' '_pdbx_nmr_exptl_sample_conditions.pH_units'       
8  5 'Structure model' '_pdbx_nmr_exptl_sample_conditions.pressure'       
9  5 'Structure model' '_pdbx_nmr_exptl_sample_conditions.pressure_units' 
10 5 'Structure model' '_pdbx_nmr_refine.method'                          
11 5 'Structure model' '_pdbx_nmr_software.authors'                       
12 5 'Structure model' '_pdbx_nmr_software.version'                       
13 5 'Structure model' '_pdbx_nmr_spectrometer.manufacturer'              
14 6 'Structure model' '_database_2.pdbx_DOI'                             
15 6 'Structure model' '_database_2.pdbx_database_accession'              
# 
_pdbx_database_status.status_code                     REL 
_pdbx_database_status.entry_id                        1BUZ 
_pdbx_database_status.recvd_initial_deposition_date   1997-09-08 
_pdbx_database_status.deposit_site                    ? 
_pdbx_database_status.process_site                    BNL 
_pdbx_database_status.SG_entry                        . 
_pdbx_database_status.pdb_format_compatible           Y 
_pdbx_database_status.status_code_mr                  ? 
_pdbx_database_status.status_code_sf                  ? 
_pdbx_database_status.status_code_cs                  ? 
_pdbx_database_status.methods_development_category    ? 
_pdbx_database_status.status_code_nmr_data            ? 
# 
loop_
_audit_author.name 
_audit_author.pdbx_ordinal 
'Kovacs, H.'     1 
'Comfort, D.'    2 
'Lord, M.'       3 
'Campbell, I.D.' 4 
'Yudkin, M.D.'   5 
# 
loop_
_citation.id 
_citation.title 
_citation.journal_abbrev 
_citation.journal_volume 
_citation.page_first 
_citation.page_last 
_citation.year 
_citation.journal_id_ASTM 
_citation.country 
_citation.journal_id_ISSN 
_citation.journal_id_CSD 
_citation.book_publisher 
_citation.pdbx_database_id_PubMed 
_citation.pdbx_database_id_DOI 
primary 
;Solution structure of SpoIIAA, a phosphorylatable component of the system that regulates transcription factor sigmaF of Bacillus subtilis.
;
Proc.Natl.Acad.Sci.USA  95  5067 5071 1998 PNASA6 US 0027-8424 0040 ? 9560229 10.1073/pnas.95.9.5067 
1       'Activation of Cell-Specific Transcription by a Serine Phosphatase at the Site of Asymmetric Division' Science 270 641  ? 
1995 SCIEAS US 0036-8075 0038 ? ?       ?                      
2       
'Role of Interactions between Spoiiaa and Spoiiab in Regulating Cell-Specific Transcription Factor Sigma F of Bacillus Subtilis' 
'Genes Dev.'            8   2653 ?    1994 GEDEEP US 0890-9369 2056 ? ?       ?                      
3       'An Adenosine Nucleotide Switch Controlling the Activity of a Cell Type-Specific Transcription Factor in B. Subtilis' 
'Cell(Cambridge,Mass.)' 77  195  ?    1994 CELLB5 US 0092-8674 0998 ? ?       ?                      
4       
;Sigma F, the First Compartment-Specific Transcription Factor of B. Subtilis, is Regulated by an Anti-Sigma Factor that is Also a Protein Kinase
;
'Cell(Cambridge,Mass.)' 74  735  ?    1993 CELLB5 US 0092-8674 0998 ? ?       ?                      
5       'Molecular and Phenotypic Characterization of Promoter-Proximal Mutations in the Spoiia Locus of Bacillus Subtilis' 
J.Bacteriol.            175 5636 ?    1993 JOBAAY US 0021-9193 0767 ? ?       ?                      
# 
loop_
_citation_author.citation_id 
_citation_author.name 
_citation_author.ordinal 
_citation_author.identifier_ORCID 
primary 'Kovacs, H.'               1  ? 
primary 'Comfort, D.'              2  ? 
primary 'Lord, M.'                 3  ? 
primary 'Campbell, I.D.'           4  ? 
primary 'Yudkin, M.D.'             5  ? 
1       'Duncan, L.'               6  ? 
1       'Alper, S.'                7  ? 
1       'Arigoni, F.'              8  ? 
1       'Losick, R.'               9  ? 
1       'Stragier, P.'             10 ? 
2       'Diederich, B.'            11 ? 
2       'Wilkinson, J.F.'          12 ? 
2       'Magnin, T.'               13 ? 
2       'Najafi, S.M.A.'           14 ? 
2       'Errington, J.'            15 ? 
2       'Yudkin, M.D.'             16 ? 
3       'Alper, S.'                17 ? 
3       'Duncan, L.'               18 ? 
3       'Losick, R.'               19 ? 
4       'Min, K.T.'                20 ? 
4       'Hilditch, C.M.'           21 ? 
4       'Diederich, B.'            22 ? 
4       'Errington, J.'            23 ? 
4       'Yudkin, M.D.'             24 ? 
5       'Challoner-Courtney, I.J.' 25 ? 
5       'Yudkin, M.D.'             26 ? 
# 
_entity.id                         1 
_entity.type                       polymer 
_entity.src_method                 man 
_entity.pdbx_description           SPOIIAA 
_entity.formula_weight             12874.979 
_entity.pdbx_number_of_molecules   1 
_entity.pdbx_ec                    ? 
_entity.pdbx_mutation              ? 
_entity.pdbx_fragment              ? 
_entity.details                    'NON-PHOSPHORYLATED FORM' 
# 
_entity_poly.entity_id                      1 
_entity_poly.type                           'polypeptide(L)' 
_entity_poly.nstd_linkage                   no 
_entity_poly.nstd_monomer                   no 
_entity_poly.pdbx_seq_one_letter_code       
;SLGIDMNVKESVLCIRLTGELDHHTAETLKQKVTQSLEKDDIRHIVLNLEDLSFMDSSGLGVILGRYKQIKQIGGEMVVC
AISPAVKRLFDMSGLFKIIRFEQSEQQALLTLGVAS
;
_entity_poly.pdbx_seq_one_letter_code_can   
;SLGIDMNVKESVLCIRLTGELDHHTAETLKQKVTQSLEKDDIRHIVLNLEDLSFMDSSGLGVILGRYKQIKQIGGEMVVC
AISPAVKRLFDMSGLFKIIRFEQSEQQALLTLGVAS
;
_entity_poly.pdbx_strand_id                 A 
_entity_poly.pdbx_target_identifier         ? 
# 
loop_
_entity_poly_seq.entity_id 
_entity_poly_seq.num 
_entity_poly_seq.mon_id 
_entity_poly_seq.hetero 
1 1   SER n 
1 2   LEU n 
1 3   GLY n 
1 4   ILE n 
1 5   ASP n 
1 6   MET n 
1 7   ASN n 
1 8   VAL n 
1 9   LYS n 
1 10  GLU n 
1 11  SER n 
1 12  VAL n 
1 13  LEU n 
1 14  CYS n 
1 15  ILE n 
1 16  ARG n 
1 17  LEU n 
1 18  THR n 
1 19  GLY n 
1 20  GLU n 
1 21  LEU n 
1 22  ASP n 
1 23  HIS n 
1 24  HIS n 
1 25  THR n 
1 26  ALA n 
1 27  GLU n 
1 28  THR n 
1 29  LEU n 
1 30  LYS n 
1 31  GLN n 
1 32  LYS n 
1 33  VAL n 
1 34  THR n 
1 35  GLN n 
1 36  SER n 
1 37  LEU n 
1 38  GLU n 
1 39  LYS n 
1 40  ASP n 
1 41  ASP n 
1 42  ILE n 
1 43  ARG n 
1 44  HIS n 
1 45  ILE n 
1 46  VAL n 
1 47  LEU n 
1 48  ASN n 
1 49  LEU n 
1 50  GLU n 
1 51  ASP n 
1 52  LEU n 
1 53  SER n 
1 54  PHE n 
1 55  MET n 
1 56  ASP n 
1 57  SER n 
1 58  SER n 
1 59  GLY n 
1 60  LEU n 
1 61  GLY n 
1 62  VAL n 
1 63  ILE n 
1 64  LEU n 
1 65  GLY n 
1 66  ARG n 
1 67  TYR n 
1 68  LYS n 
1 69  GLN n 
1 70  ILE n 
1 71  LYS n 
1 72  GLN n 
1 73  ILE n 
1 74  GLY n 
1 75  GLY n 
1 76  GLU n 
1 77  MET n 
1 78  VAL n 
1 79  VAL n 
1 80  CYS n 
1 81  ALA n 
1 82  ILE n 
1 83  SER n 
1 84  PRO n 
1 85  ALA n 
1 86  VAL n 
1 87  LYS n 
1 88  ARG n 
1 89  LEU n 
1 90  PHE n 
1 91  ASP n 
1 92  MET n 
1 93  SER n 
1 94  GLY n 
1 95  LEU n 
1 96  PHE n 
1 97  LYS n 
1 98  ILE n 
1 99  ILE n 
1 100 ARG n 
1 101 PHE n 
1 102 GLU n 
1 103 GLN n 
1 104 SER n 
1 105 GLU n 
1 106 GLN n 
1 107 GLN n 
1 108 ALA n 
1 109 LEU n 
1 110 LEU n 
1 111 THR n 
1 112 LEU n 
1 113 GLY n 
1 114 VAL n 
1 115 ALA n 
1 116 SER n 
# 
_entity_src_gen.entity_id                          1 
_entity_src_gen.pdbx_src_id                        1 
_entity_src_gen.pdbx_alt_source_flag               sample 
_entity_src_gen.pdbx_seq_type                      ? 
_entity_src_gen.pdbx_beg_seq_num                   ? 
_entity_src_gen.pdbx_end_seq_num                   ? 
_entity_src_gen.gene_src_common_name               ? 
_entity_src_gen.gene_src_genus                     ? 
_entity_src_gen.pdbx_gene_src_gene                 SPOIIAA 
_entity_src_gen.gene_src_species                   ? 
_entity_src_gen.gene_src_strain                    SG38 
_entity_src_gen.gene_src_tissue                    ? 
_entity_src_gen.gene_src_tissue_fraction           ? 
_entity_src_gen.gene_src_details                   ? 
_entity_src_gen.pdbx_gene_src_fragment             ? 
_entity_src_gen.pdbx_gene_src_scientific_name      'Bacillus subtilis' 
_entity_src_gen.pdbx_gene_src_ncbi_taxonomy_id     1423 
_entity_src_gen.pdbx_gene_src_variant              ? 
_entity_src_gen.pdbx_gene_src_cell_line            BL21 
_entity_src_gen.pdbx_gene_src_atcc                 ? 
_entity_src_gen.pdbx_gene_src_organ                ? 
_entity_src_gen.pdbx_gene_src_organelle            ? 
_entity_src_gen.pdbx_gene_src_cell                 ? 
_entity_src_gen.pdbx_gene_src_cellular_location    CYTOPLASM 
_entity_src_gen.host_org_common_name               ? 
_entity_src_gen.pdbx_host_org_scientific_name      'Escherichia coli BL21(DE3)' 
_entity_src_gen.pdbx_host_org_ncbi_taxonomy_id     469008 
_entity_src_gen.host_org_genus                     ? 
_entity_src_gen.pdbx_host_org_gene                 SPOIIAA 
_entity_src_gen.pdbx_host_org_organ                ? 
_entity_src_gen.host_org_species                   ? 
_entity_src_gen.pdbx_host_org_tissue               ? 
_entity_src_gen.pdbx_host_org_tissue_fraction      ? 
_entity_src_gen.pdbx_host_org_strain               'BL21(DE3)' 
_entity_src_gen.pdbx_host_org_variant              ? 
_entity_src_gen.pdbx_host_org_cell_line            ? 
_entity_src_gen.pdbx_host_org_atcc                 ? 
_entity_src_gen.pdbx_host_org_culture_collection   ? 
_entity_src_gen.pdbx_host_org_cell                 ? 
_entity_src_gen.pdbx_host_org_organelle            ? 
_entity_src_gen.pdbx_host_org_cellular_location    CYTOPLASM 
_entity_src_gen.pdbx_host_org_vector_type          BACTERIAL 
_entity_src_gen.pdbx_host_org_vector               'T7 RNA POLYMERASE EXPRESSION VECTOR' 
_entity_src_gen.host_org_details                   ? 
_entity_src_gen.expression_system_id               ? 
_entity_src_gen.plasmid_name                       PEAA 
_entity_src_gen.plasmid_details                    ? 
_entity_src_gen.pdbx_description                   ? 
# 
loop_
_chem_comp.id 
_chem_comp.type 
_chem_comp.mon_nstd_flag 
_chem_comp.name 
_chem_comp.pdbx_synonyms 
_chem_comp.formula 
_chem_comp.formula_weight 
ALA 'L-peptide linking' y ALANINE         ? 'C3 H7 N O2'     89.093  
ARG 'L-peptide linking' y ARGININE        ? 'C6 H15 N4 O2 1' 175.209 
ASN 'L-peptide linking' y ASPARAGINE      ? 'C4 H8 N2 O3'    132.118 
ASP 'L-peptide linking' y 'ASPARTIC ACID' ? 'C4 H7 N O4'     133.103 
CYS 'L-peptide linking' y CYSTEINE        ? 'C3 H7 N O2 S'   121.158 
GLN 'L-peptide linking' y GLUTAMINE       ? 'C5 H10 N2 O3'   146.144 
GLU 'L-peptide linking' y 'GLUTAMIC ACID' ? 'C5 H9 N O4'     147.129 
GLY 'peptide linking'   y GLYCINE         ? 'C2 H5 N O2'     75.067  
HIS 'L-peptide linking' y HISTIDINE       ? 'C6 H10 N3 O2 1' 156.162 
ILE 'L-peptide linking' y ISOLEUCINE      ? 'C6 H13 N O2'    131.173 
LEU 'L-peptide linking' y LEUCINE         ? 'C6 H13 N O2'    131.173 
LYS 'L-peptide linking' y LYSINE          ? 'C6 H15 N2 O2 1' 147.195 
MET 'L-peptide linking' y METHIONINE      ? 'C5 H11 N O2 S'  149.211 
PHE 'L-peptide linking' y PHENYLALANINE   ? 'C9 H11 N O2'    165.189 
PRO 'L-peptide linking' y PROLINE         ? 'C5 H9 N O2'     115.130 
SER 'L-peptide linking' y SERINE          ? 'C3 H7 N O3'     105.093 
THR 'L-peptide linking' y THREONINE       ? 'C4 H9 N O3'     119.119 
TYR 'L-peptide linking' y TYROSINE        ? 'C9 H11 N O3'    181.189 
VAL 'L-peptide linking' y VALINE          ? 'C5 H11 N O2'    117.146 
# 
loop_
_pdbx_poly_seq_scheme.asym_id 
_pdbx_poly_seq_scheme.entity_id 
_pdbx_poly_seq_scheme.seq_id 
_pdbx_poly_seq_scheme.mon_id 
_pdbx_poly_seq_scheme.ndb_seq_num 
_pdbx_poly_seq_scheme.pdb_seq_num 
_pdbx_poly_seq_scheme.auth_seq_num 
_pdbx_poly_seq_scheme.pdb_mon_id 
_pdbx_poly_seq_scheme.auth_mon_id 
_pdbx_poly_seq_scheme.pdb_strand_id 
_pdbx_poly_seq_scheme.pdb_ins_code 
_pdbx_poly_seq_scheme.hetero 
A 1 1   SER 1   1   1   SER SER A . n 
A 1 2   LEU 2   2   2   LEU LEU A . n 
A 1 3   GLY 3   3   3   GLY GLY A . n 
A 1 4   ILE 4   4   4   ILE ILE A . n 
A 1 5   ASP 5   5   5   ASP ASP A . n 
A 1 6   MET 6   6   6   MET MET A . n 
A 1 7   ASN 7   7   7   ASN ASN A . n 
A 1 8   VAL 8   8   8   VAL VAL A . n 
A 1 9   LYS 9   9   9   LYS LYS A . n 
A 1 10  GLU 10  10  10  GLU GLU A . n 
A 1 11  SER 11  11  11  SER SER A . n 
A 1 12  VAL 12  12  12  VAL VAL A . n 
A 1 13  LEU 13  13  13  LEU LEU A . n 
A 1 14  CYS 14  14  14  CYS CYS A . n 
A 1 15  ILE 15  15  15  ILE ILE A . n 
A 1 16  ARG 16  16  16  ARG ARG A . n 
A 1 17  LEU 17  17  17  LEU LEU A . n 
A 1 18  THR 18  18  18  THR THR A . n 
A 1 19  GLY 19  19  19  GLY GLY A . n 
A 1 20  GLU 20  20  20  GLU GLU A . n 
A 1 21  LEU 21  21  21  LEU LEU A . n 
A 1 22  ASP 22  22  22  ASP ASP A . n 
A 1 23  HIS 23  23  23  HIS HIS A . n 
A 1 24  HIS 24  24  24  HIS HIS A . n 
A 1 25  THR 25  25  25  THR THR A . n 
A 1 26  ALA 26  26  26  ALA ALA A . n 
A 1 27  GLU 27  27  27  GLU GLU A . n 
A 1 28  THR 28  28  28  THR THR A . n 
A 1 29  LEU 29  29  29  LEU LEU A . n 
A 1 30  LYS 30  30  30  LYS LYS A . n 
A 1 31  GLN 31  31  31  GLN GLN A . n 
A 1 32  LYS 32  32  32  LYS LYS A . n 
A 1 33  VAL 33  33  33  VAL VAL A . n 
A 1 34  THR 34  34  34  THR THR A . n 
A 1 35  GLN 35  35  35  GLN GLN A . n 
A 1 36  SER 36  36  36  SER SER A . n 
A 1 37  LEU 37  37  37  LEU LEU A . n 
A 1 38  GLU 38  38  38  GLU GLU A . n 
A 1 39  LYS 39  39  39  LYS LYS A . n 
A 1 40  ASP 40  40  40  ASP ASP A . n 
A 1 41  ASP 41  41  41  ASP ASP A . n 
A 1 42  ILE 42  42  42  ILE ILE A . n 
A 1 43  ARG 43  43  43  ARG ARG A . n 
A 1 44  HIS 44  44  44  HIS HIS A . n 
A 1 45  ILE 45  45  45  ILE ILE A . n 
A 1 46  VAL 46  46  46  VAL VAL A . n 
A 1 47  LEU 47  47  47  LEU LEU A . n 
A 1 48  ASN 48  48  48  ASN ASN A . n 
A 1 49  LEU 49  49  49  LEU LEU A . n 
A 1 50  GLU 50  50  50  GLU GLU A . n 
A 1 51  ASP 51  51  51  ASP ASP A . n 
A 1 52  LEU 52  52  52  LEU LEU A . n 
A 1 53  SER 53  53  53  SER SER A . n 
A 1 54  PHE 54  54  54  PHE PHE A . n 
A 1 55  MET 55  55  55  MET MET A . n 
A 1 56  ASP 56  56  56  ASP ASP A . n 
A 1 57  SER 57  57  57  SER SER A . n 
A 1 58  SER 58  58  58  SER SER A . n 
A 1 59  GLY 59  59  59  GLY GLY A . n 
A 1 60  LEU 60  60  60  LEU LEU A . n 
A 1 61  GLY 61  61  61  GLY GLY A . n 
A 1 62  VAL 62  62  62  VAL VAL A . n 
A 1 63  ILE 63  63  63  ILE ILE A . n 
A 1 64  LEU 64  64  64  LEU LEU A . n 
A 1 65  GLY 65  65  65  GLY GLY A . n 
A 1 66  ARG 66  66  66  ARG ARG A . n 
A 1 67  TYR 67  67  67  TYR TYR A . n 
A 1 68  LYS 68  68  68  LYS LYS A . n 
A 1 69  GLN 69  69  69  GLN GLN A . n 
A 1 70  ILE 70  70  70  ILE ILE A . n 
A 1 71  LYS 71  71  71  LYS LYS A . n 
A 1 72  GLN 72  72  72  GLN GLN A . n 
A 1 73  ILE 73  73  73  ILE ILE A . n 
A 1 74  GLY 74  74  74  GLY GLY A . n 
A 1 75  GLY 75  75  75  GLY GLY A . n 
A 1 76  GLU 76  76  76  GLU GLU A . n 
A 1 77  MET 77  77  77  MET MET A . n 
A 1 78  VAL 78  78  78  VAL VAL A . n 
A 1 79  VAL 79  79  79  VAL VAL A . n 
A 1 80  CYS 80  80  80  CYS CYS A . n 
A 1 81  ALA 81  81  81  ALA ALA A . n 
A 1 82  ILE 82  82  82  ILE ILE A . n 
A 1 83  SER 83  83  83  SER SER A . n 
A 1 84  PRO 84  84  84  PRO PRO A . n 
A 1 85  ALA 85  85  85  ALA ALA A . n 
A 1 86  VAL 86  86  86  VAL VAL A . n 
A 1 87  LYS 87  87  87  LYS LYS A . n 
A 1 88  ARG 88  88  88  ARG ARG A . n 
A 1 89  LEU 89  89  89  LEU LEU A . n 
A 1 90  PHE 90  90  90  PHE PHE A . n 
A 1 91  ASP 91  91  91  ASP ASP A . n 
A 1 92  MET 92  92  92  MET MET A . n 
A 1 93  SER 93  93  93  SER SER A . n 
A 1 94  GLY 94  94  94  GLY GLY A . n 
A 1 95  LEU 95  95  95  LEU LEU A . n 
A 1 96  PHE 96  96  96  PHE PHE A . n 
A 1 97  LYS 97  97  97  LYS LYS A . n 
A 1 98  ILE 98  98  98  ILE ILE A . n 
A 1 99  ILE 99  99  99  ILE ILE A . n 
A 1 100 ARG 100 100 100 ARG ARG A . n 
A 1 101 PHE 101 101 101 PHE PHE A . n 
A 1 102 GLU 102 102 102 GLU GLU A . n 
A 1 103 GLN 103 103 103 GLN GLN A . n 
A 1 104 SER 104 104 104 SER SER A . n 
A 1 105 GLU 105 105 105 GLU GLU A . n 
A 1 106 GLN 106 106 106 GLN GLN A . n 
A 1 107 GLN 107 107 107 GLN GLN A . n 
A 1 108 ALA 108 108 108 ALA ALA A . n 
A 1 109 LEU 109 109 109 LEU LEU A . n 
A 1 110 LEU 110 110 110 LEU LEU A . n 
A 1 111 THR 111 111 111 THR THR A . n 
A 1 112 LEU 112 112 112 LEU LEU A . n 
A 1 113 GLY 113 113 113 GLY GLY A . n 
A 1 114 VAL 114 114 114 VAL VAL A . n 
A 1 115 ALA 115 115 115 ALA ALA A . n 
A 1 116 SER 116 116 116 SER SER A . n 
# 
loop_
_software.name 
_software.classification 
_software.version 
_software.citation_id 
_software.pdbx_ordinal 
DYANA 'model building' . ? 1 
DYANA refinement       . ? 2 
# 
_cell.entry_id           1BUZ 
_cell.length_a           1.000 
_cell.length_b           1.000 
_cell.length_c           1.000 
_cell.angle_alpha        90.00 
_cell.angle_beta         90.00 
_cell.angle_gamma        90.00 
_cell.Z_PDB              1 
_cell.pdbx_unique_axis   ? 
# 
_symmetry.entry_id                         1BUZ 
_symmetry.space_group_name_H-M             'P 1' 
_symmetry.pdbx_full_space_group_name_H-M   ? 
_symmetry.cell_setting                     ? 
_symmetry.Int_Tables_number                1 
# 
_exptl.entry_id          1BUZ 
_exptl.method            'SOLUTION NMR' 
_exptl.crystals_number   ? 
# 
_struct.entry_id                  1BUZ 
_struct.title                     
;SOLUTION STRUCTURE OF SPOIIAA, A PHOSPHORYLATABLE COMPONENT OF THE SYSTEM THAT REGULATES TRANSCRIPTION FACTOR SIGMA-F OF BACILLUS SUBTILIS NMR, MINIMIZED AVERAGE STRUCTURE
;
_struct.pdbx_model_details        ? 
_struct.pdbx_CASP_flag            ? 
_struct.pdbx_model_type_details   ? 
# 
_struct_keywords.entry_id        1BUZ 
_struct_keywords.pdbx_keywords   'TRANSCRIPTION REGULATOR' 
_struct_keywords.text            
'TRANSCRIPTION REGULATOR, KINASE SUBSTRATE, ANTI-ANTI SIGMA FACTOR, NOVEL ALPHA/BETA FOLD, SPORULATION, PHOSPHORYLATION' 
# 
_struct_asym.id                            A 
_struct_asym.pdbx_blank_PDB_chainid_flag   Y 
_struct_asym.pdbx_modified                 N 
_struct_asym.entity_id                     1 
_struct_asym.details                       ? 
# 
_struct_ref.id                         1 
_struct_ref.db_name                    UNP 
_struct_ref.db_code                    SP2AA_BACSU 
_struct_ref.entity_id                  1 
_struct_ref.pdbx_db_accession          P10727 
_struct_ref.pdbx_align_begin           1 
_struct_ref.pdbx_seq_one_letter_code   
;SLGIDMNVKESVLCIRLTGELDHHTAETLKQKVTQSLEKDDIRHIVLNLEDLSFMDSSGLGVILGRYKQIKQIGGEMVVC
AISPAVKRLFDMSGLFKIIRFEQSEQQALLTLGVAS
;
_struct_ref.pdbx_db_isoform            ? 
# 
_struct_ref_seq.align_id                      1 
_struct_ref_seq.ref_id                        1 
_struct_ref_seq.pdbx_PDB_id_code              1BUZ 
_struct_ref_seq.pdbx_strand_id                A 
_struct_ref_seq.seq_align_beg                 1 
_struct_ref_seq.pdbx_seq_align_beg_ins_code   ? 
_struct_ref_seq.seq_align_end                 116 
_struct_ref_seq.pdbx_seq_align_end_ins_code   ? 
_struct_ref_seq.pdbx_db_accession             P10727 
_struct_ref_seq.db_align_beg                  1 
_struct_ref_seq.pdbx_db_align_beg_ins_code    ? 
_struct_ref_seq.db_align_end                  116 
_struct_ref_seq.pdbx_db_align_end_ins_code    ? 
_struct_ref_seq.pdbx_auth_seq_align_beg       1 
_struct_ref_seq.pdbx_auth_seq_align_end       116 
# 
_pdbx_struct_assembly.id                   1 
_pdbx_struct_assembly.details              author_defined_assembly 
_pdbx_struct_assembly.method_details       ? 
_pdbx_struct_assembly.oligomeric_details   monomeric 
_pdbx_struct_assembly.oligomeric_count     1 
# 
_pdbx_struct_assembly_gen.assembly_id       1 
_pdbx_struct_assembly_gen.oper_expression   1 
_pdbx_struct_assembly_gen.asym_id_list      A 
# 
_pdbx_struct_oper_list.id                   1 
_pdbx_struct_oper_list.type                 'identity operation' 
_pdbx_struct_oper_list.name                 1_555 
_pdbx_struct_oper_list.symmetry_operation   ? 
_pdbx_struct_oper_list.matrix[1][1]         1.0000000000 
_pdbx_struct_oper_list.matrix[1][2]         0.0000000000 
_pdbx_struct_oper_list.matrix[1][3]         0.0000000000 
_pdbx_struct_oper_list.vector[1]            0.0000000000 
_pdbx_struct_oper_list.matrix[2][1]         0.0000000000 
_pdbx_struct_oper_list.matrix[2][2]         1.0000000000 
_pdbx_struct_oper_list.matrix[2][3]         0.0000000000 
_pdbx_struct_oper_list.vector[2]            0.0000000000 
_pdbx_struct_oper_list.matrix[3][1]         0.0000000000 
_pdbx_struct_oper_list.matrix[3][2]         0.0000000000 
_pdbx_struct_oper_list.matrix[3][3]         1.0000000000 
_pdbx_struct_oper_list.vector[3]            0.0000000000 
# 
loop_
_struct_conf.conf_type_id 
_struct_conf.id 
_struct_conf.pdbx_PDB_helix_id 
_struct_conf.beg_label_comp_id 
_struct_conf.beg_label_asym_id 
_struct_conf.beg_label_seq_id 
_struct_conf.pdbx_beg_PDB_ins_code 
_struct_conf.end_label_comp_id 
_struct_conf.end_label_asym_id 
_struct_conf.end_label_seq_id 
_struct_conf.pdbx_end_PDB_ins_code 
_struct_conf.beg_auth_comp_id 
_struct_conf.beg_auth_asym_id 
_struct_conf.beg_auth_seq_id 
_struct_conf.end_auth_comp_id 
_struct_conf.end_auth_asym_id 
_struct_conf.end_auth_seq_id 
_struct_conf.pdbx_PDB_helix_class 
_struct_conf.details 
_struct_conf.pdbx_PDB_helix_length 
HELX_P HELX_P1 H1 THR A 25  ? LEU A 37  ? THR A 25  LEU A 37  1 ? 13 
HELX_P HELX_P2 H2 SER A 57  ? LYS A 71  ? SER A 57  LYS A 71  1 ? 15 
HELX_P HELX_P3 H3 LYS A 87  ? SER A 93  ? LYS A 87  SER A 93  1 ? 7  
HELX_P HELX_P4 H4 GLU A 105 ? THR A 111 ? GLU A 105 THR A 111 1 ? 7  
# 
_struct_conf_type.id          HELX_P 
_struct_conf_type.criteria    ? 
_struct_conf_type.reference   ? 
# 
_struct_sheet.id               B 
_struct_sheet.type             ? 
_struct_sheet.number_strands   4 
_struct_sheet.details          ? 
# 
loop_
_struct_sheet_order.sheet_id 
_struct_sheet_order.range_id_1 
_struct_sheet_order.range_id_2 
_struct_sheet_order.offset 
_struct_sheet_order.sense 
B 1 2 ? anti-parallel 
B 2 3 ? parallel      
B 3 4 ? parallel      
# 
loop_
_struct_sheet_range.sheet_id 
_struct_sheet_range.id 
_struct_sheet_range.beg_label_comp_id 
_struct_sheet_range.beg_label_asym_id 
_struct_sheet_range.beg_label_seq_id 
_struct_sheet_range.pdbx_beg_PDB_ins_code 
_struct_sheet_range.end_label_comp_id 
_struct_sheet_range.end_label_asym_id 
_struct_sheet_range.end_label_seq_id 
_struct_sheet_range.pdbx_end_PDB_ins_code 
_struct_sheet_range.beg_auth_comp_id 
_struct_sheet_range.beg_auth_asym_id 
_struct_sheet_range.beg_auth_seq_id 
_struct_sheet_range.end_auth_comp_id 
_struct_sheet_range.end_auth_asym_id 
_struct_sheet_range.end_auth_seq_id 
B 1 GLY A 3  ? LYS A 9  ? GLY A 3  LYS A 9  
B 2 VAL A 12 ? THR A 18 ? VAL A 12 THR A 18 
B 3 HIS A 44 ? ASN A 48 ? HIS A 44 ASN A 48 
B 4 GLU A 76 ? CYS A 80 ? GLU A 76 CYS A 80 
# 
_struct_site.id                   P 
_struct_site.pdbx_evidence_code   Unknown 
_struct_site.pdbx_auth_asym_id    ? 
_struct_site.pdbx_auth_comp_id    ? 
_struct_site.pdbx_auth_seq_id     ? 
_struct_site.pdbx_auth_ins_code   ? 
_struct_site.pdbx_num_residues    1 
_struct_site.details              'PHOSPHORYLATION SITE IN SPOIIAA IS SER 58.' 
# 
_struct_site_gen.id                   1 
_struct_site_gen.site_id              P 
_struct_site_gen.pdbx_num_res         1 
_struct_site_gen.label_comp_id        SER 
_struct_site_gen.label_asym_id        A 
_struct_site_gen.label_seq_id         57 
_struct_site_gen.pdbx_auth_ins_code   ? 
_struct_site_gen.auth_comp_id         SER 
_struct_site_gen.auth_asym_id         A 
_struct_site_gen.auth_seq_id          57 
_struct_site_gen.label_atom_id        . 
_struct_site_gen.label_alt_id         ? 
_struct_site_gen.symmetry             1_555 
_struct_site_gen.details              ? 
# 
loop_
_pdbx_validate_close_contact.id 
_pdbx_validate_close_contact.PDB_model_num 
_pdbx_validate_close_contact.auth_atom_id_1 
_pdbx_validate_close_contact.auth_asym_id_1 
_pdbx_validate_close_contact.auth_comp_id_1 
_pdbx_validate_close_contact.auth_seq_id_1 
_pdbx_validate_close_contact.PDB_ins_code_1 
_pdbx_validate_close_contact.label_alt_id_1 
_pdbx_validate_close_contact.auth_atom_id_2 
_pdbx_validate_close_contact.auth_asym_id_2 
_pdbx_validate_close_contact.auth_comp_id_2 
_pdbx_validate_close_contact.auth_seq_id_2 
_pdbx_validate_close_contact.PDB_ins_code_2 
_pdbx_validate_close_contact.label_alt_id_2 
_pdbx_validate_close_contact.dist 
1  1 O    A SER 104 ? ? H   A GLN 107 ? ? 1.17 
2  1 H    A GLY 3   ? ? O   A THR 18  ? ? 1.29 
3  1 O    A GLN 106 ? ? H   A LEU 110 ? ? 1.30 
4  1 O    A GLN 103 ? ? H   A GLU 105 ? ? 1.35 
5  1 O    A ASP 22  ? ? H   A ALA 26  ? ? 1.35 
6  1 O    A ARG 66  ? ? H   A ILE 70  ? ? 1.37 
7  1 HD11 A LEU 13  ? ? O   A HIS 44  ? ? 1.45 
8  1 O    A SER 11  ? ? H   A HIS 44  ? ? 1.49 
9  1 O    A GLY 61  ? ? H   A GLY 65  ? ? 1.50 
10 1 O    A ASN 7   ? ? HA  A LEU 13  ? ? 1.52 
11 1 O    A THR 111 ? ? HB3 A LEU 112 ? ? 1.53 
12 1 O    A LEU 95  ? ? H   A ILE 98  ? ? 1.55 
13 1 CD1  A LEU 13  ? ? O   A HIS 44  ? ? 1.81 
14 1 O    A GLN 103 ? ? N   A GLU 105 ? ? 2.03 
15 1 O    A SER 104 ? ? N   A GLN 107 ? ? 2.14 
16 1 N    A GLY 3   ? ? O   A THR 18  ? ? 2.18 
# 
loop_
_pdbx_validate_torsion.id 
_pdbx_validate_torsion.PDB_model_num 
_pdbx_validate_torsion.auth_comp_id 
_pdbx_validate_torsion.auth_asym_id 
_pdbx_validate_torsion.auth_seq_id 
_pdbx_validate_torsion.PDB_ins_code 
_pdbx_validate_torsion.label_alt_id 
_pdbx_validate_torsion.phi 
_pdbx_validate_torsion.psi 
1  1 ILE A 4   ? ? 179.76  135.08  
2  1 GLU A 10  ? ? 64.50   -27.83  
3  1 SER A 11  ? ? 162.48  -5.47   
4  1 GLU A 38  ? ? -161.63 74.58   
5  1 ASP A 40  ? ? 167.34  -91.02  
6  1 ASP A 41  ? ? -79.69  -124.33 
7  1 VAL A 46  ? ? -163.53 82.73   
8  1 ASN A 48  ? ? -176.61 103.73  
9  1 ASP A 51  ? ? -107.43 67.70   
10 1 SER A 53  ? ? -124.50 -90.21  
11 1 PHE A 54  ? ? -61.86  -70.81  
12 1 MET A 55  ? ? 41.59   90.54   
13 1 ASP A 56  ? ? -109.10 -156.95 
14 1 ALA A 81  ? ? 77.60   46.26   
15 1 VAL A 86  ? ? -139.26 -36.04  
16 1 ARG A 100 ? ? 30.16   88.58   
17 1 GLU A 102 ? ? -147.19 -145.55 
18 1 SER A 104 ? ? 47.63   -63.79  
19 1 GLU A 105 ? ? -33.85  -31.85  
20 1 GLN A 107 ? ? -34.84  -31.64  
21 1 THR A 111 ? ? -54.87  -1.38   
22 1 LEU A 112 ? ? 101.74  14.18   
23 1 VAL A 114 ? ? -157.45 82.45   
24 1 ALA A 115 ? ? 158.30  87.62   
# 
_pdbx_nmr_ensemble.entry_id                             1BUZ 
_pdbx_nmr_ensemble.conformers_calculated_total_number   100 
_pdbx_nmr_ensemble.conformers_submitted_total_number    1 
_pdbx_nmr_ensemble.conformer_selection_criteria         'TARGET FUNCTION AND LEAST RESTRAINT VIOLATIONS' 
# 
_pdbx_nmr_representative.conformer_id         1 
_pdbx_nmr_representative.entry_id             1BUZ 
_pdbx_nmr_representative.selection_criteria   'target function and least restraint violations' 
# 
loop_
_pdbx_nmr_sample_details.contents 
_pdbx_nmr_sample_details.details 
_pdbx_nmr_sample_details.label 
_pdbx_nmr_sample_details.solution_id 
_pdbx_nmr_sample_details.solvent_system 
_pdbx_nmr_sample_details.type 
'1.0 mM SpoIIAA protein, 25 mM NaCl/25 mM K2HPO4/1 mM DTT, pH 7.0, 95% H2O/5% D2O'                ? sample_1 1 '95% H2O/5% D2O' 
solution 
'0.7 mM [U-15N] SpoIIAA protein, 25 mM NaCl/25 mM K2HPO4/1 mM DTT, pH 7.0, 95% H2O/5% D2O'        ? sample_2 2 '95% H2O/5% D2O' 
solution 
'0.7 mM [U-13C; U-15N] SpoIIAA protein, 25 mM NaCl/25 mM K2HPO4/1 mM DTT, pH 7.0, 95% H2O/5% D2O' ? sample_3 3 '95% H2O/5% D2O' 
solution 
# 
loop_
_pdbx_nmr_exptl_sample.component 
_pdbx_nmr_exptl_sample.concentration 
_pdbx_nmr_exptl_sample.concentration_range 
_pdbx_nmr_exptl_sample.concentration_units 
_pdbx_nmr_exptl_sample.isotopic_labeling 
_pdbx_nmr_exptl_sample.solution_id 
'SpoIIAA protein' 1   ? mM 'natural abundance' 1 
'SpoIIAA protein' 0.7 ? mM '[U-15N]'           2 
'SpoIIAA protein' 0.7 ? mM '[U-13C; U-15N]'    3 
NaCl              25  ? mM 'natural abundance' 1 
NaCl              25  ? mM 'natural abundance' 2 
NaCl              25  ? mM 'natural abundance' 3 
K2HPO4            25  ? mM 'natural abundance' 1 
K2HPO4            25  ? mM 'natural abundance' 2 
K2HPO4            25  ? mM 'natural abundance' 3 
DTT               1   ? mM 'natural abundance' 1 
DTT               1   ? mM 'natural abundance' 2 
DTT               1   ? mM 'natural abundance' 3 
# 
_pdbx_nmr_exptl_sample_conditions.conditions_id          1 
_pdbx_nmr_exptl_sample_conditions.temperature            298 
_pdbx_nmr_exptl_sample_conditions.pressure               1 
_pdbx_nmr_exptl_sample_conditions.pH                     6.4 
_pdbx_nmr_exptl_sample_conditions.ionic_strength         ? 
_pdbx_nmr_exptl_sample_conditions.pressure_units         atm 
_pdbx_nmr_exptl_sample_conditions.temperature_units      K 
_pdbx_nmr_exptl_sample_conditions.label                  sample_conditions 
_pdbx_nmr_exptl_sample_conditions.pH_units               pH 
_pdbx_nmr_exptl_sample_conditions.ionic_strength_units   ? 
# 
loop_
_pdbx_nmr_exptl.experiment_id 
_pdbx_nmr_exptl.conditions_id 
_pdbx_nmr_exptl.type 
_pdbx_nmr_exptl.solution_id 
1 1 NOESY        1 
2 1 TOCSY        1 
3 1 HSQC         1 
4 1 HMQC-J       1 
5 1 HNCA         1 
6 1 'CBCA(CO)NH' 1 
7 1 'HBHA(CO)NH' 1 
# 
_pdbx_nmr_details.entry_id   1BUZ 
_pdbx_nmr_details.text       
;SEQUENTIAL ASSIGNMENT WAS OBTAINED BY ANALYSIS OF HNCA, CBCA(CO)NH, HAHB(CO)NH AND 15N- CORRELATED NOESY SPECTRA.  DISTANCE CONSTRAINTS WERE COLLECTED FROM NOESY SPECTRA IN H2O AND D2O AND A 15N- CORRELATED NOESY SPECTRA THE 3JHNA COUPLING CONSTANTS FOR DIHEDRAL ANGLE CONSTRAINTS WERE DETERMINED FROM A HMQC-J SPECTRUM OF THE 15N-LABELED SAMPLE.
;
# 
_pdbx_nmr_refine.entry_id           1BUZ 
_pdbx_nmr_refine.method             'simulated annealing' 
_pdbx_nmr_refine.details            
;REFINEMENT WITH TORSION ANGLE DYNAMICS. THE TOTAL NUMBER OF STEPS WAS 6000; HIGH TEMP. STAGE 1/5TH OF TOTAL. 1000 STEPS OF CONJUGANT GRADIENT MINIMIZATION.
;
_pdbx_nmr_refine.software_ordinal   1 
# 
loop_
_pdbx_nmr_software.classification 
_pdbx_nmr_software.name 
_pdbx_nmr_software.version 
_pdbx_nmr_software.authors 
_pdbx_nmr_software.ordinal 
refinement           DYANA 1.3 GUNTERT,WUTHRICH 1 
'structure solution' DYANA 1.3 GUNTERT,WUTHRICH 2 
# 
loop_
_chem_comp_atom.comp_id 
_chem_comp_atom.atom_id 
_chem_comp_atom.type_symbol 
_chem_comp_atom.pdbx_aromatic_flag 
_chem_comp_atom.pdbx_stereo_config 
_chem_comp_atom.pdbx_ordinal 
ALA N    N N N 1   
ALA CA   C N S 2   
ALA C    C N N 3   
ALA O    O N N 4   
ALA CB   C N N 5   
ALA OXT  O N N 6   
ALA H    H N N 7   
ALA H2   H N N 8   
ALA HA   H N N 9   
ALA HB1  H N N 10  
ALA HB2  H N N 11  
ALA HB3  H N N 12  
ALA HXT  H N N 13  
ARG N    N N N 14  
ARG CA   C N S 15  
ARG C    C N N 16  
ARG O    O N N 17  
ARG CB   C N N 18  
ARG CG   C N N 19  
ARG CD   C N N 20  
ARG NE   N N N 21  
ARG CZ   C N N 22  
ARG NH1  N N N 23  
ARG NH2  N N N 24  
ARG OXT  O N N 25  
ARG H    H N N 26  
ARG H2   H N N 27  
ARG HA   H N N 28  
ARG HB2  H N N 29  
ARG HB3  H N N 30  
ARG HG2  H N N 31  
ARG HG3  H N N 32  
ARG HD2  H N N 33  
ARG HD3  H N N 34  
ARG HE   H N N 35  
ARG HH11 H N N 36  
ARG HH12 H N N 37  
ARG HH21 H N N 38  
ARG HH22 H N N 39  
ARG HXT  H N N 40  
ASN N    N N N 41  
ASN CA   C N S 42  
ASN C    C N N 43  
ASN O    O N N 44  
ASN CB   C N N 45  
ASN CG   C N N 46  
ASN OD1  O N N 47  
ASN ND2  N N N 48  
ASN OXT  O N N 49  
ASN H    H N N 50  
ASN H2   H N N 51  
ASN HA   H N N 52  
ASN HB2  H N N 53  
ASN HB3  H N N 54  
ASN HD21 H N N 55  
ASN HD22 H N N 56  
ASN HXT  H N N 57  
ASP N    N N N 58  
ASP CA   C N S 59  
ASP C    C N N 60  
ASP O    O N N 61  
ASP CB   C N N 62  
ASP CG   C N N 63  
ASP OD1  O N N 64  
ASP OD2  O N N 65  
ASP OXT  O N N 66  
ASP H    H N N 67  
ASP H2   H N N 68  
ASP HA   H N N 69  
ASP HB2  H N N 70  
ASP HB3  H N N 71  
ASP HD2  H N N 72  
ASP HXT  H N N 73  
CYS N    N N N 74  
CYS CA   C N R 75  
CYS C    C N N 76  
CYS O    O N N 77  
CYS CB   C N N 78  
CYS SG   S N N 79  
CYS OXT  O N N 80  
CYS H    H N N 81  
CYS H2   H N N 82  
CYS HA   H N N 83  
CYS HB2  H N N 84  
CYS HB3  H N N 85  
CYS HG   H N N 86  
CYS HXT  H N N 87  
GLN N    N N N 88  
GLN CA   C N S 89  
GLN C    C N N 90  
GLN O    O N N 91  
GLN CB   C N N 92  
GLN CG   C N N 93  
GLN CD   C N N 94  
GLN OE1  O N N 95  
GLN NE2  N N N 96  
GLN OXT  O N N 97  
GLN H    H N N 98  
GLN H2   H N N 99  
GLN HA   H N N 100 
GLN HB2  H N N 101 
GLN HB3  H N N 102 
GLN HG2  H N N 103 
GLN HG3  H N N 104 
GLN HE21 H N N 105 
GLN HE22 H N N 106 
GLN HXT  H N N 107 
GLU N    N N N 108 
GLU CA   C N S 109 
GLU C    C N N 110 
GLU O    O N N 111 
GLU CB   C N N 112 
GLU CG   C N N 113 
GLU CD   C N N 114 
GLU OE1  O N N 115 
GLU OE2  O N N 116 
GLU OXT  O N N 117 
GLU H    H N N 118 
GLU H2   H N N 119 
GLU HA   H N N 120 
GLU HB2  H N N 121 
GLU HB3  H N N 122 
GLU HG2  H N N 123 
GLU HG3  H N N 124 
GLU HE2  H N N 125 
GLU HXT  H N N 126 
GLY N    N N N 127 
GLY CA   C N N 128 
GLY C    C N N 129 
GLY O    O N N 130 
GLY OXT  O N N 131 
GLY H    H N N 132 
GLY H2   H N N 133 
GLY HA2  H N N 134 
GLY HA3  H N N 135 
GLY HXT  H N N 136 
HIS N    N N N 137 
HIS CA   C N S 138 
HIS C    C N N 139 
HIS O    O N N 140 
HIS CB   C N N 141 
HIS CG   C Y N 142 
HIS ND1  N Y N 143 
HIS CD2  C Y N 144 
HIS CE1  C Y N 145 
HIS NE2  N Y N 146 
HIS OXT  O N N 147 
HIS H    H N N 148 
HIS H2   H N N 149 
HIS HA   H N N 150 
HIS HB2  H N N 151 
HIS HB3  H N N 152 
HIS HD1  H N N 153 
HIS HD2  H N N 154 
HIS HE1  H N N 155 
HIS HE2  H N N 156 
HIS HXT  H N N 157 
ILE N    N N N 158 
ILE CA   C N S 159 
ILE C    C N N 160 
ILE O    O N N 161 
ILE CB   C N S 162 
ILE CG1  C N N 163 
ILE CG2  C N N 164 
ILE CD1  C N N 165 
ILE OXT  O N N 166 
ILE H    H N N 167 
ILE H2   H N N 168 
ILE HA   H N N 169 
ILE HB   H N N 170 
ILE HG12 H N N 171 
ILE HG13 H N N 172 
ILE HG21 H N N 173 
ILE HG22 H N N 174 
ILE HG23 H N N 175 
ILE HD11 H N N 176 
ILE HD12 H N N 177 
ILE HD13 H N N 178 
ILE HXT  H N N 179 
LEU N    N N N 180 
LEU CA   C N S 181 
LEU C    C N N 182 
LEU O    O N N 183 
LEU CB   C N N 184 
LEU CG   C N N 185 
LEU CD1  C N N 186 
LEU CD2  C N N 187 
LEU OXT  O N N 188 
LEU H    H N N 189 
LEU H2   H N N 190 
LEU HA   H N N 191 
LEU HB2  H N N 192 
LEU HB3  H N N 193 
LEU HG   H N N 194 
LEU HD11 H N N 195 
LEU HD12 H N N 196 
LEU HD13 H N N 197 
LEU HD21 H N N 198 
LEU HD22 H N N 199 
LEU HD23 H N N 200 
LEU HXT  H N N 201 
LYS N    N N N 202 
LYS CA   C N S 203 
LYS C    C N N 204 
LYS O    O N N 205 
LYS CB   C N N 206 
LYS CG   C N N 207 
LYS CD   C N N 208 
LYS CE   C N N 209 
LYS NZ   N N N 210 
LYS OXT  O N N 211 
LYS H    H N N 212 
LYS H2   H N N 213 
LYS HA   H N N 214 
LYS HB2  H N N 215 
LYS HB3  H N N 216 
LYS HG2  H N N 217 
LYS HG3  H N N 218 
LYS HD2  H N N 219 
LYS HD3  H N N 220 
LYS HE2  H N N 221 
LYS HE3  H N N 222 
LYS HZ1  H N N 223 
LYS HZ2  H N N 224 
LYS HZ3  H N N 225 
LYS HXT  H N N 226 
MET N    N N N 227 
MET CA   C N S 228 
MET C    C N N 229 
MET O    O N N 230 
MET CB   C N N 231 
MET CG   C N N 232 
MET SD   S N N 233 
MET CE   C N N 234 
MET OXT  O N N 235 
MET H    H N N 236 
MET H2   H N N 237 
MET HA   H N N 238 
MET HB2  H N N 239 
MET HB3  H N N 240 
MET HG2  H N N 241 
MET HG3  H N N 242 
MET HE1  H N N 243 
MET HE2  H N N 244 
MET HE3  H N N 245 
MET HXT  H N N 246 
PHE N    N N N 247 
PHE CA   C N S 248 
PHE C    C N N 249 
PHE O    O N N 250 
PHE CB   C N N 251 
PHE CG   C Y N 252 
PHE CD1  C Y N 253 
PHE CD2  C Y N 254 
PHE CE1  C Y N 255 
PHE CE2  C Y N 256 
PHE CZ   C Y N 257 
PHE OXT  O N N 258 
PHE H    H N N 259 
PHE H2   H N N 260 
PHE HA   H N N 261 
PHE HB2  H N N 262 
PHE HB3  H N N 263 
PHE HD1  H N N 264 
PHE HD2  H N N 265 
PHE HE1  H N N 266 
PHE HE2  H N N 267 
PHE HZ   H N N 268 
PHE HXT  H N N 269 
PRO N    N N N 270 
PRO CA   C N S 271 
PRO C    C N N 272 
PRO O    O N N 273 
PRO CB   C N N 274 
PRO CG   C N N 275 
PRO CD   C N N 276 
PRO OXT  O N N 277 
PRO H    H N N 278 
PRO HA   H N N 279 
PRO HB2  H N N 280 
PRO HB3  H N N 281 
PRO HG2  H N N 282 
PRO HG3  H N N 283 
PRO HD2  H N N 284 
PRO HD3  H N N 285 
PRO HXT  H N N 286 
SER N    N N N 287 
SER CA   C N S 288 
SER C    C N N 289 
SER O    O N N 290 
SER CB   C N N 291 
SER OG   O N N 292 
SER OXT  O N N 293 
SER H    H N N 294 
SER H2   H N N 295 
SER HA   H N N 296 
SER HB2  H N N 297 
SER HB3  H N N 298 
SER HG   H N N 299 
SER HXT  H N N 300 
THR N    N N N 301 
THR CA   C N S 302 
THR C    C N N 303 
THR O    O N N 304 
THR CB   C N R 305 
THR OG1  O N N 306 
THR CG2  C N N 307 
THR OXT  O N N 308 
THR H    H N N 309 
THR H2   H N N 310 
THR HA   H N N 311 
THR HB   H N N 312 
THR HG1  H N N 313 
THR HG21 H N N 314 
THR HG22 H N N 315 
THR HG23 H N N 316 
THR HXT  H N N 317 
TYR N    N N N 318 
TYR CA   C N S 319 
TYR C    C N N 320 
TYR O    O N N 321 
TYR CB   C N N 322 
TYR CG   C Y N 323 
TYR CD1  C Y N 324 
TYR CD2  C Y N 325 
TYR CE1  C Y N 326 
TYR CE2  C Y N 327 
TYR CZ   C Y N 328 
TYR OH   O N N 329 
TYR OXT  O N N 330 
TYR H    H N N 331 
TYR H2   H N N 332 
TYR HA   H N N 333 
TYR HB2  H N N 334 
TYR HB3  H N N 335 
TYR HD1  H N N 336 
TYR HD2  H N N 337 
TYR HE1  H N N 338 
TYR HE2  H N N 339 
TYR HH   H N N 340 
TYR HXT  H N N 341 
VAL N    N N N 342 
VAL CA   C N S 343 
VAL C    C N N 344 
VAL O    O N N 345 
VAL CB   C N N 346 
VAL CG1  C N N 347 
VAL CG2  C N N 348 
VAL OXT  O N N 349 
VAL H    H N N 350 
VAL H2   H N N 351 
VAL HA   H N N 352 
VAL HB   H N N 353 
VAL HG11 H N N 354 
VAL HG12 H N N 355 
VAL HG13 H N N 356 
VAL HG21 H N N 357 
VAL HG22 H N N 358 
VAL HG23 H N N 359 
VAL HXT  H N N 360 
# 
loop_
_chem_comp_bond.comp_id 
_chem_comp_bond.atom_id_1 
_chem_comp_bond.atom_id_2 
_chem_comp_bond.value_order 
_chem_comp_bond.pdbx_aromatic_flag 
_chem_comp_bond.pdbx_stereo_config 
_chem_comp_bond.pdbx_ordinal 
ALA N   CA   sing N N 1   
ALA N   H    sing N N 2   
ALA N   H2   sing N N 3   
ALA CA  C    sing N N 4   
ALA CA  CB   sing N N 5   
ALA CA  HA   sing N N 6   
ALA C   O    doub N N 7   
ALA C   OXT  sing N N 8   
ALA CB  HB1  sing N N 9   
ALA CB  HB2  sing N N 10  
ALA CB  HB3  sing N N 11  
ALA OXT HXT  sing N N 12  
ARG N   CA   sing N N 13  
ARG N   H    sing N N 14  
ARG N   H2   sing N N 15  
ARG CA  C    sing N N 16  
ARG CA  CB   sing N N 17  
ARG CA  HA   sing N N 18  
ARG C   O    doub N N 19  
ARG C   OXT  sing N N 20  
ARG CB  CG   sing N N 21  
ARG CB  HB2  sing N N 22  
ARG CB  HB3  sing N N 23  
ARG CG  CD   sing N N 24  
ARG CG  HG2  sing N N 25  
ARG CG  HG3  sing N N 26  
ARG CD  NE   sing N N 27  
ARG CD  HD2  sing N N 28  
ARG CD  HD3  sing N N 29  
ARG NE  CZ   sing N N 30  
ARG NE  HE   sing N N 31  
ARG CZ  NH1  sing N N 32  
ARG CZ  NH2  doub N N 33  
ARG NH1 HH11 sing N N 34  
ARG NH1 HH12 sing N N 35  
ARG NH2 HH21 sing N N 36  
ARG NH2 HH22 sing N N 37  
ARG OXT HXT  sing N N 38  
ASN N   CA   sing N N 39  
ASN N   H    sing N N 40  
ASN N   H2   sing N N 41  
ASN CA  C    sing N N 42  
ASN CA  CB   sing N N 43  
ASN CA  HA   sing N N 44  
ASN C   O    doub N N 45  
ASN C   OXT  sing N N 46  
ASN CB  CG   sing N N 47  
ASN CB  HB2  sing N N 48  
ASN CB  HB3  sing N N 49  
ASN CG  OD1  doub N N 50  
ASN CG  ND2  sing N N 51  
ASN ND2 HD21 sing N N 52  
ASN ND2 HD22 sing N N 53  
ASN OXT HXT  sing N N 54  
ASP N   CA   sing N N 55  
ASP N   H    sing N N 56  
ASP N   H2   sing N N 57  
ASP CA  C    sing N N 58  
ASP CA  CB   sing N N 59  
ASP CA  HA   sing N N 60  
ASP C   O    doub N N 61  
ASP C   OXT  sing N N 62  
ASP CB  CG   sing N N 63  
ASP CB  HB2  sing N N 64  
ASP CB  HB3  sing N N 65  
ASP CG  OD1  doub N N 66  
ASP CG  OD2  sing N N 67  
ASP OD2 HD2  sing N N 68  
ASP OXT HXT  sing N N 69  
CYS N   CA   sing N N 70  
CYS N   H    sing N N 71  
CYS N   H2   sing N N 72  
CYS CA  C    sing N N 73  
CYS CA  CB   sing N N 74  
CYS CA  HA   sing N N 75  
CYS C   O    doub N N 76  
CYS C   OXT  sing N N 77  
CYS CB  SG   sing N N 78  
CYS CB  HB2  sing N N 79  
CYS CB  HB3  sing N N 80  
CYS SG  HG   sing N N 81  
CYS OXT HXT  sing N N 82  
GLN N   CA   sing N N 83  
GLN N   H    sing N N 84  
GLN N   H2   sing N N 85  
GLN CA  C    sing N N 86  
GLN CA  CB   sing N N 87  
GLN CA  HA   sing N N 88  
GLN C   O    doub N N 89  
GLN C   OXT  sing N N 90  
GLN CB  CG   sing N N 91  
GLN CB  HB2  sing N N 92  
GLN CB  HB3  sing N N 93  
GLN CG  CD   sing N N 94  
GLN CG  HG2  sing N N 95  
GLN CG  HG3  sing N N 96  
GLN CD  OE1  doub N N 97  
GLN CD  NE2  sing N N 98  
GLN NE2 HE21 sing N N 99  
GLN NE2 HE22 sing N N 100 
GLN OXT HXT  sing N N 101 
GLU N   CA   sing N N 102 
GLU N   H    sing N N 103 
GLU N   H2   sing N N 104 
GLU CA  C    sing N N 105 
GLU CA  CB   sing N N 106 
GLU CA  HA   sing N N 107 
GLU C   O    doub N N 108 
GLU C   OXT  sing N N 109 
GLU CB  CG   sing N N 110 
GLU CB  HB2  sing N N 111 
GLU CB  HB3  sing N N 112 
GLU CG  CD   sing N N 113 
GLU CG  HG2  sing N N 114 
GLU CG  HG3  sing N N 115 
GLU CD  OE1  doub N N 116 
GLU CD  OE2  sing N N 117 
GLU OE2 HE2  sing N N 118 
GLU OXT HXT  sing N N 119 
GLY N   CA   sing N N 120 
GLY N   H    sing N N 121 
GLY N   H2   sing N N 122 
GLY CA  C    sing N N 123 
GLY CA  HA2  sing N N 124 
GLY CA  HA3  sing N N 125 
GLY C   O    doub N N 126 
GLY C   OXT  sing N N 127 
GLY OXT HXT  sing N N 128 
HIS N   CA   sing N N 129 
HIS N   H    sing N N 130 
HIS N   H2   sing N N 131 
HIS CA  C    sing N N 132 
HIS CA  CB   sing N N 133 
HIS CA  HA   sing N N 134 
HIS C   O    doub N N 135 
HIS C   OXT  sing N N 136 
HIS CB  CG   sing N N 137 
HIS CB  HB2  sing N N 138 
HIS CB  HB3  sing N N 139 
HIS CG  ND1  sing Y N 140 
HIS CG  CD2  doub Y N 141 
HIS ND1 CE1  doub Y N 142 
HIS ND1 HD1  sing N N 143 
HIS CD2 NE2  sing Y N 144 
HIS CD2 HD2  sing N N 145 
HIS CE1 NE2  sing Y N 146 
HIS CE1 HE1  sing N N 147 
HIS NE2 HE2  sing N N 148 
HIS OXT HXT  sing N N 149 
ILE N   CA   sing N N 150 
ILE N   H    sing N N 151 
ILE N   H2   sing N N 152 
ILE CA  C    sing N N 153 
ILE CA  CB   sing N N 154 
ILE CA  HA   sing N N 155 
ILE C   O    doub N N 156 
ILE C   OXT  sing N N 157 
ILE CB  CG1  sing N N 158 
ILE CB  CG2  sing N N 159 
ILE CB  HB   sing N N 160 
ILE CG1 CD1  sing N N 161 
ILE CG1 HG12 sing N N 162 
ILE CG1 HG13 sing N N 163 
ILE CG2 HG21 sing N N 164 
ILE CG2 HG22 sing N N 165 
ILE CG2 HG23 sing N N 166 
ILE CD1 HD11 sing N N 167 
ILE CD1 HD12 sing N N 168 
ILE CD1 HD13 sing N N 169 
ILE OXT HXT  sing N N 170 
LEU N   CA   sing N N 171 
LEU N   H    sing N N 172 
LEU N   H2   sing N N 173 
LEU CA  C    sing N N 174 
LEU CA  CB   sing N N 175 
LEU CA  HA   sing N N 176 
LEU C   O    doub N N 177 
LEU C   OXT  sing N N 178 
LEU CB  CG   sing N N 179 
LEU CB  HB2  sing N N 180 
LEU CB  HB3  sing N N 181 
LEU CG  CD1  sing N N 182 
LEU CG  CD2  sing N N 183 
LEU CG  HG   sing N N 184 
LEU CD1 HD11 sing N N 185 
LEU CD1 HD12 sing N N 186 
LEU CD1 HD13 sing N N 187 
LEU CD2 HD21 sing N N 188 
LEU CD2 HD22 sing N N 189 
LEU CD2 HD23 sing N N 190 
LEU OXT HXT  sing N N 191 
LYS N   CA   sing N N 192 
LYS N   H    sing N N 193 
LYS N   H2   sing N N 194 
LYS CA  C    sing N N 195 
LYS CA  CB   sing N N 196 
LYS CA  HA   sing N N 197 
LYS C   O    doub N N 198 
LYS C   OXT  sing N N 199 
LYS CB  CG   sing N N 200 
LYS CB  HB2  sing N N 201 
LYS CB  HB3  sing N N 202 
LYS CG  CD   sing N N 203 
LYS CG  HG2  sing N N 204 
LYS CG  HG3  sing N N 205 
LYS CD  CE   sing N N 206 
LYS CD  HD2  sing N N 207 
LYS CD  HD3  sing N N 208 
LYS CE  NZ   sing N N 209 
LYS CE  HE2  sing N N 210 
LYS CE  HE3  sing N N 211 
LYS NZ  HZ1  sing N N 212 
LYS NZ  HZ2  sing N N 213 
LYS NZ  HZ3  sing N N 214 
LYS OXT HXT  sing N N 215 
MET N   CA   sing N N 216 
MET N   H    sing N N 217 
MET N   H2   sing N N 218 
MET CA  C    sing N N 219 
MET CA  CB   sing N N 220 
MET CA  HA   sing N N 221 
MET C   O    doub N N 222 
MET C   OXT  sing N N 223 
MET CB  CG   sing N N 224 
MET CB  HB2  sing N N 225 
MET CB  HB3  sing N N 226 
MET CG  SD   sing N N 227 
MET CG  HG2  sing N N 228 
MET CG  HG3  sing N N 229 
MET SD  CE   sing N N 230 
MET CE  HE1  sing N N 231 
MET CE  HE2  sing N N 232 
MET CE  HE3  sing N N 233 
MET OXT HXT  sing N N 234 
PHE N   CA   sing N N 235 
PHE N   H    sing N N 236 
PHE N   H2   sing N N 237 
PHE CA  C    sing N N 238 
PHE CA  CB   sing N N 239 
PHE CA  HA   sing N N 240 
PHE C   O    doub N N 241 
PHE C   OXT  sing N N 242 
PHE CB  CG   sing N N 243 
PHE CB  HB2  sing N N 244 
PHE CB  HB3  sing N N 245 
PHE CG  CD1  doub Y N 246 
PHE CG  CD2  sing Y N 247 
PHE CD1 CE1  sing Y N 248 
PHE CD1 HD1  sing N N 249 
PHE CD2 CE2  doub Y N 250 
PHE CD2 HD2  sing N N 251 
PHE CE1 CZ   doub Y N 252 
PHE CE1 HE1  sing N N 253 
PHE CE2 CZ   sing Y N 254 
PHE CE2 HE2  sing N N 255 
PHE CZ  HZ   sing N N 256 
PHE OXT HXT  sing N N 257 
PRO N   CA   sing N N 258 
PRO N   CD   sing N N 259 
PRO N   H    sing N N 260 
PRO CA  C    sing N N 261 
PRO CA  CB   sing N N 262 
PRO CA  HA   sing N N 263 
PRO C   O    doub N N 264 
PRO C   OXT  sing N N 265 
PRO CB  CG   sing N N 266 
PRO CB  HB2  sing N N 267 
PRO CB  HB3  sing N N 268 
PRO CG  CD   sing N N 269 
PRO CG  HG2  sing N N 270 
PRO CG  HG3  sing N N 271 
PRO CD  HD2  sing N N 272 
PRO CD  HD3  sing N N 273 
PRO OXT HXT  sing N N 274 
SER N   CA   sing N N 275 
SER N   H    sing N N 276 
SER N   H2   sing N N 277 
SER CA  C    sing N N 278 
SER CA  CB   sing N N 279 
SER CA  HA   sing N N 280 
SER C   O    doub N N 281 
SER C   OXT  sing N N 282 
SER CB  OG   sing N N 283 
SER CB  HB2  sing N N 284 
SER CB  HB3  sing N N 285 
SER OG  HG   sing N N 286 
SER OXT HXT  sing N N 287 
THR N   CA   sing N N 288 
THR N   H    sing N N 289 
THR N   H2   sing N N 290 
THR CA  C    sing N N 291 
THR CA  CB   sing N N 292 
THR CA  HA   sing N N 293 
THR C   O    doub N N 294 
THR C   OXT  sing N N 295 
THR CB  OG1  sing N N 296 
THR CB  CG2  sing N N 297 
THR CB  HB   sing N N 298 
THR OG1 HG1  sing N N 299 
THR CG2 HG21 sing N N 300 
THR CG2 HG22 sing N N 301 
THR CG2 HG23 sing N N 302 
THR OXT HXT  sing N N 303 
TYR N   CA   sing N N 304 
TYR N   H    sing N N 305 
TYR N   H2   sing N N 306 
TYR CA  C    sing N N 307 
TYR CA  CB   sing N N 308 
TYR CA  HA   sing N N 309 
TYR C   O    doub N N 310 
TYR C   OXT  sing N N 311 
TYR CB  CG   sing N N 312 
TYR CB  HB2  sing N N 313 
TYR CB  HB3  sing N N 314 
TYR CG  CD1  doub Y N 315 
TYR CG  CD2  sing Y N 316 
TYR CD1 CE1  sing Y N 317 
TYR CD1 HD1  sing N N 318 
TYR CD2 CE2  doub Y N 319 
TYR CD2 HD2  sing N N 320 
TYR CE1 CZ   doub Y N 321 
TYR CE1 HE1  sing N N 322 
TYR CE2 CZ   sing Y N 323 
TYR CE2 HE2  sing N N 324 
TYR CZ  OH   sing N N 325 
TYR OH  HH   sing N N 326 
TYR OXT HXT  sing N N 327 
VAL N   CA   sing N N 328 
VAL N   H    sing N N 329 
VAL N   H2   sing N N 330 
VAL CA  C    sing N N 331 
VAL CA  CB   sing N N 332 
VAL CA  HA   sing N N 333 
VAL C   O    doub N N 334 
VAL C   OXT  sing N N 335 
VAL CB  CG1  sing N N 336 
VAL CB  CG2  sing N N 337 
VAL CB  HB   sing N N 338 
VAL CG1 HG11 sing N N 339 
VAL CG1 HG12 sing N N 340 
VAL CG1 HG13 sing N N 341 
VAL CG2 HG21 sing N N 342 
VAL CG2 HG22 sing N N 343 
VAL CG2 HG23 sing N N 344 
VAL OXT HXT  sing N N 345 
# 
loop_
_pdbx_nmr_spectrometer.spectrometer_id 
_pdbx_nmr_spectrometer.model 
_pdbx_nmr_spectrometer.manufacturer 
_pdbx_nmr_spectrometer.field_strength 
_pdbx_nmr_spectrometer.type 
1 HOMEBUILT Home-built 500 ? 
2 HOMEBUILT Home-built 750 ? 
# 
_atom_sites.entry_id                    1BUZ 
_atom_sites.fract_transf_matrix[1][1]   1.000000 
_atom_sites.fract_transf_matrix[1][2]   0.000000 
_atom_sites.fract_transf_matrix[1][3]   0.000000 
_atom_sites.fract_transf_matrix[2][1]   0.000000 
_atom_sites.fract_transf_matrix[2][2]   1.000000 
_atom_sites.fract_transf_matrix[2][3]   0.000000 
_atom_sites.fract_transf_matrix[3][1]   0.000000 
_atom_sites.fract_transf_matrix[3][2]   0.000000 
_atom_sites.fract_transf_matrix[3][3]   1.000000 
_atom_sites.fract_transf_vector[1]      0.00000 
_atom_sites.fract_transf_vector[2]      0.00000 
_atom_sites.fract_transf_vector[3]      0.00000 
# 
loop_
_atom_type.symbol 
C 
H 
N 
O 
S 
# 
loop_
_atom_site.group_PDB 
_atom_site.id 
_atom_site.type_symbol 
_atom_site.label_atom_id 
_atom_site.label_alt_id 
_atom_site.label_comp_id 
_atom_site.label_asym_id 
_atom_site.label_entity_id 
_atom_site.label_seq_id 
_atom_site.pdbx_PDB_ins_code 
_atom_site.Cartn_x 
_atom_site.Cartn_y 
_atom_site.Cartn_z 
_atom_site.occupancy 
_atom_site.B_iso_or_equiv 
_atom_site.pdbx_formal_charge 
_atom_site.auth_seq_id 
_atom_site.auth_comp_id 
_atom_site.auth_asym_id 
_atom_site.auth_atom_id 
_atom_site.pdbx_PDB_model_num 
ATOM 1    N N    . SER A 1 1   ? -1.757  13.080  13.902  1.00 0.00 ? 1   SER A N    1 
ATOM 2    C CA   . SER A 1 1   ? -1.673  13.606  12.551  1.00 0.00 ? 1   SER A CA   1 
ATOM 3    C C    . SER A 1 1   ? -1.208  12.510  11.590  1.00 0.00 ? 1   SER A C    1 
ATOM 4    O O    . SER A 1 1   ? -0.836  11.418  12.021  1.00 0.00 ? 1   SER A O    1 
ATOM 5    C CB   . SER A 1 1   ? -0.727  14.806  12.484  1.00 0.00 ? 1   SER A CB   1 
ATOM 6    O OG   . SER A 1 1   ? -0.722  15.550  13.699  1.00 0.00 ? 1   SER A OG   1 
ATOM 7    H H    . SER A 1 1   ? -2.648  13.187  14.343  1.00 0.00 ? 1   SER A H    1 
ATOM 8    H HA   . SER A 1 1   ? -2.685  13.927  12.302  1.00 0.00 ? 1   SER A HA   1 
ATOM 9    H HB2  . SER A 1 1   ? 0.283   14.460  12.267  1.00 0.00 ? 1   SER A HB2  1 
ATOM 10   H HB3  . SER A 1 1   ? -1.023  15.457  11.661  1.00 0.00 ? 1   SER A HB3  1 
ATOM 11   H HG   . SER A 1 1   ? -0.483  14.953  14.465  1.00 0.00 ? 1   SER A HG   1 
ATOM 12   N N    . LEU A 1 2   ? -1.244  12.837  10.306  1.00 0.00 ? 2   LEU A N    1 
ATOM 13   C CA   . LEU A 1 2   ? -0.831  11.893  9.282   1.00 0.00 ? 2   LEU A CA   1 
ATOM 14   C C    . LEU A 1 2   ? -0.254  12.661  8.090   1.00 0.00 ? 2   LEU A C    1 
ATOM 15   O O    . LEU A 1 2   ? -0.736  13.740  7.751   1.00 0.00 ? 2   LEU A O    1 
ATOM 16   C CB   . LEU A 1 2   ? -1.988  10.963  8.913   1.00 0.00 ? 2   LEU A CB   1 
ATOM 17   C CG   . LEU A 1 2   ? -1.820  10.164  7.618   1.00 0.00 ? 2   LEU A CG   1 
ATOM 18   C CD1  . LEU A 1 2   ? -1.565  8.685   7.917   1.00 0.00 ? 2   LEU A CD1  1 
ATOM 19   C CD2  . LEU A 1 2   ? -3.020  10.364  6.691   1.00 0.00 ? 2   LEU A CD2  1 
ATOM 20   H H    . LEU A 1 2   ? -1.547  13.726  9.964   1.00 0.00 ? 2   LEU A H    1 
ATOM 21   H HA   . LEU A 1 2   ? -0.043  11.273  9.707   1.00 0.00 ? 2   LEU A HA   1 
ATOM 22   H HB2  . LEU A 1 2   ? -2.141  10.261  9.732   1.00 0.00 ? 2   LEU A HB2  1 
ATOM 23   H HB3  . LEU A 1 2   ? -2.897  11.561  8.831   1.00 0.00 ? 2   LEU A HB3  1 
ATOM 24   H HG   . LEU A 1 2   ? -0.942  10.542  7.095   1.00 0.00 ? 2   LEU A HG   1 
ATOM 25   H HD11 . LEU A 1 2   ? -1.620  8.517   8.992   1.00 0.00 ? 2   LEU A HD11 1 
ATOM 26   H HD12 . LEU A 1 2   ? -2.320  8.078   7.416   1.00 0.00 ? 2   LEU A HD12 1 
ATOM 27   H HD13 . LEU A 1 2   ? -0.576  8.407   7.554   1.00 0.00 ? 2   LEU A HD13 1 
ATOM 28   H HD21 . LEU A 1 2   ? -3.850  10.788  7.256   1.00 0.00 ? 2   LEU A HD21 1 
ATOM 29   H HD22 . LEU A 1 2   ? -2.746  11.043  5.883   1.00 0.00 ? 2   LEU A HD22 1 
ATOM 30   H HD23 . LEU A 1 2   ? -3.319  9.403   6.272   1.00 0.00 ? 2   LEU A HD23 1 
ATOM 31   N N    . GLY A 1 3   ? 0.770   12.073  7.488   1.00 0.00 ? 3   GLY A N    1 
ATOM 32   C CA   . GLY A 1 3   ? 1.417   12.689  6.343   1.00 0.00 ? 3   GLY A CA   1 
ATOM 33   C C    . GLY A 1 3   ? 0.944   12.049  5.036   1.00 0.00 ? 3   GLY A C    1 
ATOM 34   O O    . GLY A 1 3   ? -0.102  11.403  5.001   1.00 0.00 ? 3   GLY A O    1 
ATOM 35   H H    . GLY A 1 3   ? 1.155   11.195  7.771   1.00 0.00 ? 3   GLY A H    1 
ATOM 36   H HA2  . GLY A 1 3   ? 1.201   13.757  6.329   1.00 0.00 ? 3   GLY A HA2  1 
ATOM 37   H HA3  . GLY A 1 3   ? 2.499   12.584  6.432   1.00 0.00 ? 3   GLY A HA3  1 
ATOM 38   N N    . ILE A 1 4   ? 1.736   12.252  3.994   1.00 0.00 ? 4   ILE A N    1 
ATOM 39   C CA   . ILE A 1 4   ? 1.411   11.703  2.688   1.00 0.00 ? 4   ILE A CA   1 
ATOM 40   C C    . ILE A 1 4   ? 2.496   12.104  1.687   1.00 0.00 ? 4   ILE A C    1 
ATOM 41   O O    . ILE A 1 4   ? 2.920   13.258  1.654   1.00 0.00 ? 4   ILE A O    1 
ATOM 42   C CB   . ILE A 1 4   ? 0.001   12.121  2.267   1.00 0.00 ? 4   ILE A CB   1 
ATOM 43   C CG1  . ILE A 1 4   ? -0.737  10.963  1.593   1.00 0.00 ? 4   ILE A CG1  1 
ATOM 44   C CG2  . ILE A 1 4   ? 0.041   13.368  1.381   1.00 0.00 ? 4   ILE A CG2  1 
ATOM 45   C CD1  . ILE A 1 4   ? 0.243   10.031  0.877   1.00 0.00 ? 4   ILE A CD1  1 
ATOM 46   H H    . ILE A 1 4   ? 2.584   12.780  4.031   1.00 0.00 ? 4   ILE A H    1 
ATOM 47   H HA   . ILE A 1 4   ? 1.410   10.617  2.782   1.00 0.00 ? 4   ILE A HA   1 
ATOM 48   H HB   . ILE A 1 4   ? -0.560  12.382  3.164   1.00 0.00 ? 4   ILE A HB   1 
ATOM 49   H HG12 . ILE A 1 4   ? -1.298  10.401  2.340   1.00 0.00 ? 4   ILE A HG12 1 
ATOM 50   H HG13 . ILE A 1 4   ? -1.460  11.354  0.879   1.00 0.00 ? 4   ILE A HG13 1 
ATOM 51   H HG21 . ILE A 1 4   ? 1.026   13.830  1.448   1.00 0.00 ? 4   ILE A HG21 1 
ATOM 52   H HG22 . ILE A 1 4   ? -0.158  13.086  0.347   1.00 0.00 ? 4   ILE A HG22 1 
ATOM 53   H HG23 . ILE A 1 4   ? -0.717  14.077  1.717   1.00 0.00 ? 4   ILE A HG23 1 
ATOM 54   H HD11 . ILE A 1 4   ? 1.195   10.027  1.409   1.00 0.00 ? 4   ILE A HD11 1 
ATOM 55   H HD12 . ILE A 1 4   ? -0.165  9.021   0.856   1.00 0.00 ? 4   ILE A HD12 1 
ATOM 56   H HD13 . ILE A 1 4   ? 0.399   10.382  -0.143  1.00 0.00 ? 4   ILE A HD13 1 
ATOM 57   N N    . ASP A 1 5   ? 2.914   11.128  0.895   1.00 0.00 ? 5   ASP A N    1 
ATOM 58   C CA   . ASP A 1 5   ? 3.943   11.364  -0.104  1.00 0.00 ? 5   ASP A CA   1 
ATOM 59   C C    . ASP A 1 5   ? 3.643   10.524  -1.347  1.00 0.00 ? 5   ASP A C    1 
ATOM 60   O O    . ASP A 1 5   ? 3.044   9.453   -1.248  1.00 0.00 ? 5   ASP A O    1 
ATOM 61   C CB   . ASP A 1 5   ? 5.322   10.958  0.419   1.00 0.00 ? 5   ASP A CB   1 
ATOM 62   C CG   . ASP A 1 5   ? 6.421   12.004  0.224   1.00 0.00 ? 5   ASP A CG   1 
ATOM 63   O OD1  . ASP A 1 5   ? 6.166   13.115  -0.264  1.00 0.00 ? 5   ASP A OD1  1 
ATOM 64   O OD2  . ASP A 1 5   ? 7.599   11.634  0.600   1.00 0.00 ? 5   ASP A OD2  1 
ATOM 65   H H    . ASP A 1 5   ? 2.564   10.192  0.928   1.00 0.00 ? 5   ASP A H    1 
ATOM 66   H HA   . ASP A 1 5   ? 3.906   12.434  -0.306  1.00 0.00 ? 5   ASP A HA   1 
ATOM 67   H HB2  . ASP A 1 5   ? 5.240   10.733  1.482   1.00 0.00 ? 5   ASP A HB2  1 
ATOM 68   H HB3  . ASP A 1 5   ? 5.626   10.036  -0.079  1.00 0.00 ? 5   ASP A HB3  1 
ATOM 69   H HD2  . ASP A 1 5   ? 7.927   10.893  0.016   1.00 0.00 ? 5   ASP A HD2  1 
ATOM 70   N N    . MET A 1 6   ? 4.072   11.039  -2.490  1.00 0.00 ? 6   MET A N    1 
ATOM 71   C CA   . MET A 1 6   ? 3.857   10.350  -3.750  1.00 0.00 ? 6   MET A CA   1 
ATOM 72   C C    . MET A 1 6   ? 5.085   10.468  -4.655  1.00 0.00 ? 6   MET A C    1 
ATOM 73   O O    . MET A 1 6   ? 5.672   11.542  -4.775  1.00 0.00 ? 6   MET A O    1 
ATOM 74   C CB   . MET A 1 6   ? 2.640   10.950  -4.458  1.00 0.00 ? 6   MET A CB   1 
ATOM 75   C CG   . MET A 1 6   ? 1.339   10.475  -3.810  1.00 0.00 ? 6   MET A CG   1 
ATOM 76   S SD   . MET A 1 6   ? -0.045  11.381  -4.482  1.00 0.00 ? 6   MET A SD   1 
ATOM 77   C CE   . MET A 1 6   ? -0.615  12.213  -3.008  1.00 0.00 ? 6   MET A CE   1 
ATOM 78   H H    . MET A 1 6   ? 4.559   11.911  -2.561  1.00 0.00 ? 6   MET A H    1 
ATOM 79   H HA   . MET A 1 6   ? 3.689   9.306   -3.488  1.00 0.00 ? 6   MET A HA   1 
ATOM 80   H HB2  . MET A 1 6   ? 2.693   12.039  -4.422  1.00 0.00 ? 6   MET A HB2  1 
ATOM 81   H HB3  . MET A 1 6   ? 2.651   10.667  -5.511  1.00 0.00 ? 6   MET A HB3  1 
ATOM 82   H HG2  . MET A 1 6   ? 1.205   9.408   -3.984  1.00 0.00 ? 6   MET A HG2  1 
ATOM 83   H HG3  . MET A 1 6   ? 1.388   10.617  -2.730  1.00 0.00 ? 6   MET A HG3  1 
ATOM 84   H HE1  . MET A 1 6   ? 0.222   12.726  -2.534  1.00 0.00 ? 6   MET A HE1  1 
ATOM 85   H HE2  . MET A 1 6   ? -1.383  12.938  -3.276  1.00 0.00 ? 6   MET A HE2  1 
ATOM 86   H HE3  . MET A 1 6   ? -1.031  11.481  -2.316  1.00 0.00 ? 6   MET A HE3  1 
ATOM 87   N N    . ASN A 1 7   ? 5.435   9.349   -5.272  1.00 0.00 ? 7   ASN A N    1 
ATOM 88   C CA   . ASN A 1 7   ? 6.581   9.313   -6.164  1.00 0.00 ? 7   ASN A CA   1 
ATOM 89   C C    . ASN A 1 7   ? 6.261   8.418   -7.363  1.00 0.00 ? 7   ASN A C    1 
ATOM 90   O O    . ASN A 1 7   ? 5.359   7.586   -7.297  1.00 0.00 ? 7   ASN A O    1 
ATOM 91   C CB   . ASN A 1 7   ? 7.811   8.737   -5.459  1.00 0.00 ? 7   ASN A CB   1 
ATOM 92   C CG   . ASN A 1 7   ? 8.947   9.761   -5.413  1.00 0.00 ? 7   ASN A CG   1 
ATOM 93   O OD1  . ASN A 1 7   ? 9.111   10.502  -4.459  1.00 0.00 ? 7   ASN A OD1  1 
ATOM 94   N ND2  . ASN A 1 7   ? 9.719   9.761   -6.496  1.00 0.00 ? 7   ASN A ND2  1 
ATOM 95   H H    . ASN A 1 7   ? 4.952   8.480   -5.169  1.00 0.00 ? 7   ASN A H    1 
ATOM 96   H HA   . ASN A 1 7   ? 6.752   10.350  -6.452  1.00 0.00 ? 7   ASN A HA   1 
ATOM 97   H HB2  . ASN A 1 7   ? 7.545   8.438   -4.444  1.00 0.00 ? 7   ASN A HB2  1 
ATOM 98   H HB3  . ASN A 1 7   ? 8.146   7.840   -5.979  1.00 0.00 ? 7   ASN A HB3  1 
ATOM 99   H HD21 . ASN A 1 7   ? 9.528   9.126   -7.245  1.00 0.00 ? 7   ASN A HD21 1 
ATOM 100  H HD22 . ASN A 1 7   ? 10.490  10.395  -6.562  1.00 0.00 ? 7   ASN A HD22 1 
ATOM 101  N N    . VAL A 1 8   ? 7.020   8.619   -8.431  1.00 0.00 ? 8   VAL A N    1 
ATOM 102  C CA   . VAL A 1 8   ? 6.828   7.840   -9.642  1.00 0.00 ? 8   VAL A CA   1 
ATOM 103  C C    . VAL A 1 8   ? 8.167   7.239   -10.073 1.00 0.00 ? 8   VAL A C    1 
ATOM 104  O O    . VAL A 1 8   ? 9.206   7.890   -9.972  1.00 0.00 ? 8   VAL A O    1 
ATOM 105  C CB   . VAL A 1 8   ? 6.185   8.708   -10.726 1.00 0.00 ? 8   VAL A CB   1 
ATOM 106  C CG1  . VAL A 1 8   ? 7.132   8.889   -11.916 1.00 0.00 ? 8   VAL A CG1  1 
ATOM 107  C CG2  . VAL A 1 8   ? 4.846   8.121   -11.176 1.00 0.00 ? 8   VAL A CG2  1 
ATOM 108  H H    . VAL A 1 8   ? 7.751   9.299   -8.476  1.00 0.00 ? 8   VAL A H    1 
ATOM 109  H HA   . VAL A 1 8   ? 6.139   7.029   -9.406  1.00 0.00 ? 8   VAL A HA   1 
ATOM 110  H HB   . VAL A 1 8   ? 5.994   9.692   -10.298 1.00 0.00 ? 8   VAL A HB   1 
ATOM 111  H HG11 . VAL A 1 8   ? 8.099   9.243   -11.559 1.00 0.00 ? 8   VAL A HG11 1 
ATOM 112  H HG12 . VAL A 1 8   ? 7.260   7.934   -12.426 1.00 0.00 ? 8   VAL A HG12 1 
ATOM 113  H HG13 . VAL A 1 8   ? 6.710   9.618   -12.607 1.00 0.00 ? 8   VAL A HG13 1 
ATOM 114  H HG21 . VAL A 1 8   ? 4.200   7.986   -10.308 1.00 0.00 ? 8   VAL A HG21 1 
ATOM 115  H HG22 . VAL A 1 8   ? 4.370   8.803   -11.881 1.00 0.00 ? 8   VAL A HG22 1 
ATOM 116  H HG23 . VAL A 1 8   ? 5.014   7.159   -11.657 1.00 0.00 ? 8   VAL A HG23 1 
ATOM 117  N N    . LYS A 1 9   ? 8.099   6.002   -10.545 1.00 0.00 ? 9   LYS A N    1 
ATOM 118  C CA   . LYS A 1 9   ? 9.294   5.306   -10.992 1.00 0.00 ? 9   LYS A CA   1 
ATOM 119  C C    . LYS A 1 9   ? 8.930   4.366   -12.143 1.00 0.00 ? 9   LYS A C    1 
ATOM 120  O O    . LYS A 1 9   ? 8.348   3.306   -11.925 1.00 0.00 ? 9   LYS A O    1 
ATOM 121  C CB   . LYS A 1 9   ? 9.975   4.603   -9.817  1.00 0.00 ? 9   LYS A CB   1 
ATOM 122  C CG   . LYS A 1 9   ? 9.584   5.251   -8.488  1.00 0.00 ? 9   LYS A CG   1 
ATOM 123  C CD   . LYS A 1 9   ? 10.604  6.313   -8.074  1.00 0.00 ? 9   LYS A CD   1 
ATOM 124  C CE   . LYS A 1 9   ? 11.549  5.776   -6.997  1.00 0.00 ? 9   LYS A CE   1 
ATOM 125  N NZ   . LYS A 1 9   ? 12.957  6.058   -7.356  1.00 0.00 ? 9   LYS A NZ   1 
ATOM 126  H H    . LYS A 1 9   ? 7.251   5.480   -10.624 1.00 0.00 ? 9   LYS A H    1 
ATOM 127  H HA   . LYS A 1 9   ? 9.990   6.057   -11.365 1.00 0.00 ? 9   LYS A HA   1 
ATOM 128  H HB2  . LYS A 1 9   ? 9.697   3.548   -9.807  1.00 0.00 ? 9   LYS A HB2  1 
ATOM 129  H HB3  . LYS A 1 9   ? 11.057  4.644   -9.940  1.00 0.00 ? 9   LYS A HB3  1 
ATOM 130  H HG2  . LYS A 1 9   ? 8.597   5.705   -8.577  1.00 0.00 ? 9   LYS A HG2  1 
ATOM 131  H HG3  . LYS A 1 9   ? 9.513   4.488   -7.713  1.00 0.00 ? 9   LYS A HG3  1 
ATOM 132  H HD2  . LYS A 1 9   ? 11.179  6.629   -8.944  1.00 0.00 ? 9   LYS A HD2  1 
ATOM 133  H HD3  . LYS A 1 9   ? 10.084  7.195   -7.699  1.00 0.00 ? 9   LYS A HD3  1 
ATOM 134  H HE2  . LYS A 1 9   ? 11.314  6.234   -6.037  1.00 0.00 ? 9   LYS A HE2  1 
ATOM 135  H HE3  . LYS A 1 9   ? 11.406  4.702   -6.883  1.00 0.00 ? 9   LYS A HE3  1 
ATOM 136  H HZ1  . LYS A 1 9   ? 13.541  6.178   -6.536  1.00 0.00 ? 9   LYS A HZ1  1 
ATOM 137  H HZ2  . LYS A 1 9   ? 13.368  5.309   -7.902  1.00 0.00 ? 9   LYS A HZ2  1 
ATOM 138  N N    . GLU A 1 10  ? 9.290   4.791   -13.347 1.00 0.00 ? 10  GLU A N    1 
ATOM 139  C CA   . GLU A 1 10  ? 9.008   4.001   -14.534 1.00 0.00 ? 10  GLU A CA   1 
ATOM 140  C C    . GLU A 1 10  ? 7.498   3.881   -14.745 1.00 0.00 ? 10  GLU A C    1 
ATOM 141  O O    . GLU A 1 10  ? 7.036   3.728   -15.875 1.00 0.00 ? 10  GLU A O    1 
ATOM 142  C CB   . GLU A 1 10  ? 9.659   2.620   -14.440 1.00 0.00 ? 10  GLU A CB   1 
ATOM 143  C CG   . GLU A 1 10  ? 9.032   1.649   -15.442 1.00 0.00 ? 10  GLU A CG   1 
ATOM 144  C CD   . GLU A 1 10  ? 10.091  0.724   -16.047 1.00 0.00 ? 10  GLU A CD   1 
ATOM 145  O OE1  . GLU A 1 10  ? 11.050  0.347   -15.359 1.00 0.00 ? 10  GLU A OE1  1 
ATOM 146  O OE2  . GLU A 1 10  ? 9.889   0.397   -17.278 1.00 0.00 ? 10  GLU A OE2  1 
ATOM 147  H H    . GLU A 1 10  ? 9.763   5.655   -13.517 1.00 0.00 ? 10  GLU A H    1 
ATOM 148  H HA   . GLU A 1 10  ? 9.456   4.552   -15.361 1.00 0.00 ? 10  GLU A HA   1 
ATOM 149  H HB2  . GLU A 1 10  ? 10.729  2.705   -14.633 1.00 0.00 ? 10  GLU A HB2  1 
ATOM 150  H HB3  . GLU A 1 10  ? 9.547   2.228   -13.429 1.00 0.00 ? 10  GLU A HB3  1 
ATOM 151  H HG2  . GLU A 1 10  ? 8.266   1.053   -14.945 1.00 0.00 ? 10  GLU A HG2  1 
ATOM 152  H HG3  . GLU A 1 10  ? 8.537   2.208   -16.235 1.00 0.00 ? 10  GLU A HG3  1 
ATOM 153  H HE2  . GLU A 1 10  ? 10.567  -0.278  -17.568 1.00 0.00 ? 10  GLU A HE2  1 
ATOM 154  N N    . SER A 1 11  ? 6.770   3.955   -13.641 1.00 0.00 ? 11  SER A N    1 
ATOM 155  C CA   . SER A 1 11  ? 5.320   3.858   -13.692 1.00 0.00 ? 11  SER A CA   1 
ATOM 156  C C    . SER A 1 11  ? 4.768   3.538   -12.301 1.00 0.00 ? 11  SER A C    1 
ATOM 157  O O    . SER A 1 11  ? 3.555   3.513   -12.101 1.00 0.00 ? 11  SER A O    1 
ATOM 158  C CB   . SER A 1 11  ? 4.875   2.793   -14.696 1.00 0.00 ? 11  SER A CB   1 
ATOM 159  O OG   . SER A 1 11  ? 5.946   1.932   -15.072 1.00 0.00 ? 11  SER A OG   1 
ATOM 160  H H    . SER A 1 11  ? 7.153   4.080   -12.725 1.00 0.00 ? 11  SER A H    1 
ATOM 161  H HA   . SER A 1 11  ? 4.976   4.838   -14.023 1.00 0.00 ? 11  SER A HA   1 
ATOM 162  H HB2  . SER A 1 11  ? 4.069   2.201   -14.263 1.00 0.00 ? 11  SER A HB2  1 
ATOM 163  H HB3  . SER A 1 11  ? 4.472   3.280   -15.584 1.00 0.00 ? 11  SER A HB3  1 
ATOM 164  H HG   . SER A 1 11  ? 5.615   0.993   -15.159 1.00 0.00 ? 11  SER A HG   1 
ATOM 165  N N    . VAL A 1 12  ? 5.686   3.304   -11.374 1.00 0.00 ? 12  VAL A N    1 
ATOM 166  C CA   . VAL A 1 12  ? 5.307   2.988   -10.008 1.00 0.00 ? 12  VAL A CA   1 
ATOM 167  C C    . VAL A 1 12  ? 5.274   4.274   -9.181  1.00 0.00 ? 12  VAL A C    1 
ATOM 168  O O    . VAL A 1 12  ? 6.285   4.964   -9.059  1.00 0.00 ? 12  VAL A O    1 
ATOM 169  C CB   . VAL A 1 12  ? 6.254   1.932   -9.432  1.00 0.00 ? 12  VAL A CB   1 
ATOM 170  C CG1  . VAL A 1 12  ? 7.648   2.515   -9.197  1.00 0.00 ? 12  VAL A CG1  1 
ATOM 171  C CG2  . VAL A 1 12  ? 5.687   1.330   -8.146  1.00 0.00 ? 12  VAL A CG2  1 
ATOM 172  H H    . VAL A 1 12  ? 6.671   3.328   -11.544 1.00 0.00 ? 12  VAL A H    1 
ATOM 173  H HA   . VAL A 1 12  ? 4.304   2.562   -10.035 1.00 0.00 ? 12  VAL A HA   1 
ATOM 174  H HB   . VAL A 1 12  ? 6.346   1.130   -10.165 1.00 0.00 ? 12  VAL A HB   1 
ATOM 175  H HG11 . VAL A 1 12  ? 7.803   3.365   -9.863  1.00 0.00 ? 12  VAL A HG11 1 
ATOM 176  H HG12 . VAL A 1 12  ? 7.733   2.846   -8.161  1.00 0.00 ? 12  VAL A HG12 1 
ATOM 177  H HG13 . VAL A 1 12  ? 8.400   1.753   -9.400  1.00 0.00 ? 12  VAL A HG13 1 
ATOM 178  H HG21 . VAL A 1 12  ? 5.086   2.078   -7.628  1.00 0.00 ? 12  VAL A HG21 1 
ATOM 179  H HG22 . VAL A 1 12  ? 5.063   0.470   -8.390  1.00 0.00 ? 12  VAL A HG22 1 
ATOM 180  H HG23 . VAL A 1 12  ? 6.507   1.013   -7.501  1.00 0.00 ? 12  VAL A HG23 1 
ATOM 181  N N    . LEU A 1 13  ? 4.101   4.559   -8.635  1.00 0.00 ? 13  LEU A N    1 
ATOM 182  C CA   . LEU A 1 13  ? 3.922   5.751   -7.823  1.00 0.00 ? 13  LEU A CA   1 
ATOM 183  C C    . LEU A 1 13  ? 4.057   5.381   -6.345  1.00 0.00 ? 13  LEU A C    1 
ATOM 184  O O    . LEU A 1 13  ? 3.130   4.831   -5.753  1.00 0.00 ? 13  LEU A O    1 
ATOM 185  C CB   . LEU A 1 13  ? 2.601   6.441   -8.168  1.00 0.00 ? 13  LEU A CB   1 
ATOM 186  C CG   . LEU A 1 13  ? 1.685   5.690   -9.136  1.00 0.00 ? 13  LEU A CG   1 
ATOM 187  C CD1  . LEU A 1 13  ? 1.758   4.180   -8.900  1.00 0.00 ? 13  LEU A CD1  1 
ATOM 188  C CD2  . LEU A 1 13  ? 0.250   6.214   -9.050  1.00 0.00 ? 13  LEU A CD2  1 
ATOM 189  H H    . LEU A 1 13  ? 3.283   3.993   -8.738  1.00 0.00 ? 13  LEU A H    1 
ATOM 190  H HA   . LEU A 1 13  ? 4.724   6.444   -8.080  1.00 0.00 ? 13  LEU A HA   1 
ATOM 191  H HB2  . LEU A 1 13  ? 2.054   6.616   -7.241  1.00 0.00 ? 13  LEU A HB2  1 
ATOM 192  H HB3  . LEU A 1 13  ? 2.825   7.419   -8.595  1.00 0.00 ? 13  LEU A HB3  1 
ATOM 193  H HG   . LEU A 1 13  ? 2.036   5.874   -10.151 1.00 0.00 ? 13  LEU A HG   1 
ATOM 194  H HD11 . LEU A 1 13  ? 2.741   3.921   -8.507  1.00 0.00 ? 13  LEU A HD11 1 
ATOM 195  H HD12 . LEU A 1 13  ? 0.992   3.887   -8.181  1.00 0.00 ? 13  LEU A HD12 1 
ATOM 196  H HD13 . LEU A 1 13  ? 1.593   3.657   -9.841  1.00 0.00 ? 13  LEU A HD13 1 
ATOM 197  H HD21 . LEU A 1 13  ? 0.260   7.304   -9.070  1.00 0.00 ? 13  LEU A HD21 1 
ATOM 198  H HD22 . LEU A 1 13  ? -0.324  5.841   -9.899  1.00 0.00 ? 13  LEU A HD22 1 
ATOM 199  H HD23 . LEU A 1 13  ? -0.209  5.872   -8.122  1.00 0.00 ? 13  LEU A HD23 1 
ATOM 200  N N    . CYS A 1 14  ? 5.218   5.700   -5.791  1.00 0.00 ? 14  CYS A N    1 
ATOM 201  C CA   . CYS A 1 14  ? 5.486   5.407   -4.393  1.00 0.00 ? 14  CYS A CA   1 
ATOM 202  C C    . CYS A 1 14  ? 4.644   6.353   -3.534  1.00 0.00 ? 14  CYS A C    1 
ATOM 203  O O    . CYS A 1 14  ? 4.581   7.552   -3.804  1.00 0.00 ? 14  CYS A O    1 
ATOM 204  C CB   . CYS A 1 14  ? 6.976   5.515   -4.068  1.00 0.00 ? 14  CYS A CB   1 
ATOM 205  S SG   . CYS A 1 14  ? 7.970   5.172   -5.565  1.00 0.00 ? 14  CYS A SG   1 
ATOM 206  H H    . CYS A 1 14  ? 5.966   6.147   -6.280  1.00 0.00 ? 14  CYS A H    1 
ATOM 207  H HA   . CYS A 1 14  ? 5.192   4.370   -4.229  1.00 0.00 ? 14  CYS A HA   1 
ATOM 208  H HB2  . CYS A 1 14  ? 7.204   6.512   -3.692  1.00 0.00 ? 14  CYS A HB2  1 
ATOM 209  H HB3  . CYS A 1 14  ? 7.237   4.810   -3.278  1.00 0.00 ? 14  CYS A HB3  1 
ATOM 210  H HG   . CYS A 1 14  ? 9.081   4.830   -4.919  1.00 0.00 ? 14  CYS A HG   1 
ATOM 211  N N    . ILE A 1 15  ? 4.017   5.778   -2.518  1.00 0.00 ? 15  ILE A N    1 
ATOM 212  C CA   . ILE A 1 15  ? 3.181   6.555   -1.618  1.00 0.00 ? 15  ILE A CA   1 
ATOM 213  C C    . ILE A 1 15  ? 3.726   6.435   -0.194  1.00 0.00 ? 15  ILE A C    1 
ATOM 214  O O    . ILE A 1 15  ? 3.505   5.427   0.477   1.00 0.00 ? 15  ILE A O    1 
ATOM 215  C CB   . ILE A 1 15  ? 1.716   6.137   -1.754  1.00 0.00 ? 15  ILE A CB   1 
ATOM 216  C CG1  . ILE A 1 15  ? 1.031   6.904   -2.887  1.00 0.00 ? 15  ILE A CG1  1 
ATOM 217  C CG2  . ILE A 1 15  ? 0.975   6.298   -0.425  1.00 0.00 ? 15  ILE A CG2  1 
ATOM 218  C CD1  . ILE A 1 15  ? 1.845   6.814   -4.180  1.00 0.00 ? 15  ILE A CD1  1 
ATOM 219  H H    . ILE A 1 15  ? 4.074   4.803   -2.305  1.00 0.00 ? 15  ILE A H    1 
ATOM 220  H HA   . ILE A 1 15  ? 3.250   7.598   -1.928  1.00 0.00 ? 15  ILE A HA   1 
ATOM 221  H HB   . ILE A 1 15  ? 1.684   5.081   -2.015  1.00 0.00 ? 15  ILE A HB   1 
ATOM 222  H HG12 . ILE A 1 15  ? 0.033   6.498   -3.054  1.00 0.00 ? 15  ILE A HG12 1 
ATOM 223  H HG13 . ILE A 1 15  ? 0.907   7.949   -2.603  1.00 0.00 ? 15  ILE A HG13 1 
ATOM 224  H HG21 . ILE A 1 15  ? 1.570   6.912   0.252   1.00 0.00 ? 15  ILE A HG21 1 
ATOM 225  H HG22 . ILE A 1 15  ? 0.013   6.779   -0.601  1.00 0.00 ? 15  ILE A HG22 1 
ATOM 226  H HG23 . ILE A 1 15  ? 0.814   5.317   0.022   1.00 0.00 ? 15  ILE A HG23 1 
ATOM 227  H HD11 . ILE A 1 15  ? 2.764   6.257   -3.993  1.00 0.00 ? 15  ILE A HD11 1 
ATOM 228  H HD12 . ILE A 1 15  ? 1.259   6.305   -4.944  1.00 0.00 ? 15  ILE A HD12 1 
ATOM 229  H HD13 . ILE A 1 15  ? 2.094   7.819   -4.522  1.00 0.00 ? 15  ILE A HD13 1 
ATOM 230  N N    . ARG A 1 16  ? 4.427   7.477   0.228   1.00 0.00 ? 16  ARG A N    1 
ATOM 231  C CA   . ARG A 1 16  ? 5.003   7.502   1.562   1.00 0.00 ? 16  ARG A CA   1 
ATOM 232  C C    . ARG A 1 16  ? 4.004   8.086   2.562   1.00 0.00 ? 16  ARG A C    1 
ATOM 233  O O    . ARG A 1 16  ? 3.796   9.298   2.601   1.00 0.00 ? 16  ARG A O    1 
ATOM 234  C CB   . ARG A 1 16  ? 6.288   8.332   1.591   1.00 0.00 ? 16  ARG A CB   1 
ATOM 235  C CG   . ARG A 1 16  ? 7.484   7.478   2.013   1.00 0.00 ? 16  ARG A CG   1 
ATOM 236  C CD   . ARG A 1 16  ? 8.643   7.629   1.026   1.00 0.00 ? 16  ARG A CD   1 
ATOM 237  N NE   . ARG A 1 16  ? 9.894   7.121   1.632   1.00 0.00 ? 16  ARG A NE   1 
ATOM 238  C CZ   . ARG A 1 16  ? 11.123  7.598   1.341   1.00 0.00 ? 16  ARG A CZ   1 
ATOM 239  N NH1  . ARG A 1 16  ? 11.277  8.602   0.450   1.00 0.00 ? 16  ARG A NH1  1 
ATOM 240  N NH2  . ARG A 1 16  ? 12.173  7.071   1.942   1.00 0.00 ? 16  ARG A NH2  1 
ATOM 241  H H    . ARG A 1 16  ? 4.602   8.294   -0.323  1.00 0.00 ? 16  ARG A H    1 
ATOM 242  H HA   . ARG A 1 16  ? 5.222   6.459   1.790   1.00 0.00 ? 16  ARG A HA   1 
ATOM 243  H HB2  . ARG A 1 16  ? 6.472   8.760   0.605   1.00 0.00 ? 16  ARG A HB2  1 
ATOM 244  H HB3  . ARG A 1 16  ? 6.171   9.167   2.283   1.00 0.00 ? 16  ARG A HB3  1 
ATOM 245  H HG2  . ARG A 1 16  ? 7.811   7.770   3.011   1.00 0.00 ? 16  ARG A HG2  1 
ATOM 246  H HG3  . ARG A 1 16  ? 7.185   6.431   2.071   1.00 0.00 ? 16  ARG A HG3  1 
ATOM 247  H HD2  . ARG A 1 16  ? 8.425   7.081   0.109   1.00 0.00 ? 16  ARG A HD2  1 
ATOM 248  H HD3  . ARG A 1 16  ? 8.762   8.677   0.750   1.00 0.00 ? 16  ARG A HD3  1 
ATOM 249  H HE   . ARG A 1 16  ? 9.824   6.379   2.297   1.00 0.00 ? 16  ARG A HE   1 
ATOM 250  H HH11 . ARG A 1 16  ? 10.476  8.996   -0.001  1.00 0.00 ? 16  ARG A HH11 1 
ATOM 251  H HH12 . ARG A 1 16  ? 12.190  8.949   0.241   1.00 0.00 ? 16  ARG A HH12 1 
ATOM 252  H HH21 . ARG A 1 16  ? 13.116  7.366   1.784   1.00 0.00 ? 16  ARG A HH21 1 
ATOM 253  N N    . LEU A 1 17  ? 3.412   7.197   3.346   1.00 0.00 ? 17  LEU A N    1 
ATOM 254  C CA   . LEU A 1 17  ? 2.440   7.610   4.344   1.00 0.00 ? 17  LEU A CA   1 
ATOM 255  C C    . LEU A 1 17  ? 3.109   7.645   5.718   1.00 0.00 ? 17  LEU A C    1 
ATOM 256  O O    . LEU A 1 17  ? 3.742   6.675   6.130   1.00 0.00 ? 17  LEU A O    1 
ATOM 257  C CB   . LEU A 1 17  ? 1.201   6.713   4.286   1.00 0.00 ? 17  LEU A CB   1 
ATOM 258  C CG   . LEU A 1 17  ? -0.146  7.435   4.200   1.00 0.00 ? 17  LEU A CG   1 
ATOM 259  C CD1  . LEU A 1 17  ? -0.999  7.157   5.439   1.00 0.00 ? 17  LEU A CD1  1 
ATOM 260  C CD2  . LEU A 1 17  ? 0.050   8.935   3.965   1.00 0.00 ? 17  LEU A CD2  1 
ATOM 261  H H    . LEU A 1 17  ? 3.587   6.214   3.308   1.00 0.00 ? 17  LEU A H    1 
ATOM 262  H HA   . LEU A 1 17  ? 2.119   8.620   4.089   1.00 0.00 ? 17  LEU A HA   1 
ATOM 263  H HB2  . LEU A 1 17  ? 1.292   6.055   3.423   1.00 0.00 ? 17  LEU A HB2  1 
ATOM 264  H HB3  . LEU A 1 17  ? 1.194   6.079   5.173   1.00 0.00 ? 17  LEU A HB3  1 
ATOM 265  H HG   . LEU A 1 17  ? -0.690  7.044   3.340   1.00 0.00 ? 17  LEU A HG   1 
ATOM 266  H HD11 . LEU A 1 17  ? -0.400  6.625   6.179   1.00 0.00 ? 17  LEU A HD11 1 
ATOM 267  H HD12 . LEU A 1 17  ? -1.346  8.099   5.862   1.00 0.00 ? 17  LEU A HD12 1 
ATOM 268  H HD13 . LEU A 1 17  ? -1.857  6.545   5.159   1.00 0.00 ? 17  LEU A HD13 1 
ATOM 269  H HD21 . LEU A 1 17  ? 0.861   9.298   4.595   1.00 0.00 ? 17  LEU A HD21 1 
ATOM 270  H HD22 . LEU A 1 17  ? 0.297   9.110   2.918   1.00 0.00 ? 17  LEU A HD22 1 
ATOM 271  H HD23 . LEU A 1 17  ? -0.869  9.465   4.215   1.00 0.00 ? 17  LEU A HD23 1 
ATOM 272  N N    . THR A 1 18  ? 2.947   8.775   6.392   1.00 0.00 ? 18  THR A N    1 
ATOM 273  C CA   . THR A 1 18  ? 3.526   8.949   7.713   1.00 0.00 ? 18  THR A CA   1 
ATOM 274  C C    . THR A 1 18  ? 2.487   9.515   8.681   1.00 0.00 ? 18  THR A C    1 
ATOM 275  O O    . THR A 1 18  ? 2.048   10.654  8.531   1.00 0.00 ? 18  THR A O    1 
ATOM 276  C CB   . THR A 1 18  ? 4.769   9.832   7.570   1.00 0.00 ? 18  THR A CB   1 
ATOM 277  O OG1  . THR A 1 18  ? 4.443   10.721  6.506   1.00 0.00 ? 18  THR A OG1  1 
ATOM 278  C CG2  . THR A 1 18  ? 5.981   9.057   7.050   1.00 0.00 ? 18  THR A CG2  1 
ATOM 279  H H    . THR A 1 18  ? 2.431   9.561   6.050   1.00 0.00 ? 18  THR A H    1 
ATOM 280  H HA   . THR A 1 18  ? 3.818   7.970   8.092   1.00 0.00 ? 18  THR A HA   1 
ATOM 281  H HB   . THR A 1 18  ? 5.000   10.332  8.511   1.00 0.00 ? 18  THR A HB   1 
ATOM 282  H HG1  . THR A 1 18  ? 5.241   11.272  6.265   1.00 0.00 ? 18  THR A HG1  1 
ATOM 283  H HG21 . THR A 1 18  ? 5.648   8.281   6.361   1.00 0.00 ? 18  THR A HG21 1 
ATOM 284  H HG22 . THR A 1 18  ? 6.653   9.739   6.531   1.00 0.00 ? 18  THR A HG22 1 
ATOM 285  H HG23 . THR A 1 18  ? 6.506   8.598   7.888   1.00 0.00 ? 18  THR A HG23 1 
ATOM 286  N N    . GLY A 1 19  ? 2.122   8.693   9.655   1.00 0.00 ? 19  GLY A N    1 
ATOM 287  C CA   . GLY A 1 19  ? 1.143   9.098   10.648  1.00 0.00 ? 19  GLY A CA   1 
ATOM 288  C C    . GLY A 1 19  ? 0.472   7.879   11.286  1.00 0.00 ? 19  GLY A C    1 
ATOM 289  O O    . GLY A 1 19  ? 1.140   7.053   11.907  1.00 0.00 ? 19  GLY A O    1 
ATOM 290  H H    . GLY A 1 19  ? 2.483   7.768   9.770   1.00 0.00 ? 19  GLY A H    1 
ATOM 291  H HA2  . GLY A 1 19  ? 1.627   9.696   11.420  1.00 0.00 ? 19  GLY A HA2  1 
ATOM 292  H HA3  . GLY A 1 19  ? 0.387   9.730   10.182  1.00 0.00 ? 19  GLY A HA3  1 
ATOM 293  N N    . GLU A 1 20  ? -0.838  7.805   11.112  1.00 0.00 ? 20  GLU A N    1 
ATOM 294  C CA   . GLU A 1 20  ? -1.606  6.702   11.662  1.00 0.00 ? 20  GLU A CA   1 
ATOM 295  C C    . GLU A 1 20  ? -2.372  5.980   10.551  1.00 0.00 ? 20  GLU A C    1 
ATOM 296  O O    . GLU A 1 20  ? -2.594  6.543   9.479   1.00 0.00 ? 20  GLU A O    1 
ATOM 297  C CB   . GLU A 1 20  ? -2.557  7.188   12.758  1.00 0.00 ? 20  GLU A CB   1 
ATOM 298  C CG   . GLU A 1 20  ? -2.022  6.829   14.146  1.00 0.00 ? 20  GLU A CG   1 
ATOM 299  C CD   . GLU A 1 20  ? -1.754  8.090   14.972  1.00 0.00 ? 20  GLU A CD   1 
ATOM 300  O OE1  . GLU A 1 20  ? -1.269  9.094   14.430  1.00 0.00 ? 20  GLU A OE1  1 
ATOM 301  O OE2  . GLU A 1 20  ? -2.068  8.001   16.220  1.00 0.00 ? 20  GLU A OE2  1 
ATOM 302  H H    . GLU A 1 20  ? -1.374  8.481   10.605  1.00 0.00 ? 20  GLU A H    1 
ATOM 303  H HA   . GLU A 1 20  ? -0.870  6.027   12.101  1.00 0.00 ? 20  GLU A HA   1 
ATOM 304  H HB2  . GLU A 1 20  ? -2.685  8.268   12.681  1.00 0.00 ? 20  GLU A HB2  1 
ATOM 305  H HB3  . GLU A 1 20  ? -3.540  6.739   12.617  1.00 0.00 ? 20  GLU A HB3  1 
ATOM 306  H HG2  . GLU A 1 20  ? -2.744  6.197   14.665  1.00 0.00 ? 20  GLU A HG2  1 
ATOM 307  H HG3  . GLU A 1 20  ? -1.104  6.252   14.048  1.00 0.00 ? 20  GLU A HG3  1 
ATOM 308  H HE2  . GLU A 1 20  ? -2.531  7.131   16.395  1.00 0.00 ? 20  GLU A HE2  1 
ATOM 309  N N    . LEU A 1 21  ? -2.756  4.747   10.845  1.00 0.00 ? 21  LEU A N    1 
ATOM 310  C CA   . LEU A 1 21  ? -3.494  3.944   9.884   1.00 0.00 ? 21  LEU A CA   1 
ATOM 311  C C    . LEU A 1 21  ? -4.872  3.608   10.457  1.00 0.00 ? 21  LEU A C    1 
ATOM 312  O O    . LEU A 1 21  ? -5.049  2.568   11.088  1.00 0.00 ? 21  LEU A O    1 
ATOM 313  C CB   . LEU A 1 21  ? -2.680  2.712   9.479   1.00 0.00 ? 21  LEU A CB   1 
ATOM 314  C CG   . LEU A 1 21  ? -2.301  2.616   8.000   1.00 0.00 ? 21  LEU A CG   1 
ATOM 315  C CD1  . LEU A 1 21  ? -3.374  3.255   7.116   1.00 0.00 ? 21  LEU A CD1  1 
ATOM 316  C CD2  . LEU A 1 21  ? -0.917  3.217   7.748   1.00 0.00 ? 21  LEU A CD2  1 
ATOM 317  H H    . LEU A 1 21  ? -2.572  4.298   11.719  1.00 0.00 ? 21  LEU A H    1 
ATOM 318  H HA   . LEU A 1 21  ? -3.629  4.550   8.988   1.00 0.00 ? 21  LEU A HA   1 
ATOM 319  H HB2  . LEU A 1 21  ? -1.764  2.697   10.070  1.00 0.00 ? 21  LEU A HB2  1 
ATOM 320  H HB3  . LEU A 1 21  ? -3.248  1.822   9.747   1.00 0.00 ? 21  LEU A HB3  1 
ATOM 321  H HG   . LEU A 1 21  ? -2.248  1.561   7.730   1.00 0.00 ? 21  LEU A HG   1 
ATOM 322  H HD11 . LEU A 1 21  ? -3.908  4.015   7.686   1.00 0.00 ? 21  LEU A HD11 1 
ATOM 323  H HD12 . LEU A 1 21  ? -2.902  3.716   6.248   1.00 0.00 ? 21  LEU A HD12 1 
ATOM 324  H HD13 . LEU A 1 21  ? -4.075  2.489   6.785   1.00 0.00 ? 21  LEU A HD13 1 
ATOM 325  H HD21 . LEU A 1 21  ? -0.213  2.829   8.484   1.00 0.00 ? 21  LEU A HD21 1 
ATOM 326  H HD22 . LEU A 1 21  ? -0.581  2.949   6.746   1.00 0.00 ? 21  LEU A HD22 1 
ATOM 327  H HD23 . LEU A 1 21  ? -0.972  4.303   7.834   1.00 0.00 ? 21  LEU A HD23 1 
ATOM 328  N N    . ASP A 1 22  ? -5.812  4.510   10.216  1.00 0.00 ? 22  ASP A N    1 
ATOM 329  C CA   . ASP A 1 22  ? -7.169  4.324   10.699  1.00 0.00 ? 22  ASP A CA   1 
ATOM 330  C C    . ASP A 1 22  ? -8.156  4.812   9.637   1.00 0.00 ? 22  ASP A C    1 
ATOM 331  O O    . ASP A 1 22  ? -7.760  5.449   8.662   1.00 0.00 ? 22  ASP A O    1 
ATOM 332  C CB   . ASP A 1 22  ? -7.415  5.128   11.977  1.00 0.00 ? 22  ASP A CB   1 
ATOM 333  C CG   . ASP A 1 22  ? -6.335  6.158   12.310  1.00 0.00 ? 22  ASP A CG   1 
ATOM 334  O OD1  . ASP A 1 22  ? -6.289  7.249   11.722  1.00 0.00 ? 22  ASP A OD1  1 
ATOM 335  O OD2  . ASP A 1 22  ? -5.503  5.800   13.229  1.00 0.00 ? 22  ASP A OD2  1 
ATOM 336  H H    . ASP A 1 22  ? -5.659  5.355   9.702   1.00 0.00 ? 22  ASP A H    1 
ATOM 337  H HA   . ASP A 1 22  ? -7.260  3.255   10.892  1.00 0.00 ? 22  ASP A HA   1 
ATOM 338  H HB2  . ASP A 1 22  ? -8.371  5.641   11.888  1.00 0.00 ? 22  ASP A HB2  1 
ATOM 339  H HB3  . ASP A 1 22  ? -7.504  4.434   12.814  1.00 0.00 ? 22  ASP A HB3  1 
ATOM 340  H HD2  . ASP A 1 22  ? -5.148  6.606   13.702  1.00 0.00 ? 22  ASP A HD2  1 
ATOM 341  N N    . HIS A 1 23  ? -9.424  4.495   9.861   1.00 0.00 ? 23  HIS A N    1 
ATOM 342  C CA   . HIS A 1 23  ? -10.470 4.894   8.936   1.00 0.00 ? 23  HIS A CA   1 
ATOM 343  C C    . HIS A 1 23  ? -10.296 6.369   8.569   1.00 0.00 ? 23  HIS A C    1 
ATOM 344  O O    . HIS A 1 23  ? -10.804 6.821   7.543   1.00 0.00 ? 23  HIS A O    1 
ATOM 345  C CB   . HIS A 1 23  ? -11.853 4.586   9.514   1.00 0.00 ? 23  HIS A CB   1 
ATOM 346  C CG   . HIS A 1 23  ? -12.451 5.719   10.312  1.00 0.00 ? 23  HIS A CG   1 
ATOM 347  N ND1  . HIS A 1 23  ? -13.388 6.593   9.787   1.00 0.00 ? 23  HIS A ND1  1 
ATOM 348  C CD2  . HIS A 1 23  ? -12.238 6.112   11.601  1.00 0.00 ? 23  HIS A CD2  1 
ATOM 349  C CE1  . HIS A 1 23  ? -13.715 7.468   10.726  1.00 0.00 ? 23  HIS A CE1  1 
ATOM 350  N NE2  . HIS A 1 23  ? -13.000 7.169   11.849  1.00 0.00 ? 23  HIS A NE2  1 
ATOM 351  H H    . HIS A 1 23  ? -9.737  3.978   10.657  1.00 0.00 ? 23  HIS A H    1 
ATOM 352  H HA   . HIS A 1 23  ? -10.342 4.288   8.040   1.00 0.00 ? 23  HIS A HA   1 
ATOM 353  H HB2  . HIS A 1 23  ? -12.529 4.335   8.696   1.00 0.00 ? 23  HIS A HB2  1 
ATOM 354  H HB3  . HIS A 1 23  ? -11.781 3.704   10.150  1.00 0.00 ? 23  HIS A HB3  1 
ATOM 355  H HD1  . HIS A 1 23  ? -13.756 6.567   8.858   1.00 0.00 ? 23  HIS A HD1  1 
ATOM 356  H HD2  . HIS A 1 23  ? -11.554 5.639   12.306  1.00 0.00 ? 23  HIS A HD2  1 
ATOM 357  H HE1  . HIS A 1 23  ? -14.431 8.284   10.621  1.00 0.00 ? 23  HIS A HE1  1 
ATOM 358  N N    . HIS A 1 24  ? -9.577  7.079   9.427   1.00 0.00 ? 24  HIS A N    1 
ATOM 359  C CA   . HIS A 1 24  ? -9.330  8.493   9.206   1.00 0.00 ? 24  HIS A CA   1 
ATOM 360  C C    . HIS A 1 24  ? -8.194  8.664   8.195   1.00 0.00 ? 24  HIS A C    1 
ATOM 361  O O    . HIS A 1 24  ? -8.341  9.378   7.204   1.00 0.00 ? 24  HIS A O    1 
ATOM 362  C CB   . HIS A 1 24  ? -9.059  9.211   10.529  1.00 0.00 ? 24  HIS A CB   1 
ATOM 363  C CG   . HIS A 1 24  ? -10.298 9.470   11.352  1.00 0.00 ? 24  HIS A CG   1 
ATOM 364  N ND1  . HIS A 1 24  ? -10.963 10.684  11.344  1.00 0.00 ? 24  HIS A ND1  1 
ATOM 365  C CD2  . HIS A 1 24  ? -10.986 8.660   12.207  1.00 0.00 ? 24  HIS A CD2  1 
ATOM 366  C CE1  . HIS A 1 24  ? -12.002 10.596  12.161  1.00 0.00 ? 24  HIS A CE1  1 
ATOM 367  N NE2  . HIS A 1 24  ? -12.015 9.342   12.695  1.00 0.00 ? 24  HIS A NE2  1 
ATOM 368  H H    . HIS A 1 24  ? -9.169  6.703   10.258  1.00 0.00 ? 24  HIS A H    1 
ATOM 369  H HA   . HIS A 1 24  ? -10.245 8.909   8.783   1.00 0.00 ? 24  HIS A HA   1 
ATOM 370  H HB2  . HIS A 1 24  ? -8.362  8.614   11.118  1.00 0.00 ? 24  HIS A HB2  1 
ATOM 371  H HB3  . HIS A 1 24  ? -8.568  10.161  10.321  1.00 0.00 ? 24  HIS A HB3  1 
ATOM 372  H HD1  . HIS A 1 24  ? -10.704 11.490  10.812  1.00 0.00 ? 24  HIS A HD1  1 
ATOM 373  H HD2  . HIS A 1 24  ? -10.734 7.627   12.448  1.00 0.00 ? 24  HIS A HD2  1 
ATOM 374  H HE1  . HIS A 1 24  ? -12.722 11.389  12.370  1.00 0.00 ? 24  HIS A HE1  1 
ATOM 375  N N    . THR A 1 25  ? -7.086  7.995   8.481   1.00 0.00 ? 25  THR A N    1 
ATOM 376  C CA   . THR A 1 25  ? -5.924  8.066   7.610   1.00 0.00 ? 25  THR A CA   1 
ATOM 377  C C    . THR A 1 25  ? -6.116  7.160   6.392   1.00 0.00 ? 25  THR A C    1 
ATOM 378  O O    . THR A 1 25  ? -5.560  7.421   5.326   1.00 0.00 ? 25  THR A O    1 
ATOM 379  C CB   . THR A 1 25  ? -4.689  7.714   8.440   1.00 0.00 ? 25  THR A CB   1 
ATOM 380  O OG1  . THR A 1 25  ? -4.656  6.288   8.427   1.00 0.00 ? 25  THR A OG1  1 
ATOM 381  C CG2  . THR A 1 25  ? -4.856  8.068   9.919   1.00 0.00 ? 25  THR A CG2  1 
ATOM 382  H H    . THR A 1 25  ? -6.974  7.416   9.288   1.00 0.00 ? 25  THR A H    1 
ATOM 383  H HA   . THR A 1 25  ? -5.834  9.086   7.238   1.00 0.00 ? 25  THR A HA   1 
ATOM 384  H HB   . THR A 1 25  ? -3.795  8.181   8.027   1.00 0.00 ? 25  THR A HB   1 
ATOM 385  H HG1  . THR A 1 25  ? -4.313  5.963   7.546   1.00 0.00 ? 25  THR A HG1  1 
ATOM 386  H HG21 . THR A 1 25  ? -5.907  8.271   10.127  1.00 0.00 ? 25  THR A HG21 1 
ATOM 387  H HG22 . THR A 1 25  ? -4.520  7.233   10.534  1.00 0.00 ? 25  THR A HG22 1 
ATOM 388  H HG23 . THR A 1 25  ? -4.263  8.953   10.150  1.00 0.00 ? 25  THR A HG23 1 
ATOM 389  N N    . ALA A 1 26  ? -6.905  6.113   6.590   1.00 0.00 ? 26  ALA A N    1 
ATOM 390  C CA   . ALA A 1 26  ? -7.177  5.168   5.522   1.00 0.00 ? 26  ALA A CA   1 
ATOM 391  C C    . ALA A 1 26  ? -8.014  5.854   4.440   1.00 0.00 ? 26  ALA A C    1 
ATOM 392  O O    . ALA A 1 26  ? -8.021  5.421   3.289   1.00 0.00 ? 26  ALA A O    1 
ATOM 393  C CB   . ALA A 1 26  ? -7.869  3.931   6.098   1.00 0.00 ? 26  ALA A CB   1 
ATOM 394  H H    . ALA A 1 26  ? -7.353  5.909   7.461   1.00 0.00 ? 26  ALA A H    1 
ATOM 395  H HA   . ALA A 1 26  ? -6.221  4.867   5.093   1.00 0.00 ? 26  ALA A HA   1 
ATOM 396  H HB1  . ALA A 1 26  ? -8.194  4.139   7.118   1.00 0.00 ? 26  ALA A HB1  1 
ATOM 397  H HB2  . ALA A 1 26  ? -8.735  3.680   5.484   1.00 0.00 ? 26  ALA A HB2  1 
ATOM 398  H HB3  . ALA A 1 26  ? -7.173  3.093   6.102   1.00 0.00 ? 26  ALA A HB3  1 
ATOM 399  N N    . GLU A 1 27  ? -8.699  6.912   4.849   1.00 0.00 ? 27  GLU A N    1 
ATOM 400  C CA   . GLU A 1 27  ? -9.536  7.663   3.929   1.00 0.00 ? 27  GLU A CA   1 
ATOM 401  C C    . GLU A 1 27  ? -8.685  8.273   2.813   1.00 0.00 ? 27  GLU A C    1 
ATOM 402  O O    . GLU A 1 27  ? -9.022  8.156   1.636   1.00 0.00 ? 27  GLU A O    1 
ATOM 403  C CB   . GLU A 1 27  ? -10.330 8.743   4.666   1.00 0.00 ? 27  GLU A CB   1 
ATOM 404  C CG   . GLU A 1 27  ? -11.831 8.587   4.415   1.00 0.00 ? 27  GLU A CG   1 
ATOM 405  C CD   . GLU A 1 27  ? -12.565 8.193   5.698   1.00 0.00 ? 27  GLU A CD   1 
ATOM 406  O OE1  . GLU A 1 27  ? -12.207 8.667   6.787   1.00 0.00 ? 27  GLU A OE1  1 
ATOM 407  O OE2  . GLU A 1 27  ? -13.538 7.362   5.536   1.00 0.00 ? 27  GLU A OE2  1 
ATOM 408  H H    . GLU A 1 27  ? -8.688  7.257   5.788   1.00 0.00 ? 27  GLU A H    1 
ATOM 409  H HA   . GLU A 1 27  ? -10.229 6.934   3.508   1.00 0.00 ? 27  GLU A HA   1 
ATOM 410  H HB2  . GLU A 1 27  ? -10.129 8.680   5.736   1.00 0.00 ? 27  GLU A HB2  1 
ATOM 411  H HB3  . GLU A 1 27  ? -10.002 9.729   4.337   1.00 0.00 ? 27  GLU A HB3  1 
ATOM 412  H HG2  . GLU A 1 27  ? -12.238 9.524   4.033   1.00 0.00 ? 27  GLU A HG2  1 
ATOM 413  H HG3  . GLU A 1 27  ? -11.999 7.831   3.648   1.00 0.00 ? 27  GLU A HG3  1 
ATOM 414  H HE2  . GLU A 1 27  ? -14.135 7.374   6.339   1.00 0.00 ? 27  GLU A HE2  1 
ATOM 415  N N    . THR A 1 28  ? -7.598  8.910   3.224   1.00 0.00 ? 28  THR A N    1 
ATOM 416  C CA   . THR A 1 28  ? -6.697  9.541   2.274   1.00 0.00 ? 28  THR A CA   1 
ATOM 417  C C    . THR A 1 28  ? -6.441  8.611   1.085   1.00 0.00 ? 28  THR A C    1 
ATOM 418  O O    . THR A 1 28  ? -6.491  9.042   -0.066  1.00 0.00 ? 28  THR A O    1 
ATOM 419  C CB   . THR A 1 28  ? -5.423  9.936   3.023   1.00 0.00 ? 28  THR A CB   1 
ATOM 420  O OG1  . THR A 1 28  ? -5.436  11.360  3.003   1.00 0.00 ? 28  THR A OG1  1 
ATOM 421  C CG2  . THR A 1 28  ? -4.153  9.565   2.254   1.00 0.00 ? 28  THR A CG2  1 
ATOM 422  H H    . THR A 1 28  ? -7.332  9.001   4.183   1.00 0.00 ? 28  THR A H    1 
ATOM 423  H HA   . THR A 1 28  ? -7.181  10.435  1.882   1.00 0.00 ? 28  THR A HA   1 
ATOM 424  H HB   . THR A 1 28  ? -5.411  9.506   4.024   1.00 0.00 ? 28  THR A HB   1 
ATOM 425  H HG1  . THR A 1 28  ? -6.300  11.700  3.374   1.00 0.00 ? 28  THR A HG1  1 
ATOM 426  H HG21 . THR A 1 28  ? -4.163  8.498   2.027   1.00 0.00 ? 28  THR A HG21 1 
ATOM 427  H HG22 . THR A 1 28  ? -4.112  10.133  1.324   1.00 0.00 ? 28  THR A HG22 1 
ATOM 428  H HG23 . THR A 1 28  ? -3.279  9.798   2.861   1.00 0.00 ? 28  THR A HG23 1 
ATOM 429  N N    . LEU A 1 29  ? -6.171  7.354   1.406   1.00 0.00 ? 29  LEU A N    1 
ATOM 430  C CA   . LEU A 1 29  ? -5.906  6.361   0.379   1.00 0.00 ? 29  LEU A CA   1 
ATOM 431  C C    . LEU A 1 29  ? -7.204  6.048   -0.367  1.00 0.00 ? 29  LEU A C    1 
ATOM 432  O O    . LEU A 1 29  ? -7.177  5.681   -1.541  1.00 0.00 ? 29  LEU A O    1 
ATOM 433  C CB   . LEU A 1 29  ? -5.232  5.130   0.986   1.00 0.00 ? 29  LEU A CB   1 
ATOM 434  C CG   . LEU A 1 29  ? -4.301  4.348   0.057   1.00 0.00 ? 29  LEU A CG   1 
ATOM 435  C CD1  . LEU A 1 29  ? -4.081  5.099   -1.257  1.00 0.00 ? 29  LEU A CD1  1 
ATOM 436  C CD2  . LEU A 1 29  ? -2.981  4.017   0.756   1.00 0.00 ? 29  LEU A CD2  1 
ATOM 437  H H    . LEU A 1 29  ? -6.131  7.013   2.345   1.00 0.00 ? 29  LEU A H    1 
ATOM 438  H HA   . LEU A 1 29  ? -5.199  6.800   -0.326  1.00 0.00 ? 29  LEU A HA   1 
ATOM 439  H HB2  . LEU A 1 29  ? -4.662  5.445   1.859   1.00 0.00 ? 29  LEU A HB2  1 
ATOM 440  H HB3  . LEU A 1 29  ? -6.010  4.453   1.341   1.00 0.00 ? 29  LEU A HB3  1 
ATOM 441  H HG   . LEU A 1 29  ? -4.780  3.401   -0.190  1.00 0.00 ? 29  LEU A HG   1 
ATOM 442  H HD11 . LEU A 1 29  ? -4.052  6.171   -1.063  1.00 0.00 ? 29  LEU A HD11 1 
ATOM 443  H HD12 . LEU A 1 29  ? -3.136  4.785   -1.701  1.00 0.00 ? 29  LEU A HD12 1 
ATOM 444  H HD13 . LEU A 1 29  ? -4.898  4.876   -1.944  1.00 0.00 ? 29  LEU A HD13 1 
ATOM 445  H HD21 . LEU A 1 29  ? -3.026  4.348   1.794   1.00 0.00 ? 29  LEU A HD21 1 
ATOM 446  H HD22 . LEU A 1 29  ? -2.812  2.941   0.725   1.00 0.00 ? 29  LEU A HD22 1 
ATOM 447  H HD23 . LEU A 1 29  ? -2.163  4.528   0.248   1.00 0.00 ? 29  LEU A HD23 1 
ATOM 448  N N    . LYS A 1 30  ? -8.311  6.201   0.344   1.00 0.00 ? 30  LYS A N    1 
ATOM 449  C CA   . LYS A 1 30  ? -9.617  5.939   -0.236  1.00 0.00 ? 30  LYS A CA   1 
ATOM 450  C C    . LYS A 1 30  ? -9.782  6.774   -1.508  1.00 0.00 ? 30  LYS A C    1 
ATOM 451  O O    . LYS A 1 30  ? -10.254 6.272   -2.526  1.00 0.00 ? 30  LYS A O    1 
ATOM 452  C CB   . LYS A 1 30  ? -10.720 6.171   0.798   1.00 0.00 ? 30  LYS A CB   1 
ATOM 453  C CG   . LYS A 1 30  ? -11.945 5.307   0.497   1.00 0.00 ? 30  LYS A CG   1 
ATOM 454  C CD   . LYS A 1 30  ? -12.924 6.045   -0.419  1.00 0.00 ? 30  LYS A CD   1 
ATOM 455  C CE   . LYS A 1 30  ? -12.411 6.071   -1.861  1.00 0.00 ? 30  LYS A CE   1 
ATOM 456  N NZ   . LYS A 1 30  ? -13.545 6.111   -2.813  1.00 0.00 ? 30  LYS A NZ   1 
ATOM 457  H H    . LYS A 1 30  ? -8.324  6.499   1.299   1.00 0.00 ? 30  LYS A H    1 
ATOM 458  H HA   . LYS A 1 30  ? -9.648  4.884   -0.509  1.00 0.00 ? 30  LYS A HA   1 
ATOM 459  H HB2  . LYS A 1 30  ? -10.343 5.939   1.796   1.00 0.00 ? 30  LYS A HB2  1 
ATOM 460  H HB3  . LYS A 1 30  ? -11.004 7.224   0.803   1.00 0.00 ? 30  LYS A HB3  1 
ATOM 461  H HG2  . LYS A 1 30  ? -11.632 4.377   0.026   1.00 0.00 ? 30  LYS A HG2  1 
ATOM 462  H HG3  . LYS A 1 30  ? -12.445 5.040   1.428   1.00 0.00 ? 30  LYS A HG3  1 
ATOM 463  H HD2  . LYS A 1 30  ? -13.898 5.558   -0.384  1.00 0.00 ? 30  LYS A HD2  1 
ATOM 464  H HD3  . LYS A 1 30  ? -13.065 7.065   -0.061  1.00 0.00 ? 30  LYS A HD3  1 
ATOM 465  H HE2  . LYS A 1 30  ? -11.773 6.941   -2.010  1.00 0.00 ? 30  LYS A HE2  1 
ATOM 466  H HE3  . LYS A 1 30  ? -11.800 5.189   -2.051  1.00 0.00 ? 30  LYS A HE3  1 
ATOM 467  H HZ1  . LYS A 1 30  ? -14.215 6.833   -2.575  1.00 0.00 ? 30  LYS A HZ1  1 
ATOM 468  H HZ2  . LYS A 1 30  ? -13.237 6.296   -3.761  1.00 0.00 ? 30  LYS A HZ2  1 
ATOM 469  N N    . GLN A 1 31  ? -9.383  8.033   -1.407  1.00 0.00 ? 31  GLN A N    1 
ATOM 470  C CA   . GLN A 1 31  ? -9.480  8.941   -2.536  1.00 0.00 ? 31  GLN A CA   1 
ATOM 471  C C    . GLN A 1 31  ? -8.433  8.588   -3.595  1.00 0.00 ? 31  GLN A C    1 
ATOM 472  O O    . GLN A 1 31  ? -8.656  8.791   -4.787  1.00 0.00 ? 31  GLN A O    1 
ATOM 473  C CB   . GLN A 1 31  ? -9.333  10.396  -2.085  1.00 0.00 ? 31  GLN A CB   1 
ATOM 474  C CG   . GLN A 1 31  ? -7.900  10.689  -1.635  1.00 0.00 ? 31  GLN A CG   1 
ATOM 475  C CD   . GLN A 1 31  ? -7.827  12.003  -0.855  1.00 0.00 ? 31  GLN A CD   1 
ATOM 476  O OE1  . GLN A 1 31  ? -7.443  13.040  -1.370  1.00 0.00 ? 31  GLN A OE1  1 
ATOM 477  N NE2  . GLN A 1 31  ? -8.217  11.901  0.412   1.00 0.00 ? 31  GLN A NE2  1 
ATOM 478  H H    . GLN A 1 31  ? -9.000  8.433   -0.574  1.00 0.00 ? 31  GLN A H    1 
ATOM 479  H HA   . GLN A 1 31  ? -10.481 8.794   -2.942  1.00 0.00 ? 31  GLN A HA   1 
ATOM 480  H HB2  . GLN A 1 31  ? -9.606  11.064  -2.902  1.00 0.00 ? 31  GLN A HB2  1 
ATOM 481  H HB3  . GLN A 1 31  ? -10.023 10.597  -1.265  1.00 0.00 ? 31  GLN A HB3  1 
ATOM 482  H HG2  . GLN A 1 31  ? -7.536  9.871   -1.014  1.00 0.00 ? 31  GLN A HG2  1 
ATOM 483  H HG3  . GLN A 1 31  ? -7.246  10.742  -2.506  1.00 0.00 ? 31  GLN A HG3  1 
ATOM 484  H HE21 . GLN A 1 31  ? -8.521  11.019  0.772   1.00 0.00 ? 31  GLN A HE21 1 
ATOM 485  H HE22 . GLN A 1 31  ? -8.206  12.706  1.005   1.00 0.00 ? 31  GLN A HE22 1 
ATOM 486  N N    . LYS A 1 32  ? -7.312  8.065   -3.120  1.00 0.00 ? 32  LYS A N    1 
ATOM 487  C CA   . LYS A 1 32  ? -6.229  7.682   -4.009  1.00 0.00 ? 32  LYS A CA   1 
ATOM 488  C C    . LYS A 1 32  ? -6.676  6.496   -4.868  1.00 0.00 ? 32  LYS A C    1 
ATOM 489  O O    . LYS A 1 32  ? -6.009  6.142   -5.840  1.00 0.00 ? 32  LYS A O    1 
ATOM 490  C CB   . LYS A 1 32  ? -4.950  7.416   -3.214  1.00 0.00 ? 32  LYS A CB   1 
ATOM 491  C CG   . LYS A 1 32  ? -3.852  6.845   -4.114  1.00 0.00 ? 32  LYS A CG   1 
ATOM 492  C CD   . LYS A 1 32  ? -3.395  7.879   -5.145  1.00 0.00 ? 32  LYS A CD   1 
ATOM 493  C CE   . LYS A 1 32  ? -2.207  7.356   -5.956  1.00 0.00 ? 32  LYS A CE   1 
ATOM 494  N NZ   . LYS A 1 32  ? -2.112  8.065   -7.251  1.00 0.00 ? 32  LYS A NZ   1 
ATOM 495  H H    . LYS A 1 32  ? -7.138  7.902   -2.149  1.00 0.00 ? 32  LYS A H    1 
ATOM 496  H HA   . LYS A 1 32  ? -6.031  8.528   -4.667  1.00 0.00 ? 32  LYS A HA   1 
ATOM 497  H HB2  . LYS A 1 32  ? -4.603  8.343   -2.755  1.00 0.00 ? 32  LYS A HB2  1 
ATOM 498  H HB3  . LYS A 1 32  ? -5.160  6.719   -2.403  1.00 0.00 ? 32  LYS A HB3  1 
ATOM 499  H HG2  . LYS A 1 32  ? -3.004  6.532   -3.505  1.00 0.00 ? 32  LYS A HG2  1 
ATOM 500  H HG3  . LYS A 1 32  ? -4.223  5.956   -4.625  1.00 0.00 ? 32  LYS A HG3  1 
ATOM 501  H HD2  . LYS A 1 32  ? -4.220  8.120   -5.815  1.00 0.00 ? 32  LYS A HD2  1 
ATOM 502  H HD3  . LYS A 1 32  ? -3.116  8.803   -4.639  1.00 0.00 ? 32  LYS A HD3  1 
ATOM 503  H HE2  . LYS A 1 32  ? -1.285  7.494   -5.391  1.00 0.00 ? 32  LYS A HE2  1 
ATOM 504  H HE3  . LYS A 1 32  ? -2.320  6.285   -6.128  1.00 0.00 ? 32  LYS A HE3  1 
ATOM 505  H HZ1  . LYS A 1 32  ? -3.006  8.446   -7.542  1.00 0.00 ? 32  LYS A HZ1  1 
ATOM 506  H HZ2  . LYS A 1 32  ? -1.461  8.842   -7.212  1.00 0.00 ? 32  LYS A HZ2  1 
ATOM 507  N N    . VAL A 1 33  ? -7.801  5.915   -4.479  1.00 0.00 ? 33  VAL A N    1 
ATOM 508  C CA   . VAL A 1 33  ? -8.345  4.777   -5.201  1.00 0.00 ? 33  VAL A CA   1 
ATOM 509  C C    . VAL A 1 33  ? -9.004  5.266   -6.493  1.00 0.00 ? 33  VAL A C    1 
ATOM 510  O O    . VAL A 1 33  ? -8.648  4.818   -7.582  1.00 0.00 ? 33  VAL A O    1 
ATOM 511  C CB   . VAL A 1 33  ? -9.303  3.995   -4.300  1.00 0.00 ? 33  VAL A CB   1 
ATOM 512  C CG1  . VAL A 1 33  ? -9.725  2.680   -4.958  1.00 0.00 ? 33  VAL A CG1  1 
ATOM 513  C CG2  . VAL A 1 33  ? -8.682  3.746   -2.925  1.00 0.00 ? 33  VAL A CG2  1 
ATOM 514  H H    . VAL A 1 33  ? -8.338  6.209   -3.688  1.00 0.00 ? 33  VAL A H    1 
ATOM 515  H HA   . VAL A 1 33  ? -7.512  4.122   -5.457  1.00 0.00 ? 33  VAL A HA   1 
ATOM 516  H HB   . VAL A 1 33  ? -10.199 4.601   -4.158  1.00 0.00 ? 33  VAL A HB   1 
ATOM 517  H HG11 . VAL A 1 33  ? -9.859  2.837   -6.029  1.00 0.00 ? 33  VAL A HG11 1 
ATOM 518  H HG12 . VAL A 1 33  ? -8.952  1.929   -4.796  1.00 0.00 ? 33  VAL A HG12 1 
ATOM 519  H HG13 . VAL A 1 33  ? -10.663 2.338   -4.520  1.00 0.00 ? 33  VAL A HG13 1 
ATOM 520  H HG21 . VAL A 1 33  ? -7.606  3.610   -3.031  1.00 0.00 ? 33  VAL A HG21 1 
ATOM 521  H HG22 . VAL A 1 33  ? -8.878  4.600   -2.277  1.00 0.00 ? 33  VAL A HG22 1 
ATOM 522  H HG23 . VAL A 1 33  ? -9.120  2.849   -2.486  1.00 0.00 ? 33  VAL A HG23 1 
ATOM 523  N N    . THR A 1 34  ? -9.951  6.177   -6.329  1.00 0.00 ? 34  THR A N    1 
ATOM 524  C CA   . THR A 1 34  ? -10.661 6.732   -7.469  1.00 0.00 ? 34  THR A CA   1 
ATOM 525  C C    . THR A 1 34  ? -9.671  7.255   -8.511  1.00 0.00 ? 34  THR A C    1 
ATOM 526  O O    . THR A 1 34  ? -9.853  7.041   -9.708  1.00 0.00 ? 34  THR A O    1 
ATOM 527  C CB   . THR A 1 34  ? -11.622 7.805   -6.950  1.00 0.00 ? 34  THR A CB   1 
ATOM 528  O OG1  . THR A 1 34  ? -11.857 8.637   -8.084  1.00 0.00 ? 34  THR A OG1  1 
ATOM 529  C CG2  . THR A 1 34  ? -10.963 8.738   -5.932  1.00 0.00 ? 34  THR A CG2  1 
ATOM 530  H H    . THR A 1 34  ? -10.234 6.535   -5.439  1.00 0.00 ? 34  THR A H    1 
ATOM 531  H HA   . THR A 1 34  ? -11.230 5.932   -7.942  1.00 0.00 ? 34  THR A HA   1 
ATOM 532  H HB   . THR A 1 34  ? -12.524 7.353   -6.538  1.00 0.00 ? 34  THR A HB   1 
ATOM 533  H HG1  . THR A 1 34  ? -12.839 8.767   -8.214  1.00 0.00 ? 34  THR A HG1  1 
ATOM 534  H HG21 . THR A 1 34  ? -9.896  8.523   -5.879  1.00 0.00 ? 34  THR A HG21 1 
ATOM 535  H HG22 . THR A 1 34  ? -11.109 9.773   -6.242  1.00 0.00 ? 34  THR A HG22 1 
ATOM 536  H HG23 . THR A 1 34  ? -11.416 8.585   -4.953  1.00 0.00 ? 34  THR A HG23 1 
ATOM 537  N N    . GLN A 1 35  ? -8.644  7.932   -8.017  1.00 0.00 ? 35  GLN A N    1 
ATOM 538  C CA   . GLN A 1 35  ? -7.625  8.488   -8.891  1.00 0.00 ? 35  GLN A CA   1 
ATOM 539  C C    . GLN A 1 35  ? -6.877  7.366   -9.615  1.00 0.00 ? 35  GLN A C    1 
ATOM 540  O O    . GLN A 1 35  ? -6.604  7.468   -10.810 1.00 0.00 ? 35  GLN A O    1 
ATOM 541  C CB   . GLN A 1 35  ? -6.656  9.375   -8.108  1.00 0.00 ? 35  GLN A CB   1 
ATOM 542  C CG   . GLN A 1 35  ? -7.414  10.342  -7.194  1.00 0.00 ? 35  GLN A CG   1 
ATOM 543  C CD   . GLN A 1 35  ? -6.461  11.037  -6.220  1.00 0.00 ? 35  GLN A CD   1 
ATOM 544  O OE1  . GLN A 1 35  ? -5.670  11.890  -6.586  1.00 0.00 ? 35  GLN A OE1  1 
ATOM 545  N NE2  . GLN A 1 35  ? -6.580  10.626  -4.960  1.00 0.00 ? 35  GLN A NE2  1 
ATOM 546  H H    . GLN A 1 35  ? -8.503  8.102   -7.042  1.00 0.00 ? 35  GLN A H    1 
ATOM 547  H HA   . GLN A 1 35  ? -8.165  9.099   -9.614  1.00 0.00 ? 35  GLN A HA   1 
ATOM 548  H HB2  . GLN A 1 35  ? -5.989  8.754   -7.511  1.00 0.00 ? 35  GLN A HB2  1 
ATOM 549  H HB3  . GLN A 1 35  ? -6.032  9.939   -8.801  1.00 0.00 ? 35  GLN A HB3  1 
ATOM 550  H HG2  . GLN A 1 35  ? -7.930  11.088  -7.798  1.00 0.00 ? 35  GLN A HG2  1 
ATOM 551  H HG3  . GLN A 1 35  ? -8.177  9.798   -6.637  1.00 0.00 ? 35  GLN A HG3  1 
ATOM 552  H HE21 . GLN A 1 35  ? -7.249  9.921   -4.726  1.00 0.00 ? 35  GLN A HE21 1 
ATOM 553  H HE22 . GLN A 1 35  ? -5.999  11.021  -4.249  1.00 0.00 ? 35  GLN A HE22 1 
ATOM 554  N N    . SER A 1 36  ? -6.566  6.322   -8.860  1.00 0.00 ? 36  SER A N    1 
ATOM 555  C CA   . SER A 1 36  ? -5.855  5.183   -9.415  1.00 0.00 ? 36  SER A CA   1 
ATOM 556  C C    . SER A 1 36  ? -6.812  4.320   -10.240 1.00 0.00 ? 36  SER A C    1 
ATOM 557  O O    . SER A 1 36  ? -6.381  3.573   -11.117 1.00 0.00 ? 36  SER A O    1 
ATOM 558  C CB   . SER A 1 36  ? -5.207  4.347   -8.309  1.00 0.00 ? 36  SER A CB   1 
ATOM 559  O OG   . SER A 1 36  ? -3.911  3.885   -8.680  1.00 0.00 ? 36  SER A OG   1 
ATOM 560  H H    . SER A 1 36  ? -6.791  6.248   -7.889  1.00 0.00 ? 36  SER A H    1 
ATOM 561  H HA   . SER A 1 36  ? -5.079  5.609   -10.051 1.00 0.00 ? 36  SER A HA   1 
ATOM 562  H HB2  . SER A 1 36  ? -5.133  4.943   -7.400  1.00 0.00 ? 36  SER A HB2  1 
ATOM 563  H HB3  . SER A 1 36  ? -5.844  3.493   -8.079  1.00 0.00 ? 36  SER A HB3  1 
ATOM 564  H HG   . SER A 1 36  ? -3.803  3.930   -9.673  1.00 0.00 ? 36  SER A HG   1 
ATOM 565  N N    . LEU A 1 37  ? -8.094  4.454   -9.931  1.00 0.00 ? 37  LEU A N    1 
ATOM 566  C CA   . LEU A 1 37  ? -9.116  3.695   -10.634 1.00 0.00 ? 37  LEU A CA   1 
ATOM 567  C C    . LEU A 1 37  ? -8.892  3.823   -12.142 1.00 0.00 ? 37  LEU A C    1 
ATOM 568  O O    . LEU A 1 37  ? -9.134  2.878   -12.891 1.00 0.00 ? 37  LEU A O    1 
ATOM 569  C CB   . LEU A 1 37  ? -10.511 4.129   -10.180 1.00 0.00 ? 37  LEU A CB   1 
ATOM 570  C CG   . LEU A 1 37  ? -11.365 3.048   -9.515  1.00 0.00 ? 37  LEU A CG   1 
ATOM 571  C CD1  . LEU A 1 37  ? -11.799 1.988   -10.531 1.00 0.00 ? 37  LEU A CD1  1 
ATOM 572  C CD2  . LEU A 1 37  ? -10.636 2.430   -8.319  1.00 0.00 ? 37  LEU A CD2  1 
ATOM 573  H H    . LEU A 1 37  ? -8.437  5.064   -9.217  1.00 0.00 ? 37  LEU A H    1 
ATOM 574  H HA   . LEU A 1 37  ? -8.996  2.649   -10.354 1.00 0.00 ? 37  LEU A HA   1 
ATOM 575  H HB2  . LEU A 1 37  ? -10.403 4.958   -9.482  1.00 0.00 ? 37  LEU A HB2  1 
ATOM 576  H HB3  . LEU A 1 37  ? -11.052 4.509   -11.047 1.00 0.00 ? 37  LEU A HB3  1 
ATOM 577  H HG   . LEU A 1 37  ? -12.272 3.517   -9.132  1.00 0.00 ? 37  LEU A HG   1 
ATOM 578  H HD11 . LEU A 1 37  ? -10.928 1.642   -11.088 1.00 0.00 ? 37  LEU A HD11 1 
ATOM 579  H HD12 . LEU A 1 37  ? -12.254 1.148   -10.007 1.00 0.00 ? 37  LEU A HD12 1 
ATOM 580  H HD13 . LEU A 1 37  ? -12.522 2.422   -11.221 1.00 0.00 ? 37  LEU A HD13 1 
ATOM 581  H HD21 . LEU A 1 37  ? -9.696  2.956   -8.157  1.00 0.00 ? 37  LEU A HD21 1 
ATOM 582  H HD22 . LEU A 1 37  ? -11.260 2.517   -7.430  1.00 0.00 ? 37  LEU A HD22 1 
ATOM 583  H HD23 . LEU A 1 37  ? -10.434 1.378   -8.521  1.00 0.00 ? 37  LEU A HD23 1 
ATOM 584  N N    . GLU A 1 38  ? -8.434  5.000   -12.543 1.00 0.00 ? 38  GLU A N    1 
ATOM 585  C CA   . GLU A 1 38  ? -8.175  5.264   -13.948 1.00 0.00 ? 38  GLU A CA   1 
ATOM 586  C C    . GLU A 1 38  ? -7.253  6.475   -14.100 1.00 0.00 ? 38  GLU A C    1 
ATOM 587  O O    . GLU A 1 38  ? -7.701  7.557   -14.477 1.00 0.00 ? 38  GLU A O    1 
ATOM 588  C CB   . GLU A 1 38  ? -9.481  5.468   -14.718 1.00 0.00 ? 38  GLU A CB   1 
ATOM 589  C CG   . GLU A 1 38  ? -10.141 4.127   -15.044 1.00 0.00 ? 38  GLU A CG   1 
ATOM 590  C CD   . GLU A 1 38  ? -11.196 4.287   -16.141 1.00 0.00 ? 38  GLU A CD   1 
ATOM 591  O OE1  . GLU A 1 38  ? -11.759 5.381   -16.304 1.00 0.00 ? 38  GLU A OE1  1 
ATOM 592  O OE2  . GLU A 1 38  ? -11.424 3.226   -16.837 1.00 0.00 ? 38  GLU A OE2  1 
ATOM 593  H H    . GLU A 1 38  ? -8.241  5.764   -11.927 1.00 0.00 ? 38  GLU A H    1 
ATOM 594  H HA   . GLU A 1 38  ? -7.675  4.369   -14.323 1.00 0.00 ? 38  GLU A HA   1 
ATOM 595  H HB2  . GLU A 1 38  ? -10.164 6.079   -14.127 1.00 0.00 ? 38  GLU A HB2  1 
ATOM 596  H HB3  . GLU A 1 38  ? -9.282  6.014   -15.640 1.00 0.00 ? 38  GLU A HB3  1 
ATOM 597  H HG2  . GLU A 1 38  ? -9.383  3.413   -15.367 1.00 0.00 ? 38  GLU A HG2  1 
ATOM 598  H HG3  . GLU A 1 38  ? -10.604 3.717   -14.147 1.00 0.00 ? 38  GLU A HG3  1 
ATOM 599  H HE2  . GLU A 1 38  ? -11.665 2.466   -16.234 1.00 0.00 ? 38  GLU A HE2  1 
ATOM 600  N N    . LYS A 1 39  ? -5.982  6.253   -13.798 1.00 0.00 ? 39  LYS A N    1 
ATOM 601  C CA   . LYS A 1 39  ? -4.994  7.314   -13.897 1.00 0.00 ? 39  LYS A CA   1 
ATOM 602  C C    . LYS A 1 39  ? -4.751  7.644   -15.371 1.00 0.00 ? 39  LYS A C    1 
ATOM 603  O O    . LYS A 1 39  ? -4.744  8.812   -15.756 1.00 0.00 ? 39  LYS A O    1 
ATOM 604  C CB   . LYS A 1 39  ? -3.723  6.934   -13.135 1.00 0.00 ? 39  LYS A CB   1 
ATOM 605  C CG   . LYS A 1 39  ? -2.674  8.044   -13.229 1.00 0.00 ? 39  LYS A CG   1 
ATOM 606  C CD   . LYS A 1 39  ? -2.243  8.511   -11.837 1.00 0.00 ? 39  LYS A CD   1 
ATOM 607  C CE   . LYS A 1 39  ? -1.994  10.020  -11.818 1.00 0.00 ? 39  LYS A CE   1 
ATOM 608  N NZ   . LYS A 1 39  ? -1.225  10.404  -10.613 1.00 0.00 ? 39  LYS A NZ   1 
ATOM 609  H H    . LYS A 1 39  ? -5.626  5.370   -13.493 1.00 0.00 ? 39  LYS A H    1 
ATOM 610  H HA   . LYS A 1 39  ? -5.411  8.195   -13.409 1.00 0.00 ? 39  LYS A HA   1 
ATOM 611  H HB2  . LYS A 1 39  ? -3.964  6.745   -12.088 1.00 0.00 ? 39  LYS A HB2  1 
ATOM 612  H HB3  . LYS A 1 39  ? -3.315  6.008   -13.539 1.00 0.00 ? 39  LYS A HB3  1 
ATOM 613  H HG2  . LYS A 1 39  ? -1.806  7.683   -13.781 1.00 0.00 ? 39  LYS A HG2  1 
ATOM 614  H HG3  . LYS A 1 39  ? -3.080  8.885   -13.790 1.00 0.00 ? 39  LYS A HG3  1 
ATOM 615  H HD2  . LYS A 1 39  ? -3.014  8.257   -11.110 1.00 0.00 ? 39  LYS A HD2  1 
ATOM 616  H HD3  . LYS A 1 39  ? -1.336  7.985   -11.539 1.00 0.00 ? 39  LYS A HD3  1 
ATOM 617  H HE2  . LYS A 1 39  ? -1.448  10.317  -12.714 1.00 0.00 ? 39  LYS A HE2  1 
ATOM 618  H HE3  . LYS A 1 39  ? -2.945  10.552  -11.835 1.00 0.00 ? 39  LYS A HE3  1 
ATOM 619  H HZ1  . LYS A 1 39  ? -0.563  11.148  -10.805 1.00 0.00 ? 39  LYS A HZ1  1 
ATOM 620  H HZ2  . LYS A 1 39  ? -1.828  10.732  -9.866  1.00 0.00 ? 39  LYS A HZ2  1 
ATOM 621  N N    . ASP A 1 40  ? -4.559  6.594   -16.156 1.00 0.00 ? 40  ASP A N    1 
ATOM 622  C CA   . ASP A 1 40  ? -4.317  6.757   -17.578 1.00 0.00 ? 40  ASP A CA   1 
ATOM 623  C C    . ASP A 1 40  ? -3.824  5.432   -18.164 1.00 0.00 ? 40  ASP A C    1 
ATOM 624  O O    . ASP A 1 40  ? -4.624  4.601   -18.587 1.00 0.00 ? 40  ASP A O    1 
ATOM 625  C CB   . ASP A 1 40  ? -3.243  7.817   -17.836 1.00 0.00 ? 40  ASP A CB   1 
ATOM 626  C CG   . ASP A 1 40  ? -3.773  9.233   -18.064 1.00 0.00 ? 40  ASP A CG   1 
ATOM 627  O OD1  . ASP A 1 40  ? -4.989  9.473   -18.034 1.00 0.00 ? 40  ASP A OD1  1 
ATOM 628  O OD2  . ASP A 1 40  ? -2.868  10.126  -18.285 1.00 0.00 ? 40  ASP A OD2  1 
ATOM 629  H H    . ASP A 1 40  ? -4.567  5.646   -15.834 1.00 0.00 ? 40  ASP A H    1 
ATOM 630  H HA   . ASP A 1 40  ? -5.273  7.069   -17.999 1.00 0.00 ? 40  ASP A HA   1 
ATOM 631  H HB2  . ASP A 1 40  ? -2.559  7.833   -16.987 1.00 0.00 ? 40  ASP A HB2  1 
ATOM 632  H HB3  . ASP A 1 40  ? -2.661  7.517   -18.708 1.00 0.00 ? 40  ASP A HB3  1 
ATOM 633  H HD2  . ASP A 1 40  ? -2.045  9.694   -18.656 1.00 0.00 ? 40  ASP A HD2  1 
ATOM 634  N N    . ASP A 1 41  ? -2.508  5.277   -18.168 1.00 0.00 ? 41  ASP A N    1 
ATOM 635  C CA   . ASP A 1 41  ? -1.898  4.067   -18.694 1.00 0.00 ? 41  ASP A CA   1 
ATOM 636  C C    . ASP A 1 41  ? -1.986  2.958   -17.645 1.00 0.00 ? 41  ASP A C    1 
ATOM 637  O O    . ASP A 1 41  ? -3.074  2.634   -17.169 1.00 0.00 ? 41  ASP A O    1 
ATOM 638  C CB   . ASP A 1 41  ? -0.420  4.293   -19.021 1.00 0.00 ? 41  ASP A CB   1 
ATOM 639  C CG   . ASP A 1 41  ? 0.244   3.168   -19.818 1.00 0.00 ? 41  ASP A CG   1 
ATOM 640  O OD1  . ASP A 1 41  ? -0.379  2.136   -20.107 1.00 0.00 ? 41  ASP A OD1  1 
ATOM 641  O OD2  . ASP A 1 41  ? 1.470   3.387   -20.150 1.00 0.00 ? 41  ASP A OD2  1 
ATOM 642  H H    . ASP A 1 41  ? -1.864  5.958   -17.820 1.00 0.00 ? 41  ASP A H    1 
ATOM 643  H HA   . ASP A 1 41  ? -2.462  3.833   -19.598 1.00 0.00 ? 41  ASP A HA   1 
ATOM 644  H HB2  . ASP A 1 41  ? -0.325  5.222   -19.583 1.00 0.00 ? 41  ASP A HB2  1 
ATOM 645  H HB3  . ASP A 1 41  ? 0.126   4.428   -18.088 1.00 0.00 ? 41  ASP A HB3  1 
ATOM 646  H HD2  . ASP A 1 41  ? 2.084   3.040   -19.440 1.00 0.00 ? 41  ASP A HD2  1 
ATOM 647  N N    . ILE A 1 42  ? -0.828  2.408   -17.313 1.00 0.00 ? 42  ILE A N    1 
ATOM 648  C CA   . ILE A 1 42  ? -0.761  1.341   -16.328 1.00 0.00 ? 42  ILE A CA   1 
ATOM 649  C C    . ILE A 1 42  ? 0.468   1.549   -15.440 1.00 0.00 ? 42  ILE A C    1 
ATOM 650  O O    . ILE A 1 42  ? 1.544   1.028   -15.731 1.00 0.00 ? 42  ILE A O    1 
ATOM 651  C CB   . ILE A 1 42  ? -0.800  -0.025  -17.014 1.00 0.00 ? 42  ILE A CB   1 
ATOM 652  C CG1  . ILE A 1 42  ? -2.242  -0.487  -17.234 1.00 0.00 ? 42  ILE A CG1  1 
ATOM 653  C CG2  . ILE A 1 42  ? 0.018   -1.055  -16.233 1.00 0.00 ? 42  ILE A CG2  1 
ATOM 654  C CD1  . ILE A 1 42  ? -3.084  -0.279  -15.974 1.00 0.00 ? 42  ILE A CD1  1 
ATOM 655  H H    . ILE A 1 42  ? 0.052   2.678   -17.704 1.00 0.00 ? 42  ILE A H    1 
ATOM 656  H HA   . ILE A 1 42  ? -1.653  1.415   -15.705 1.00 0.00 ? 42  ILE A HA   1 
ATOM 657  H HB   . ILE A 1 42  ? -0.340  0.073   -17.997 1.00 0.00 ? 42  ILE A HB   1 
ATOM 658  H HG12 . ILE A 1 42  ? -2.682  0.066   -18.064 1.00 0.00 ? 42  ILE A HG12 1 
ATOM 659  H HG13 . ILE A 1 42  ? -2.252  -1.541  -17.513 1.00 0.00 ? 42  ILE A HG13 1 
ATOM 660  H HG21 . ILE A 1 42  ? 0.952   -0.601  -15.901 1.00 0.00 ? 42  ILE A HG21 1 
ATOM 661  H HG22 . ILE A 1 42  ? -0.551  -1.390  -15.365 1.00 0.00 ? 42  ILE A HG22 1 
ATOM 662  H HG23 . ILE A 1 42  ? 0.236   -1.909  -16.875 1.00 0.00 ? 42  ILE A HG23 1 
ATOM 663  H HD11 . ILE A 1 42  ? -2.566  -0.710  -15.117 1.00 0.00 ? 42  ILE A HD11 1 
ATOM 664  H HD12 . ILE A 1 42  ? -3.233  0.788   -15.808 1.00 0.00 ? 42  ILE A HD12 1 
ATOM 665  H HD13 . ILE A 1 42  ? -4.051  -0.766  -16.098 1.00 0.00 ? 42  ILE A HD13 1 
ATOM 666  N N    . ARG A 1 43  ? 0.267   2.312   -14.376 1.00 0.00 ? 43  ARG A N    1 
ATOM 667  C CA   . ARG A 1 43  ? 1.346   2.594   -13.443 1.00 0.00 ? 43  ARG A CA   1 
ATOM 668  C C    . ARG A 1 43  ? 1.505   1.439   -12.451 1.00 0.00 ? 43  ARG A C    1 
ATOM 669  O O    . ARG A 1 43  ? 0.922   0.371   -12.638 1.00 0.00 ? 43  ARG A O    1 
ATOM 670  C CB   . ARG A 1 43  ? 1.083   3.888   -12.671 1.00 0.00 ? 43  ARG A CB   1 
ATOM 671  C CG   . ARG A 1 43  ? 1.750   5.081   -13.357 1.00 0.00 ? 43  ARG A CG   1 
ATOM 672  C CD   . ARG A 1 43  ? 1.947   4.814   -14.851 1.00 0.00 ? 43  ARG A CD   1 
ATOM 673  N NE   . ARG A 1 43  ? 1.583   6.018   -15.632 1.00 0.00 ? 43  ARG A NE   1 
ATOM 674  C CZ   . ARG A 1 43  ? 2.161   6.365   -16.801 1.00 0.00 ? 43  ARG A CZ   1 
ATOM 675  N NH1  . ARG A 1 43  ? 3.139   5.603   -17.334 1.00 0.00 ? 43  ARG A NH1  1 
ATOM 676  N NH2  . ARG A 1 43  ? 1.757   7.462   -17.414 1.00 0.00 ? 43  ARG A NH2  1 
ATOM 677  H H    . ARG A 1 43  ? -0.610  2.733   -14.147 1.00 0.00 ? 43  ARG A H    1 
ATOM 678  H HA   . ARG A 1 43  ? 2.234   2.699   -14.067 1.00 0.00 ? 43  ARG A HA   1 
ATOM 679  H HB2  . ARG A 1 43  ? 0.009   4.059   -12.598 1.00 0.00 ? 43  ARG A HB2  1 
ATOM 680  H HB3  . ARG A 1 43  ? 1.460   3.791   -11.653 1.00 0.00 ? 43  ARG A HB3  1 
ATOM 681  H HG2  . ARG A 1 43  ? 1.138   5.972   -13.220 1.00 0.00 ? 43  ARG A HG2  1 
ATOM 682  H HG3  . ARG A 1 43  ? 2.714   5.281   -12.889 1.00 0.00 ? 43  ARG A HG3  1 
ATOM 683  H HD2  . ARG A 1 43  ? 2.986   4.545   -15.046 1.00 0.00 ? 43  ARG A HD2  1 
ATOM 684  H HD3  . ARG A 1 43  ? 1.335   3.969   -15.161 1.00 0.00 ? 43  ARG A HD3  1 
ATOM 685  H HE   . ARG A 1 43  ? 0.862   6.609   -15.271 1.00 0.00 ? 43  ARG A HE   1 
ATOM 686  H HH11 . ARG A 1 43  ? 3.440   4.774   -16.863 1.00 0.00 ? 43  ARG A HH11 1 
ATOM 687  H HH12 . ARG A 1 43  ? 3.564   5.868   -18.200 1.00 0.00 ? 43  ARG A HH12 1 
ATOM 688  H HH21 . ARG A 1 43  ? 2.133   7.789   -18.281 1.00 0.00 ? 43  ARG A HH21 1 
ATOM 689  N N    . HIS A 1 44  ? 2.296   1.692   -11.420 1.00 0.00 ? 44  HIS A N    1 
ATOM 690  C CA   . HIS A 1 44  ? 2.539   0.688   -10.399 1.00 0.00 ? 44  HIS A CA   1 
ATOM 691  C C    . HIS A 1 44  ? 2.400   1.320   -9.013  1.00 0.00 ? 44  HIS A C    1 
ATOM 692  O O    . HIS A 1 44  ? 2.509   2.537   -8.867  1.00 0.00 ? 44  HIS A O    1 
ATOM 693  C CB   . HIS A 1 44  ? 3.897   0.016   -10.610 1.00 0.00 ? 44  HIS A CB   1 
ATOM 694  C CG   . HIS A 1 44  ? 3.985   -0.808  -11.872 1.00 0.00 ? 44  HIS A CG   1 
ATOM 695  N ND1  . HIS A 1 44  ? 2.984   -1.674  -12.274 1.00 0.00 ? 44  HIS A ND1  1 
ATOM 696  C CD2  . HIS A 1 44  ? 4.965   -0.886  -12.818 1.00 0.00 ? 44  HIS A CD2  1 
ATOM 697  C CE1  . HIS A 1 44  ? 3.355   -2.245  -13.411 1.00 0.00 ? 44  HIS A CE1  1 
ATOM 698  N NE2  . HIS A 1 44  ? 4.583   -1.754  -13.746 1.00 0.00 ? 44  HIS A NE2  1 
ATOM 699  H H    . HIS A 1 44  ? 2.766   2.563   -11.275 1.00 0.00 ? 44  HIS A H    1 
ATOM 700  H HA   . HIS A 1 44  ? 1.769   -0.074  -10.520 1.00 0.00 ? 44  HIS A HA   1 
ATOM 701  H HB2  . HIS A 1 44  ? 4.671   0.783   -10.633 1.00 0.00 ? 44  HIS A HB2  1 
ATOM 702  H HB3  . HIS A 1 44  ? 4.110   -0.626  -9.754  1.00 0.00 ? 44  HIS A HB3  1 
ATOM 703  H HD1  . HIS A 1 44  ? 2.126   -1.842  -11.788 1.00 0.00 ? 44  HIS A HD1  1 
ATOM 704  H HD2  . HIS A 1 44  ? 5.902   -0.330  -12.813 1.00 0.00 ? 44  HIS A HD2  1 
ATOM 705  H HE1  . HIS A 1 44  ? 2.779   -2.976  -13.979 1.00 0.00 ? 44  HIS A HE1  1 
ATOM 706  N N    . ILE A 1 45  ? 2.160   0.466   -8.029  1.00 0.00 ? 45  ILE A N    1 
ATOM 707  C CA   . ILE A 1 45  ? 2.003   0.927   -6.660  1.00 0.00 ? 45  ILE A CA   1 
ATOM 708  C C    . ILE A 1 45  ? 3.289   0.642   -5.880  1.00 0.00 ? 45  ILE A C    1 
ATOM 709  O O    . ILE A 1 45  ? 4.064   -0.236  -6.254  1.00 0.00 ? 45  ILE A O    1 
ATOM 710  C CB   . ILE A 1 45  ? 0.753   0.313   -6.027  1.00 0.00 ? 45  ILE A CB   1 
ATOM 711  C CG1  . ILE A 1 45  ? 0.943   -1.185  -5.777  1.00 0.00 ? 45  ILE A CG1  1 
ATOM 712  C CG2  . ILE A 1 45  ? -0.488  0.599   -6.876  1.00 0.00 ? 45  ILE A CG2  1 
ATOM 713  C CD1  . ILE A 1 45  ? 2.297   -1.661  -6.306  1.00 0.00 ? 45  ILE A CD1  1 
ATOM 714  H H    . ILE A 1 45  ? 2.072   -0.522  -8.154  1.00 0.00 ? 45  ILE A H    1 
ATOM 715  H HA   . ILE A 1 45  ? 1.851   2.005   -6.693  1.00 0.00 ? 45  ILE A HA   1 
ATOM 716  H HB   . ILE A 1 45  ? 0.594   0.784   -5.056  1.00 0.00 ? 45  ILE A HB   1 
ATOM 717  H HG12 . ILE A 1 45  ? 0.873   -1.391  -4.709  1.00 0.00 ? 45  ILE A HG12 1 
ATOM 718  H HG13 . ILE A 1 45  ? 0.142   -1.743  -6.262  1.00 0.00 ? 45  ILE A HG13 1 
ATOM 719  H HG21 . ILE A 1 45  ? -0.445  1.622   -7.249  1.00 0.00 ? 45  ILE A HG21 1 
ATOM 720  H HG22 . ILE A 1 45  ? -0.520  -0.094  -7.717  1.00 0.00 ? 45  ILE A HG22 1 
ATOM 721  H HG23 . ILE A 1 45  ? -1.383  0.472   -6.266  1.00 0.00 ? 45  ILE A HG23 1 
ATOM 722  H HD11 . ILE A 1 45  ? 3.090   -1.044  -5.882  1.00 0.00 ? 45  ILE A HD11 1 
ATOM 723  H HD12 . ILE A 1 45  ? 2.454   -2.701  -6.021  1.00 0.00 ? 45  ILE A HD12 1 
ATOM 724  H HD13 . ILE A 1 45  ? 2.313   -1.576  -7.393  1.00 0.00 ? 45  ILE A HD13 1 
ATOM 725  N N    . VAL A 1 46  ? 3.475   1.402   -4.811  1.00 0.00 ? 46  VAL A N    1 
ATOM 726  C CA   . VAL A 1 46  ? 4.652   1.242   -3.975  1.00 0.00 ? 46  VAL A CA   1 
ATOM 727  C C    . VAL A 1 46  ? 4.416   1.930   -2.630  1.00 0.00 ? 46  VAL A C    1 
ATOM 728  O O    . VAL A 1 46  ? 4.837   3.068   -2.427  1.00 0.00 ? 46  VAL A O    1 
ATOM 729  C CB   . VAL A 1 46  ? 5.889   1.770   -4.706  1.00 0.00 ? 46  VAL A CB   1 
ATOM 730  C CG1  . VAL A 1 46  ? 6.810   2.529   -3.749  1.00 0.00 ? 46  VAL A CG1  1 
ATOM 731  C CG2  . VAL A 1 46  ? 6.640   0.633   -5.405  1.00 0.00 ? 46  VAL A CG2  1 
ATOM 732  H H    . VAL A 1 46  ? 2.840   2.115   -4.514  1.00 0.00 ? 46  VAL A H    1 
ATOM 733  H HA   . VAL A 1 46  ? 4.792   0.175   -3.803  1.00 0.00 ? 46  VAL A HA   1 
ATOM 734  H HB   . VAL A 1 46  ? 5.553   2.468   -5.472  1.00 0.00 ? 46  VAL A HB   1 
ATOM 735  H HG11 . VAL A 1 46  ? 6.751   2.081   -2.757  1.00 0.00 ? 46  VAL A HG11 1 
ATOM 736  H HG12 . VAL A 1 46  ? 7.837   2.473   -4.113  1.00 0.00 ? 46  VAL A HG12 1 
ATOM 737  H HG13 . VAL A 1 46  ? 6.500   3.572   -3.696  1.00 0.00 ? 46  VAL A HG13 1 
ATOM 738  H HG21 . VAL A 1 46  ? 6.850   -0.158  -4.686  1.00 0.00 ? 46  VAL A HG21 1 
ATOM 739  H HG22 . VAL A 1 46  ? 6.026   0.237   -6.213  1.00 0.00 ? 46  VAL A HG22 1 
ATOM 740  H HG23 . VAL A 1 46  ? 7.576   1.014   -5.812  1.00 0.00 ? 46  VAL A HG23 1 
ATOM 741  N N    . LEU A 1 47  ? 3.742   1.212   -1.744  1.00 0.00 ? 47  LEU A N    1 
ATOM 742  C CA   . LEU A 1 47  ? 3.443   1.739   -0.423  1.00 0.00 ? 47  LEU A CA   1 
ATOM 743  C C    . LEU A 1 47  ? 4.649   1.520   0.493   1.00 0.00 ? 47  LEU A C    1 
ATOM 744  O O    . LEU A 1 47  ? 5.453   0.618   0.263   1.00 0.00 ? 47  LEU A O    1 
ATOM 745  C CB   . LEU A 1 47  ? 2.145   1.133   0.115   1.00 0.00 ? 47  LEU A CB   1 
ATOM 746  C CG   . LEU A 1 47  ? 0.859   1.571   -0.589  1.00 0.00 ? 47  LEU A CG   1 
ATOM 747  C CD1  . LEU A 1 47  ? 0.890   3.068   -0.906  1.00 0.00 ? 47  LEU A CD1  1 
ATOM 748  C CD2  . LEU A 1 47  ? 0.600   0.725   -1.837  1.00 0.00 ? 47  LEU A CD2  1 
ATOM 749  H H    . LEU A 1 47  ? 3.403   0.286   -1.916  1.00 0.00 ? 47  LEU A H    1 
ATOM 750  H HA   . LEU A 1 47  ? 3.279   2.811   -0.530  1.00 0.00 ? 47  LEU A HA   1 
ATOM 751  H HB2  . LEU A 1 47  ? 2.219   0.048   0.049   1.00 0.00 ? 47  LEU A HB2  1 
ATOM 752  H HB3  . LEU A 1 47  ? 2.061   1.383   1.173   1.00 0.00 ? 47  LEU A HB3  1 
ATOM 753  H HG   . LEU A 1 47  ? 0.024   1.405   0.092   1.00 0.00 ? 47  LEU A HG   1 
ATOM 754  H HD11 . LEU A 1 47  ? 1.903   3.358   -1.188  1.00 0.00 ? 47  LEU A HD11 1 
ATOM 755  H HD12 . LEU A 1 47  ? 0.209   3.279   -1.730  1.00 0.00 ? 47  LEU A HD12 1 
ATOM 756  H HD13 . LEU A 1 47  ? 0.582   3.633   -0.026  1.00 0.00 ? 47  LEU A HD13 1 
ATOM 757  H HD21 . LEU A 1 47  ? 1.533   0.593   -2.385  1.00 0.00 ? 47  LEU A HD21 1 
ATOM 758  H HD22 . LEU A 1 47  ? 0.209   -0.248  -1.542  1.00 0.00 ? 47  LEU A HD22 1 
ATOM 759  H HD23 . LEU A 1 47  ? -0.126  1.231   -2.474  1.00 0.00 ? 47  LEU A HD23 1 
ATOM 760  N N    . ASN A 1 48  ? 4.738   2.362   1.512   1.00 0.00 ? 48  ASN A N    1 
ATOM 761  C CA   . ASN A 1 48  ? 5.832   2.272   2.463   1.00 0.00 ? 48  ASN A CA   1 
ATOM 762  C C    . ASN A 1 48  ? 5.627   3.310   3.570   1.00 0.00 ? 48  ASN A C    1 
ATOM 763  O O    . ASN A 1 48  ? 5.863   4.499   3.362   1.00 0.00 ? 48  ASN A O    1 
ATOM 764  C CB   . ASN A 1 48  ? 7.174   2.561   1.788   1.00 0.00 ? 48  ASN A CB   1 
ATOM 765  C CG   . ASN A 1 48  ? 7.290   4.039   1.408   1.00 0.00 ? 48  ASN A CG   1 
ATOM 766  O OD1  . ASN A 1 48  ? 6.665   4.908   1.993   1.00 0.00 ? 48  ASN A OD1  1 
ATOM 767  N ND2  . ASN A 1 48  ? 8.125   4.274   0.400   1.00 0.00 ? 48  ASN A ND2  1 
ATOM 768  H H    . ASN A 1 48  ? 4.080   3.093   1.692   1.00 0.00 ? 48  ASN A H    1 
ATOM 769  H HA   . ASN A 1 48  ? 5.801   1.251   2.840   1.00 0.00 ? 48  ASN A HA   1 
ATOM 770  H HB2  . ASN A 1 48  ? 7.989   2.290   2.459   1.00 0.00 ? 48  ASN A HB2  1 
ATOM 771  H HB3  . ASN A 1 48  ? 7.277   1.944   0.896   1.00 0.00 ? 48  ASN A HB3  1 
ATOM 772  H HD21 . ASN A 1 48  ? 8.608   3.515   -0.036  1.00 0.00 ? 48  ASN A HD21 1 
ATOM 773  H HD22 . ASN A 1 48  ? 8.269   5.210   0.078   1.00 0.00 ? 48  ASN A HD22 1 
ATOM 774  N N    . LEU A 1 49  ? 5.189   2.822   4.721   1.00 0.00 ? 49  LEU A N    1 
ATOM 775  C CA   . LEU A 1 49  ? 4.949   3.692   5.860   1.00 0.00 ? 49  LEU A CA   1 
ATOM 776  C C    . LEU A 1 49  ? 6.089   3.532   6.867   1.00 0.00 ? 49  LEU A C    1 
ATOM 777  O O    . LEU A 1 49  ? 6.359   2.426   7.333   1.00 0.00 ? 49  LEU A O    1 
ATOM 778  C CB   . LEU A 1 49  ? 3.563   3.429   6.453   1.00 0.00 ? 49  LEU A CB   1 
ATOM 779  C CG   . LEU A 1 49  ? 3.122   4.375   7.572   1.00 0.00 ? 49  LEU A CG   1 
ATOM 780  C CD1  . LEU A 1 49  ? 1.630   4.694   7.463   1.00 0.00 ? 49  LEU A CD1  1 
ATOM 781  C CD2  . LEU A 1 49  ? 3.488   3.806   8.945   1.00 0.00 ? 49  LEU A CD2  1 
ATOM 782  H H    . LEU A 1 49  ? 4.998   1.853   4.882   1.00 0.00 ? 49  LEU A H    1 
ATOM 783  H HA   . LEU A 1 49  ? 4.953   4.718   5.493   1.00 0.00 ? 49  LEU A HA   1 
ATOM 784  H HB2  . LEU A 1 49  ? 2.830   3.482   5.648   1.00 0.00 ? 49  LEU A HB2  1 
ATOM 785  H HB3  . LEU A 1 49  ? 3.542   2.409   6.836   1.00 0.00 ? 49  LEU A HB3  1 
ATOM 786  H HG   . LEU A 1 49  ? 3.662   5.314   7.458   1.00 0.00 ? 49  LEU A HG   1 
ATOM 787  H HD11 . LEU A 1 49  ? 1.224   4.235   6.562   1.00 0.00 ? 49  LEU A HD11 1 
ATOM 788  H HD12 . LEU A 1 49  ? 1.109   4.301   8.336   1.00 0.00 ? 49  LEU A HD12 1 
ATOM 789  H HD13 . LEU A 1 49  ? 1.493   5.774   7.414   1.00 0.00 ? 49  LEU A HD13 1 
ATOM 790  H HD21 . LEU A 1 49  ? 3.896   2.803   8.826   1.00 0.00 ? 49  LEU A HD21 1 
ATOM 791  H HD22 . LEU A 1 49  ? 4.234   4.447   9.417   1.00 0.00 ? 49  LEU A HD22 1 
ATOM 792  H HD23 . LEU A 1 49  ? 2.597   3.765   9.571   1.00 0.00 ? 49  LEU A HD23 1 
ATOM 793  N N    . GLU A 1 50  ? 6.728   4.652   7.173   1.00 0.00 ? 50  GLU A N    1 
ATOM 794  C CA   . GLU A 1 50  ? 7.833   4.650   8.116   1.00 0.00 ? 50  GLU A CA   1 
ATOM 795  C C    . GLU A 1 50  ? 7.346   5.070   9.505   1.00 0.00 ? 50  GLU A C    1 
ATOM 796  O O    . GLU A 1 50  ? 8.015   4.815   10.504  1.00 0.00 ? 50  GLU A O    1 
ATOM 797  C CB   . GLU A 1 50  ? 8.967   5.557   7.634   1.00 0.00 ? 50  GLU A CB   1 
ATOM 798  C CG   . GLU A 1 50  ? 10.280  4.780   7.523   1.00 0.00 ? 50  GLU A CG   1 
ATOM 799  C CD   . GLU A 1 50  ? 11.266  5.212   8.610   1.00 0.00 ? 50  GLU A CD   1 
ATOM 800  O OE1  . GLU A 1 50  ? 10.852  5.768   9.638   1.00 0.00 ? 50  GLU A OE1  1 
ATOM 801  O OE2  . GLU A 1 50  ? 12.505  4.951   8.359   1.00 0.00 ? 50  GLU A OE2  1 
ATOM 802  H H    . GLU A 1 50  ? 6.502   5.547   6.788   1.00 0.00 ? 50  GLU A H    1 
ATOM 803  H HA   . GLU A 1 50  ? 8.187   3.619   8.145   1.00 0.00 ? 50  GLU A HA   1 
ATOM 804  H HB2  . GLU A 1 50  ? 8.710   5.984   6.665   1.00 0.00 ? 50  GLU A HB2  1 
ATOM 805  H HB3  . GLU A 1 50  ? 9.090   6.390   8.326   1.00 0.00 ? 50  GLU A HB3  1 
ATOM 806  H HG2  . GLU A 1 50  ? 10.084  3.712   7.610   1.00 0.00 ? 50  GLU A HG2  1 
ATOM 807  H HG3  . GLU A 1 50  ? 10.722  4.945   6.540   1.00 0.00 ? 50  GLU A HG3  1 
ATOM 808  H HE2  . GLU A 1 50  ? 13.096  5.582   8.860   1.00 0.00 ? 50  GLU A HE2  1 
ATOM 809  N N    . ASP A 1 51  ? 6.185   5.708   9.522   1.00 0.00 ? 51  ASP A N    1 
ATOM 810  C CA   . ASP A 1 51  ? 5.602   6.167   10.770  1.00 0.00 ? 51  ASP A CA   1 
ATOM 811  C C    . ASP A 1 51  ? 4.402   5.285   11.123  1.00 0.00 ? 51  ASP A C    1 
ATOM 812  O O    . ASP A 1 51  ? 3.261   5.744   11.101  1.00 0.00 ? 51  ASP A O    1 
ATOM 813  C CB   . ASP A 1 51  ? 5.107   7.610   10.650  1.00 0.00 ? 51  ASP A CB   1 
ATOM 814  C CG   . ASP A 1 51  ? 4.392   8.153   11.888  1.00 0.00 ? 51  ASP A CG   1 
ATOM 815  O OD1  . ASP A 1 51  ? 3.202   7.884   12.108  1.00 0.00 ? 51  ASP A OD1  1 
ATOM 816  O OD2  . ASP A 1 51  ? 5.117   8.893   12.657  1.00 0.00 ? 51  ASP A OD2  1 
ATOM 817  H H    . ASP A 1 51  ? 5.646   5.911   8.703   1.00 0.00 ? 51  ASP A H    1 
ATOM 818  H HA   . ASP A 1 51  ? 6.403   6.093   11.505  1.00 0.00 ? 51  ASP A HA   1 
ATOM 819  H HB2  . ASP A 1 51  ? 5.961   8.252   10.431  1.00 0.00 ? 51  ASP A HB2  1 
ATOM 820  H HB3  . ASP A 1 51  ? 4.431   7.677   9.799   1.00 0.00 ? 51  ASP A HB3  1 
ATOM 821  H HD2  . ASP A 1 51  ? 5.665   8.320   13.266  1.00 0.00 ? 51  ASP A HD2  1 
ATOM 822  N N    . LEU A 1 52  ? 4.701   4.033   11.438  1.00 0.00 ? 52  LEU A N    1 
ATOM 823  C CA   . LEU A 1 52  ? 3.661   3.082   11.795  1.00 0.00 ? 52  LEU A CA   1 
ATOM 824  C C    . LEU A 1 52  ? 3.453   3.106   13.311  1.00 0.00 ? 52  LEU A C    1 
ATOM 825  O O    . LEU A 1 52  ? 4.362   2.776   14.070  1.00 0.00 ? 52  LEU A O    1 
ATOM 826  C CB   . LEU A 1 52  ? 3.991   1.696   11.240  1.00 0.00 ? 52  LEU A CB   1 
ATOM 827  C CG   . LEU A 1 52  ? 2.886   0.643   11.364  1.00 0.00 ? 52  LEU A CG   1 
ATOM 828  C CD1  . LEU A 1 52  ? 2.289   0.639   12.772  1.00 0.00 ? 52  LEU A CD1  1 
ATOM 829  C CD2  . LEU A 1 52  ? 1.816   0.843   10.289  1.00 0.00 ? 52  LEU A CD2  1 
ATOM 830  H H    . LEU A 1 52  ? 5.631   3.668   11.454  1.00 0.00 ? 52  LEU A H    1 
ATOM 831  H HA   . LEU A 1 52  ? 2.739   3.411   11.314  1.00 0.00 ? 52  LEU A HA   1 
ATOM 832  H HB2  . LEU A 1 52  ? 4.249   1.800   10.187  1.00 0.00 ? 52  LEU A HB2  1 
ATOM 833  H HB3  . LEU A 1 52  ? 4.879   1.322   11.752  1.00 0.00 ? 52  LEU A HB3  1 
ATOM 834  H HG   . LEU A 1 52  ? 3.330   -0.338  11.199  1.00 0.00 ? 52  LEU A HG   1 
ATOM 835  H HD11 . LEU A 1 52  ? 3.072   0.854   13.500  1.00 0.00 ? 52  LEU A HD11 1 
ATOM 836  H HD12 . LEU A 1 52  ? 1.512   1.400   12.841  1.00 0.00 ? 52  LEU A HD12 1 
ATOM 837  H HD13 . LEU A 1 52  ? 1.858   -0.340  12.982  1.00 0.00 ? 52  LEU A HD13 1 
ATOM 838  H HD21 . LEU A 1 52  ? 1.507   1.888   10.273  1.00 0.00 ? 52  LEU A HD21 1 
ATOM 839  H HD22 . LEU A 1 52  ? 2.224   0.570   9.315   1.00 0.00 ? 52  LEU A HD22 1 
ATOM 840  H HD23 . LEU A 1 52  ? 0.956   0.213   10.511  1.00 0.00 ? 52  LEU A HD23 1 
ATOM 841  N N    . SER A 1 53  ? 2.250   3.497   13.704  1.00 0.00 ? 53  SER A N    1 
ATOM 842  C CA   . SER A 1 53  ? 1.911   3.568   15.116  1.00 0.00 ? 53  SER A CA   1 
ATOM 843  C C    . SER A 1 53  ? 0.664   2.727   15.397  1.00 0.00 ? 53  SER A C    1 
ATOM 844  O O    . SER A 1 53  ? 0.767   1.539   15.697  1.00 0.00 ? 53  SER A O    1 
ATOM 845  C CB   . SER A 1 53  ? 1.685   5.016   15.555  1.00 0.00 ? 53  SER A CB   1 
ATOM 846  O OG   . SER A 1 53  ? 0.995   5.094   16.800  1.00 0.00 ? 53  SER A OG   1 
ATOM 847  H H    . SER A 1 53  ? 1.516   3.763   13.079  1.00 0.00 ? 53  SER A H    1 
ATOM 848  H HA   . SER A 1 53  ? 2.774   3.159   15.640  1.00 0.00 ? 53  SER A HA   1 
ATOM 849  H HB2  . SER A 1 53  ? 2.647   5.523   15.642  1.00 0.00 ? 53  SER A HB2  1 
ATOM 850  H HB3  . SER A 1 53  ? 1.115   5.542   14.791  1.00 0.00 ? 53  SER A HB3  1 
ATOM 851  H HG   . SER A 1 53  ? 1.099   6.008   17.192  1.00 0.00 ? 53  SER A HG   1 
ATOM 852  N N    . PHE A 1 54  ? -0.486  3.377   15.289  1.00 0.00 ? 54  PHE A N    1 
ATOM 853  C CA   . PHE A 1 54  ? -1.751  2.705   15.527  1.00 0.00 ? 54  PHE A CA   1 
ATOM 854  C C    . PHE A 1 54  ? -1.963  1.565   14.529  1.00 0.00 ? 54  PHE A C    1 
ATOM 855  O O    . PHE A 1 54  ? -1.901  0.393   14.897  1.00 0.00 ? 54  PHE A O    1 
ATOM 856  C CB   . PHE A 1 54  ? -2.855  3.747   15.336  1.00 0.00 ? 54  PHE A CB   1 
ATOM 857  C CG   . PHE A 1 54  ? -4.272  3.182   15.460  1.00 0.00 ? 54  PHE A CG   1 
ATOM 858  C CD1  . PHE A 1 54  ? -4.672  2.598   16.621  1.00 0.00 ? 54  PHE A CD1  1 
ATOM 859  C CD2  . PHE A 1 54  ? -5.131  3.265   14.408  1.00 0.00 ? 54  PHE A CD2  1 
ATOM 860  C CE1  . PHE A 1 54  ? -5.987  2.074   16.735  1.00 0.00 ? 54  PHE A CE1  1 
ATOM 861  C CE2  . PHE A 1 54  ? -6.446  2.742   14.524  1.00 0.00 ? 54  PHE A CE2  1 
ATOM 862  C CZ   . PHE A 1 54  ? -6.846  2.157   15.685  1.00 0.00 ? 54  PHE A CZ   1 
ATOM 863  H H    . PHE A 1 54  ? -0.561  4.344   15.045  1.00 0.00 ? 54  PHE A H    1 
ATOM 864  H HA   . PHE A 1 54  ? -1.716  2.298   16.539  1.00 0.00 ? 54  PHE A HA   1 
ATOM 865  H HB2  . PHE A 1 54  ? -2.725  4.539   16.073  1.00 0.00 ? 54  PHE A HB2  1 
ATOM 866  H HB3  . PHE A 1 54  ? -2.742  4.204   14.353  1.00 0.00 ? 54  PHE A HB3  1 
ATOM 867  H HD1  . PHE A 1 54  ? -3.983  2.532   17.463  1.00 0.00 ? 54  PHE A HD1  1 
ATOM 868  H HD2  . PHE A 1 54  ? -4.810  3.734   13.478  1.00 0.00 ? 54  PHE A HD2  1 
ATOM 869  H HE1  . PHE A 1 54  ? -6.307  1.606   17.666  1.00 0.00 ? 54  PHE A HE1  1 
ATOM 870  H HE2  . PHE A 1 54  ? -7.134  2.808   13.681  1.00 0.00 ? 54  PHE A HE2  1 
ATOM 871  H HZ   . PHE A 1 54  ? -7.855  1.755   15.773  1.00 0.00 ? 54  PHE A HZ   1 
ATOM 872  N N    . MET A 1 55  ? -2.209  1.949   13.286  1.00 0.00 ? 55  MET A N    1 
ATOM 873  C CA   . MET A 1 55  ? -2.432  0.974   12.231  1.00 0.00 ? 55  MET A CA   1 
ATOM 874  C C    . MET A 1 55  ? -3.314  -0.175  12.725  1.00 0.00 ? 55  MET A C    1 
ATOM 875  O O    . MET A 1 55  ? -2.810  -1.170  13.242  1.00 0.00 ? 55  MET A O    1 
ATOM 876  C CB   . MET A 1 55  ? -1.087  0.419   11.757  1.00 0.00 ? 55  MET A CB   1 
ATOM 877  C CG   . MET A 1 55  ? -1.246  -0.996  11.195  1.00 0.00 ? 55  MET A CG   1 
ATOM 878  S SD   . MET A 1 55  ? -0.569  -2.187  12.339  1.00 0.00 ? 55  MET A SD   1 
ATOM 879  C CE   . MET A 1 55  ? -0.418  -1.166  13.795  1.00 0.00 ? 55  MET A CE   1 
ATOM 880  H H    . MET A 1 55  ? -2.257  2.905   12.994  1.00 0.00 ? 55  MET A H    1 
ATOM 881  H HA   . MET A 1 55  ? -2.941  1.516   11.434  1.00 0.00 ? 55  MET A HA   1 
ATOM 882  H HB2  . MET A 1 55  ? -0.669  1.073   10.991  1.00 0.00 ? 55  MET A HB2  1 
ATOM 883  H HB3  . MET A 1 55  ? -0.382  0.407   12.587  1.00 0.00 ? 55  MET A HB3  1 
ATOM 884  H HG2  . MET A 1 55  ? -2.300  -1.208  11.016  1.00 0.00 ? 55  MET A HG2  1 
ATOM 885  H HG3  . MET A 1 55  ? -0.737  -1.073  10.234  1.00 0.00 ? 55  MET A HG3  1 
ATOM 886  H HE1  . MET A 1 55  ? 0.012   -0.202  13.521  1.00 0.00 ? 55  MET A HE1  1 
ATOM 887  H HE2  . MET A 1 55  ? -1.403  -1.013  14.235  1.00 0.00 ? 55  MET A HE2  1 
ATOM 888  H HE3  . MET A 1 55  ? 0.231   -1.659  14.520  1.00 0.00 ? 55  MET A HE3  1 
ATOM 889  N N    . ASP A 1 56  ? -4.614  0.002   12.547  1.00 0.00 ? 56  ASP A N    1 
ATOM 890  C CA   . ASP A 1 56  ? -5.570  -1.008  12.967  1.00 0.00 ? 56  ASP A CA   1 
ATOM 891  C C    . ASP A 1 56  ? -6.170  -1.683  11.732  1.00 0.00 ? 56  ASP A C    1 
ATOM 892  O O    . ASP A 1 56  ? -5.566  -1.674  10.661  1.00 0.00 ? 56  ASP A O    1 
ATOM 893  C CB   . ASP A 1 56  ? -6.716  -0.383  13.767  1.00 0.00 ? 56  ASP A CB   1 
ATOM 894  C CG   . ASP A 1 56  ? -7.397  -1.324  14.763  1.00 0.00 ? 56  ASP A CG   1 
ATOM 895  O OD1  . ASP A 1 56  ? -7.332  -2.554  14.627  1.00 0.00 ? 56  ASP A OD1  1 
ATOM 896  O OD2  . ASP A 1 56  ? -8.025  -0.737  15.726  1.00 0.00 ? 56  ASP A OD2  1 
ATOM 897  H H    . ASP A 1 56  ? -5.016  0.814   12.125  1.00 0.00 ? 56  ASP A H    1 
ATOM 898  H HA   . ASP A 1 56  ? -5.002  -1.702  13.586  1.00 0.00 ? 56  ASP A HA   1 
ATOM 899  H HB2  . ASP A 1 56  ? -6.330  0.480   14.311  1.00 0.00 ? 56  ASP A HB2  1 
ATOM 900  H HB3  . ASP A 1 56  ? -7.466  -0.012  13.070  1.00 0.00 ? 56  ASP A HB3  1 
ATOM 901  H HD2  . ASP A 1 56  ? -7.527  0.084   16.008  1.00 0.00 ? 56  ASP A HD2  1 
ATOM 902  N N    . SER A 1 57  ? -7.352  -2.251  11.923  1.00 0.00 ? 57  SER A N    1 
ATOM 903  C CA   . SER A 1 57  ? -8.040  -2.929  10.837  1.00 0.00 ? 57  SER A CA   1 
ATOM 904  C C    . SER A 1 57  ? -8.988  -1.958  10.130  1.00 0.00 ? 57  SER A C    1 
ATOM 905  O O    . SER A 1 57  ? -9.903  -2.381  9.425   1.00 0.00 ? 57  SER A O    1 
ATOM 906  C CB   . SER A 1 57  ? -8.813  -4.147  11.349  1.00 0.00 ? 57  SER A CB   1 
ATOM 907  O OG   . SER A 1 57  ? -10.143 -3.810  11.736  1.00 0.00 ? 57  SER A OG   1 
ATOM 908  H H    . SER A 1 57  ? -7.837  -2.253  12.797  1.00 0.00 ? 57  SER A H    1 
ATOM 909  H HA   . SER A 1 57  ? -7.254  -3.259  10.158  1.00 0.00 ? 57  SER A HA   1 
ATOM 910  H HB2  . SER A 1 57  ? -8.843  -4.911  10.573  1.00 0.00 ? 57  SER A HB2  1 
ATOM 911  H HB3  . SER A 1 57  ? -8.287  -4.578  12.201  1.00 0.00 ? 57  SER A HB3  1 
ATOM 912  H HG   . SER A 1 57  ? -10.248 -3.915  12.724  1.00 0.00 ? 57  SER A HG   1 
ATOM 913  N N    . SER A 1 58  ? -8.736  -0.675  10.343  1.00 0.00 ? 58  SER A N    1 
ATOM 914  C CA   . SER A 1 58  ? -9.555  0.359   9.735   1.00 0.00 ? 58  SER A CA   1 
ATOM 915  C C    . SER A 1 58  ? -9.189  0.516   8.258   1.00 0.00 ? 58  SER A C    1 
ATOM 916  O O    . SER A 1 58  ? -10.068 0.562   7.398   1.00 0.00 ? 58  SER A O    1 
ATOM 917  C CB   . SER A 1 58  ? -9.390  1.694   10.466  1.00 0.00 ? 58  SER A CB   1 
ATOM 918  O OG   . SER A 1 58  ? -8.971  1.514   11.817  1.00 0.00 ? 58  SER A OG   1 
ATOM 919  H H    . SER A 1 58  ? -7.990  -0.340  10.918  1.00 0.00 ? 58  SER A H    1 
ATOM 920  H HA   . SER A 1 58  ? -10.583 0.012   9.840   1.00 0.00 ? 58  SER A HA   1 
ATOM 921  H HB2  . SER A 1 58  ? -8.661  2.309   9.939   1.00 0.00 ? 58  SER A HB2  1 
ATOM 922  H HB3  . SER A 1 58  ? -10.336 2.235   10.449  1.00 0.00 ? 58  SER A HB3  1 
ATOM 923  H HG   . SER A 1 58  ? -9.697  1.804   12.441  1.00 0.00 ? 58  SER A HG   1 
ATOM 924  N N    . GLY A 1 59  ? -7.890  0.593   8.007   1.00 0.00 ? 59  GLY A N    1 
ATOM 925  C CA   . GLY A 1 59  ? -7.398  0.743   6.649   1.00 0.00 ? 59  GLY A CA   1 
ATOM 926  C C    . GLY A 1 59  ? -7.028  -0.614  6.047   1.00 0.00 ? 59  GLY A C    1 
ATOM 927  O O    . GLY A 1 59  ? -6.757  -0.714  4.852   1.00 0.00 ? 59  GLY A O    1 
ATOM 928  H H    . GLY A 1 59  ? -7.182  0.555   8.712   1.00 0.00 ? 59  GLY A H    1 
ATOM 929  H HA2  . GLY A 1 59  ? -8.158  1.223   6.033   1.00 0.00 ? 59  GLY A HA2  1 
ATOM 930  H HA3  . GLY A 1 59  ? -6.525  1.396   6.644   1.00 0.00 ? 59  GLY A HA3  1 
ATOM 931  N N    . LEU A 1 60  ? -7.030  -1.626  6.903   1.00 0.00 ? 60  LEU A N    1 
ATOM 932  C CA   . LEU A 1 60  ? -6.699  -2.972  6.471   1.00 0.00 ? 60  LEU A CA   1 
ATOM 933  C C    . LEU A 1 60  ? -7.507  -3.315  5.217   1.00 0.00 ? 60  LEU A C    1 
ATOM 934  O O    . LEU A 1 60  ? -6.965  -3.848  4.251   1.00 0.00 ? 60  LEU A O    1 
ATOM 935  C CB   . LEU A 1 60  ? -6.893  -3.967  7.618   1.00 0.00 ? 60  LEU A CB   1 
ATOM 936  C CG   . LEU A 1 60  ? -5.794  -5.017  7.789   1.00 0.00 ? 60  LEU A CG   1 
ATOM 937  C CD1  . LEU A 1 60  ? -6.089  -6.261  6.948   1.00 0.00 ? 60  LEU A CD1  1 
ATOM 938  C CD2  . LEU A 1 60  ? -4.418  -4.426  7.475   1.00 0.00 ? 60  LEU A CD2  1 
ATOM 939  H H    . LEU A 1 60  ? -7.252  -1.536  7.874   1.00 0.00 ? 60  LEU A H    1 
ATOM 940  H HA   . LEU A 1 60  ? -5.641  -2.981  6.213   1.00 0.00 ? 60  LEU A HA   1 
ATOM 941  H HB2  . LEU A 1 60  ? -6.980  -3.405  8.548   1.00 0.00 ? 60  LEU A HB2  1 
ATOM 942  H HB3  . LEU A 1 60  ? -7.842  -4.483  7.468   1.00 0.00 ? 60  LEU A HB3  1 
ATOM 943  H HG   . LEU A 1 60  ? -5.780  -5.330  8.833   1.00 0.00 ? 60  LEU A HG   1 
ATOM 944  H HD11 . LEU A 1 60  ? -7.166  -6.377  6.837   1.00 0.00 ? 60  LEU A HD11 1 
ATOM 945  H HD12 . LEU A 1 60  ? -5.633  -6.150  5.964   1.00 0.00 ? 60  LEU A HD12 1 
ATOM 946  H HD13 . LEU A 1 60  ? -5.676  -7.139  7.443   1.00 0.00 ? 60  LEU A HD13 1 
ATOM 947  H HD21 . LEU A 1 60  ? -4.487  -3.338  7.448   1.00 0.00 ? 60  LEU A HD21 1 
ATOM 948  H HD22 . LEU A 1 60  ? -3.710  -4.725  8.248   1.00 0.00 ? 60  LEU A HD22 1 
ATOM 949  H HD23 . LEU A 1 60  ? -4.077  -4.793  6.508   1.00 0.00 ? 60  LEU A HD23 1 
ATOM 950  N N    . GLY A 1 61  ? -8.791  -2.993  5.275   1.00 0.00 ? 61  GLY A N    1 
ATOM 951  C CA   . GLY A 1 61  ? -9.679  -3.259  4.155   1.00 0.00 ? 61  GLY A CA   1 
ATOM 952  C C    . GLY A 1 61  ? -9.464  -2.244  3.031   1.00 0.00 ? 61  GLY A C    1 
ATOM 953  O O    . GLY A 1 61  ? -9.595  -2.577  1.855   1.00 0.00 ? 61  GLY A O    1 
ATOM 954  H H    . GLY A 1 61  ? -9.226  -2.560  6.064   1.00 0.00 ? 61  GLY A H    1 
ATOM 955  H HA2  . GLY A 1 61  ? -9.503  -4.267  3.778   1.00 0.00 ? 61  GLY A HA2  1 
ATOM 956  H HA3  . GLY A 1 61  ? -10.715 -3.222  4.492   1.00 0.00 ? 61  GLY A HA3  1 
ATOM 957  N N    . VAL A 1 62  ? -9.139  -1.024  3.434   1.00 0.00 ? 62  VAL A N    1 
ATOM 958  C CA   . VAL A 1 62  ? -8.903  0.043   2.476   1.00 0.00 ? 62  VAL A CA   1 
ATOM 959  C C    . VAL A 1 62  ? -7.708  -0.324  1.595   1.00 0.00 ? 62  VAL A C    1 
ATOM 960  O O    . VAL A 1 62  ? -7.585  0.167   0.473   1.00 0.00 ? 62  VAL A O    1 
ATOM 961  C CB   . VAL A 1 62  ? -8.722  1.374   3.208   1.00 0.00 ? 62  VAL A CB   1 
ATOM 962  C CG1  . VAL A 1 62  ? -7.268  1.846   3.134   1.00 0.00 ? 62  VAL A CG1  1 
ATOM 963  C CG2  . VAL A 1 62  ? -9.673  2.438   2.658   1.00 0.00 ? 62  VAL A CG2  1 
ATOM 964  H H    . VAL A 1 62  ? -9.035  -0.761  4.393   1.00 0.00 ? 62  VAL A H    1 
ATOM 965  H HA   . VAL A 1 62  ? -9.791  0.122   1.847   1.00 0.00 ? 62  VAL A HA   1 
ATOM 966  H HB   . VAL A 1 62  ? -8.968  1.215   4.258   1.00 0.00 ? 62  VAL A HB   1 
ATOM 967  H HG11 . VAL A 1 62  ? -6.613  0.985   3.006   1.00 0.00 ? 62  VAL A HG11 1 
ATOM 968  H HG12 . VAL A 1 62  ? -7.150  2.523   2.287   1.00 0.00 ? 62  VAL A HG12 1 
ATOM 969  H HG13 . VAL A 1 62  ? -7.009  2.368   4.055   1.00 0.00 ? 62  VAL A HG13 1 
ATOM 970  H HG21 . VAL A 1 62  ? -9.584  2.478   1.571   1.00 0.00 ? 62  VAL A HG21 1 
ATOM 971  H HG22 . VAL A 1 62  ? -10.698 2.184   2.928   1.00 0.00 ? 62  VAL A HG22 1 
ATOM 972  H HG23 . VAL A 1 62  ? -9.416  3.409   3.080   1.00 0.00 ? 62  VAL A HG23 1 
ATOM 973  N N    . ILE A 1 63  ? -6.856  -1.182  2.136   1.00 0.00 ? 63  ILE A N    1 
ATOM 974  C CA   . ILE A 1 63  ? -5.673  -1.617  1.414   1.00 0.00 ? 63  ILE A CA   1 
ATOM 975  C C    . ILE A 1 63  ? -5.987  -2.915  0.666   1.00 0.00 ? 63  ILE A C    1 
ATOM 976  O O    . ILE A 1 63  ? -5.517  -3.121  -0.452  1.00 0.00 ? 63  ILE A O    1 
ATOM 977  C CB   . ILE A 1 63  ? -4.477  -1.728  2.361   1.00 0.00 ? 63  ILE A CB   1 
ATOM 978  C CG1  . ILE A 1 63  ? -3.800  -0.369  2.551   1.00 0.00 ? 63  ILE A CG1  1 
ATOM 979  C CG2  . ILE A 1 63  ? -3.493  -2.797  1.881   1.00 0.00 ? 63  ILE A CG2  1 
ATOM 980  C CD1  . ILE A 1 63  ? -3.795  0.040   4.025   1.00 0.00 ? 63  ILE A CD1  1 
ATOM 981  H H    . ILE A 1 63  ? -6.964  -1.576  3.049   1.00 0.00 ? 63  ILE A H    1 
ATOM 982  H HA   . ILE A 1 63  ? -5.434  -0.846  0.682   1.00 0.00 ? 63  ILE A HA   1 
ATOM 983  H HB   . ILE A 1 63  ? -4.843  -2.045  3.338   1.00 0.00 ? 63  ILE A HB   1 
ATOM 984  H HG12 . ILE A 1 63  ? -2.776  -0.414  2.179   1.00 0.00 ? 63  ILE A HG12 1 
ATOM 985  H HG13 . ILE A 1 63  ? -4.321  0.385   1.961   1.00 0.00 ? 63  ILE A HG13 1 
ATOM 986  H HG21 . ILE A 1 63  ? -4.002  -3.758  1.817   1.00 0.00 ? 63  ILE A HG21 1 
ATOM 987  H HG22 . ILE A 1 63  ? -3.111  -2.523  0.897   1.00 0.00 ? 63  ILE A HG22 1 
ATOM 988  H HG23 . ILE A 1 63  ? -2.664  -2.870  2.584   1.00 0.00 ? 63  ILE A HG23 1 
ATOM 989  H HD11 . ILE A 1 63  ? -4.710  -0.310  4.502   1.00 0.00 ? 63  ILE A HD11 1 
ATOM 990  H HD12 . ILE A 1 63  ? -2.933  -0.404  4.523   1.00 0.00 ? 63  ILE A HD12 1 
ATOM 991  H HD13 . ILE A 1 63  ? -3.738  1.126   4.100   1.00 0.00 ? 63  ILE A HD13 1 
ATOM 992  N N    . LEU A 1 64  ? -6.779  -3.758  1.313   1.00 0.00 ? 64  LEU A N    1 
ATOM 993  C CA   . LEU A 1 64  ? -7.162  -5.029  0.723   1.00 0.00 ? 64  LEU A CA   1 
ATOM 994  C C    . LEU A 1 64  ? -8.129  -4.778  -0.435  1.00 0.00 ? 64  LEU A C    1 
ATOM 995  O O    . LEU A 1 64  ? -8.030  -5.418  -1.481  1.00 0.00 ? 64  LEU A O    1 
ATOM 996  C CB   . LEU A 1 64  ? -7.714  -5.972  1.794   1.00 0.00 ? 64  LEU A CB   1 
ATOM 997  C CG   . LEU A 1 64  ? -7.340  -7.448  1.646   1.00 0.00 ? 64  LEU A CG   1 
ATOM 998  C CD1  . LEU A 1 64  ? -6.006  -7.746  2.332   1.00 0.00 ? 64  LEU A CD1  1 
ATOM 999  C CD2  . LEU A 1 64  ? -8.463  -8.352  2.159   1.00 0.00 ? 64  LEU A CD2  1 
ATOM 1000 H H    . LEU A 1 64  ? -7.156  -3.583  2.223   1.00 0.00 ? 64  LEU A H    1 
ATOM 1001 H HA   . LEU A 1 64  ? -6.257  -5.489  0.325   1.00 0.00 ? 64  LEU A HA   1 
ATOM 1002 H HB2  . LEU A 1 64  ? -7.370  -5.624  2.768   1.00 0.00 ? 64  LEU A HB2  1 
ATOM 1003 H HB3  . LEU A 1 64  ? -8.802  -5.891  1.794   1.00 0.00 ? 64  LEU A HB3  1 
ATOM 1004 H HG   . LEU A 1 64  ? -7.212  -7.663  0.586   1.00 0.00 ? 64  LEU A HG   1 
ATOM 1005 H HD11 . LEU A 1 64  ? -5.392  -6.845  2.339   1.00 0.00 ? 64  LEU A HD11 1 
ATOM 1006 H HD12 . LEU A 1 64  ? -6.188  -8.068  3.357   1.00 0.00 ? 64  LEU A HD12 1 
ATOM 1007 H HD13 . LEU A 1 64  ? -5.487  -8.535  1.789   1.00 0.00 ? 64  LEU A HD13 1 
ATOM 1008 H HD21 . LEU A 1 64  ? -9.285  -7.737  2.527   1.00 0.00 ? 64  LEU A HD21 1 
ATOM 1009 H HD22 . LEU A 1 64  ? -8.818  -8.986  1.346   1.00 0.00 ? 64  LEU A HD22 1 
ATOM 1010 H HD23 . LEU A 1 64  ? -8.085  -8.976  2.969   1.00 0.00 ? 64  LEU A HD23 1 
ATOM 1011 N N    . GLY A 1 65  ? -9.042  -3.845  -0.209  1.00 0.00 ? 65  GLY A N    1 
ATOM 1012 C CA   . GLY A 1 65  ? -10.029 -3.503  -1.221  1.00 0.00 ? 65  GLY A CA   1 
ATOM 1013 C C    . GLY A 1 65  ? -9.362  -2.880  -2.449  1.00 0.00 ? 65  GLY A C    1 
ATOM 1014 O O    . GLY A 1 65  ? -9.945  -2.857  -3.532  1.00 0.00 ? 65  GLY A O    1 
ATOM 1015 H H    . GLY A 1 65  ? -9.116  -3.330  0.644   1.00 0.00 ? 65  GLY A H    1 
ATOM 1016 H HA2  . GLY A 1 65  ? -10.578 -4.398  -1.515  1.00 0.00 ? 65  GLY A HA2  1 
ATOM 1017 H HA3  . GLY A 1 65  ? -10.756 -2.806  -0.803  1.00 0.00 ? 65  GLY A HA3  1 
ATOM 1018 N N    . ARG A 1 66  ? -8.149  -2.391  -2.238  1.00 0.00 ? 66  ARG A N    1 
ATOM 1019 C CA   . ARG A 1 66  ? -7.395  -1.770  -3.315  1.00 0.00 ? 66  ARG A CA   1 
ATOM 1020 C C    . ARG A 1 66  ? -6.617  -2.829  -4.098  1.00 0.00 ? 66  ARG A C    1 
ATOM 1021 O O    . ARG A 1 66  ? -6.503  -2.743  -5.319  1.00 0.00 ? 66  ARG A O    1 
ATOM 1022 C CB   . ARG A 1 66  ? -6.418  -0.726  -2.771  1.00 0.00 ? 66  ARG A CB   1 
ATOM 1023 C CG   . ARG A 1 66  ? -6.769  0.673   -3.283  1.00 0.00 ? 66  ARG A CG   1 
ATOM 1024 C CD   . ARG A 1 66  ? -5.751  1.707   -2.796  1.00 0.00 ? 66  ARG A CD   1 
ATOM 1025 N NE   . ARG A 1 66  ? -4.377  1.203   -3.010  1.00 0.00 ? 66  ARG A NE   1 
ATOM 1026 C CZ   . ARG A 1 66  ? -3.329  1.985   -3.345  1.00 0.00 ? 66  ARG A CZ   1 
ATOM 1027 N NH1  . ARG A 1 66  ? -3.490  3.316   -3.507  1.00 0.00 ? 66  ARG A NH1  1 
ATOM 1028 N NH2  . ARG A 1 66  ? -2.143  1.428   -3.513  1.00 0.00 ? 66  ARG A NH2  1 
ATOM 1029 H H    . ARG A 1 66  ? -7.681  -2.414  -1.354  1.00 0.00 ? 66  ARG A H    1 
ATOM 1030 H HA   . ARG A 1 66  ? -8.149  -1.293  -3.941  1.00 0.00 ? 66  ARG A HA   1 
ATOM 1031 H HB2  . ARG A 1 66  ? -6.439  -0.734  -1.681  1.00 0.00 ? 66  ARG A HB2  1 
ATOM 1032 H HB3  . ARG A 1 66  ? -5.402  -0.982  -3.072  1.00 0.00 ? 66  ARG A HB3  1 
ATOM 1033 H HG2  . ARG A 1 66  ? -6.797  0.669   -4.372  1.00 0.00 ? 66  ARG A HG2  1 
ATOM 1034 H HG3  . ARG A 1 66  ? -7.767  0.949   -2.939  1.00 0.00 ? 66  ARG A HG3  1 
ATOM 1035 H HD2  . ARG A 1 66  ? -5.891  2.646   -3.330  1.00 0.00 ? 66  ARG A HD2  1 
ATOM 1036 H HD3  . ARG A 1 66  ? -5.910  1.915   -1.737  1.00 0.00 ? 66  ARG A HD3  1 
ATOM 1037 H HE   . ARG A 1 66  ? -4.215  0.222   -2.901  1.00 0.00 ? 66  ARG A HE   1 
ATOM 1038 H HH11 . ARG A 1 66  ? -4.391  3.729   -3.378  1.00 0.00 ? 66  ARG A HH11 1 
ATOM 1039 H HH12 . ARG A 1 66  ? -2.707  3.887   -3.755  1.00 0.00 ? 66  ARG A HH12 1 
ATOM 1040 H HH21 . ARG A 1 66  ? -1.318  1.936   -3.760  1.00 0.00 ? 66  ARG A HH21 1 
ATOM 1041 N N    . TYR A 1 67  ? -6.101  -3.802  -3.362  1.00 0.00 ? 67  TYR A N    1 
ATOM 1042 C CA   . TYR A 1 67  ? -5.336  -4.876  -3.973  1.00 0.00 ? 67  TYR A CA   1 
ATOM 1043 C C    . TYR A 1 67  ? -6.051  -5.425  -5.209  1.00 0.00 ? 67  TYR A C    1 
ATOM 1044 O O    . TYR A 1 67  ? -5.424  -5.657  -6.241  1.00 0.00 ? 67  TYR A O    1 
ATOM 1045 C CB   . TYR A 1 67  ? -5.245  -5.981  -2.919  1.00 0.00 ? 67  TYR A CB   1 
ATOM 1046 C CG   . TYR A 1 67  ? -3.939  -6.778  -2.964  1.00 0.00 ? 67  TYR A CG   1 
ATOM 1047 C CD1  . TYR A 1 67  ? -2.846  -6.353  -2.237  1.00 0.00 ? 67  TYR A CD1  1 
ATOM 1048 C CD2  . TYR A 1 67  ? -3.855  -7.921  -3.732  1.00 0.00 ? 67  TYR A CD2  1 
ATOM 1049 C CE1  . TYR A 1 67  ? -1.617  -7.103  -2.280  1.00 0.00 ? 67  TYR A CE1  1 
ATOM 1050 C CE2  . TYR A 1 67  ? -2.626  -8.672  -3.775  1.00 0.00 ? 67  TYR A CE2  1 
ATOM 1051 C CZ   . TYR A 1 67  ? -1.568  -8.225  -3.046  1.00 0.00 ? 67  TYR A CZ   1 
ATOM 1052 O OH   . TYR A 1 67  ? -0.407  -8.934  -3.087  1.00 0.00 ? 67  TYR A OH   1 
ATOM 1053 H H    . TYR A 1 67  ? -6.198  -3.864  -2.369  1.00 0.00 ? 67  TYR A H    1 
ATOM 1054 H HA   . TYR A 1 67  ? -4.368  -4.472  -4.272  1.00 0.00 ? 67  TYR A HA   1 
ATOM 1055 H HB2  . TYR A 1 67  ? -5.351  -5.535  -1.930  1.00 0.00 ? 67  TYR A HB2  1 
ATOM 1056 H HB3  . TYR A 1 67  ? -6.081  -6.666  -3.052  1.00 0.00 ? 67  TYR A HB3  1 
ATOM 1057 H HD1  . TYR A 1 67  ? -2.912  -5.449  -1.631  1.00 0.00 ? 67  TYR A HD1  1 
ATOM 1058 H HD2  . TYR A 1 67  ? -4.718  -8.257  -4.306  1.00 0.00 ? 67  TYR A HD2  1 
ATOM 1059 H HE1  . TYR A 1 67  ? -0.746  -6.779  -1.711  1.00 0.00 ? 67  TYR A HE1  1 
ATOM 1060 H HE2  . TYR A 1 67  ? -2.547  -9.576  -4.377  1.00 0.00 ? 67  TYR A HE2  1 
ATOM 1061 H HH   . TYR A 1 67  ? 0.205   -8.547  -3.776  1.00 0.00 ? 67  TYR A HH   1 
ATOM 1062 N N    . LYS A 1 68  ? -7.355  -5.616  -5.063  1.00 0.00 ? 68  LYS A N    1 
ATOM 1063 C CA   . LYS A 1 68  ? -8.161  -6.133  -6.155  1.00 0.00 ? 68  LYS A CA   1 
ATOM 1064 C C    . LYS A 1 68  ? -8.579  -4.978  -7.067  1.00 0.00 ? 68  LYS A C    1 
ATOM 1065 O O    . LYS A 1 68  ? -9.030  -5.201  -8.190  1.00 0.00 ? 68  LYS A O    1 
ATOM 1066 C CB   . LYS A 1 68  ? -9.340  -6.945  -5.612  1.00 0.00 ? 68  LYS A CB   1 
ATOM 1067 C CG   . LYS A 1 68  ? -8.934  -7.733  -4.365  1.00 0.00 ? 68  LYS A CG   1 
ATOM 1068 C CD   . LYS A 1 68  ? -8.795  -9.224  -4.681  1.00 0.00 ? 68  LYS A CD   1 
ATOM 1069 C CE   . LYS A 1 68  ? -10.161 -9.856  -4.956  1.00 0.00 ? 68  LYS A CE   1 
ATOM 1070 N NZ   . LYS A 1 68  ? -10.003 -11.253 -5.419  1.00 0.00 ? 68  LYS A NZ   1 
ATOM 1071 H H    . LYS A 1 68  ? -7.857  -5.423  -4.220  1.00 0.00 ? 68  LYS A H    1 
ATOM 1072 H HA   . LYS A 1 68  ? -7.535  -6.817  -6.728  1.00 0.00 ? 68  LYS A HA   1 
ATOM 1073 H HB2  . LYS A 1 68  ? -10.166 -6.276  -5.371  1.00 0.00 ? 68  LYS A HB2  1 
ATOM 1074 H HB3  . LYS A 1 68  ? -9.698  -7.630  -6.380  1.00 0.00 ? 68  LYS A HB3  1 
ATOM 1075 H HG2  . LYS A 1 68  ? -7.989  -7.351  -3.980  1.00 0.00 ? 68  LYS A HG2  1 
ATOM 1076 H HG3  . LYS A 1 68  ? -9.679  -7.592  -3.583  1.00 0.00 ? 68  LYS A HG3  1 
ATOM 1077 H HD2  . LYS A 1 68  ? -8.148  -9.358  -5.548  1.00 0.00 ? 68  LYS A HD2  1 
ATOM 1078 H HD3  . LYS A 1 68  ? -8.316  -9.734  -3.845  1.00 0.00 ? 68  LYS A HD3  1 
ATOM 1079 H HE2  . LYS A 1 68  ? -10.768 -9.832  -4.051  1.00 0.00 ? 68  LYS A HE2  1 
ATOM 1080 H HE3  . LYS A 1 68  ? -10.692 -9.275  -5.711  1.00 0.00 ? 68  LYS A HE3  1 
ATOM 1081 H HZ1  . LYS A 1 68  ? -9.582  -11.843 -4.709  1.00 0.00 ? 68  LYS A HZ1  1 
ATOM 1082 H HZ2  . LYS A 1 68  ? -10.892 -11.675 -5.662  1.00 0.00 ? 68  LYS A HZ2  1 
ATOM 1083 N N    . GLN A 1 69  ? -8.414  -3.769  -6.550  1.00 0.00 ? 69  GLN A N    1 
ATOM 1084 C CA   . GLN A 1 69  ? -8.767  -2.579  -7.305  1.00 0.00 ? 69  GLN A CA   1 
ATOM 1085 C C    . GLN A 1 69  ? -7.571  -2.099  -8.130  1.00 0.00 ? 69  GLN A C    1 
ATOM 1086 O O    . GLN A 1 69  ? -7.740  -1.584  -9.234  1.00 0.00 ? 69  GLN A O    1 
ATOM 1087 C CB   . GLN A 1 69  ? -9.273  -1.472  -6.378  1.00 0.00 ? 69  GLN A CB   1 
ATOM 1088 C CG   . GLN A 1 69  ? -10.511 -0.790  -6.963  1.00 0.00 ? 69  GLN A CG   1 
ATOM 1089 C CD   . GLN A 1 69  ? -11.787 -1.301  -6.290  1.00 0.00 ? 69  GLN A CD   1 
ATOM 1090 O OE1  . GLN A 1 69  ? -11.863 -2.421  -5.813  1.00 0.00 ? 69  GLN A OE1  1 
ATOM 1091 N NE2  . GLN A 1 69  ? -12.782 -0.418  -6.277  1.00 0.00 ? 69  GLN A NE2  1 
ATOM 1092 H H    . GLN A 1 69  ? -8.047  -3.597  -5.637  1.00 0.00 ? 69  GLN A H    1 
ATOM 1093 H HA   . GLN A 1 69  ? -9.575  -2.885  -7.969  1.00 0.00 ? 69  GLN A HA   1 
ATOM 1094 H HB2  . GLN A 1 69  ? -9.512  -1.891  -5.401  1.00 0.00 ? 69  GLN A HB2  1 
ATOM 1095 H HB3  . GLN A 1 69  ? -8.485  -0.734  -6.223  1.00 0.00 ? 69  GLN A HB3  1 
ATOM 1096 H HG2  . GLN A 1 69  ? -10.433 0.289   -6.830  1.00 0.00 ? 69  GLN A HG2  1 
ATOM 1097 H HG3  . GLN A 1 69  ? -10.561 -0.976  -8.036  1.00 0.00 ? 69  GLN A HG3  1 
ATOM 1098 H HE21 . GLN A 1 69  ? -12.655 0.486   -6.686  1.00 0.00 ? 69  GLN A HE21 1 
ATOM 1099 H HE22 . GLN A 1 69  ? -13.659 -0.659  -5.860  1.00 0.00 ? 69  GLN A HE22 1 
ATOM 1100 N N    . ILE A 1 70  ? -6.388  -2.285  -7.562  1.00 0.00 ? 70  ILE A N    1 
ATOM 1101 C CA   . ILE A 1 70  ? -5.164  -1.877  -8.231  1.00 0.00 ? 70  ILE A CA   1 
ATOM 1102 C C    . ILE A 1 70  ? -4.887  -2.825  -9.400  1.00 0.00 ? 70  ILE A C    1 
ATOM 1103 O O    . ILE A 1 70  ? -4.391  -2.401  -10.443 1.00 0.00 ? 70  ILE A O    1 
ATOM 1104 C CB   . ILE A 1 70  ? -4.013  -1.783  -7.229  1.00 0.00 ? 70  ILE A CB   1 
ATOM 1105 C CG1  . ILE A 1 70  ? -2.793  -1.103  -7.857  1.00 0.00 ? 70  ILE A CG1  1 
ATOM 1106 C CG2  . ILE A 1 70  ? -3.669  -3.159  -6.656  1.00 0.00 ? 70  ILE A CG2  1 
ATOM 1107 C CD1  . ILE A 1 70  ? -3.109  0.343   -8.242  1.00 0.00 ? 70  ILE A CD1  1 
ATOM 1108 H H    . ILE A 1 70  ? -6.259  -2.705  -6.664  1.00 0.00 ? 70  ILE A H    1 
ATOM 1109 H HA   . ILE A 1 70  ? -5.328  -0.875  -8.629  1.00 0.00 ? 70  ILE A HA   1 
ATOM 1110 H HB   . ILE A 1 70  ? -4.334  -1.158  -6.396  1.00 0.00 ? 70  ILE A HB   1 
ATOM 1111 H HG12 . ILE A 1 70  ? -1.960  -1.123  -7.156  1.00 0.00 ? 70  ILE A HG12 1 
ATOM 1112 H HG13 . ILE A 1 70  ? -2.479  -1.659  -8.741  1.00 0.00 ? 70  ILE A HG13 1 
ATOM 1113 H HG21 . ILE A 1 70  ? -3.788  -3.915  -7.432  1.00 0.00 ? 70  ILE A HG21 1 
ATOM 1114 H HG22 . ILE A 1 70  ? -2.639  -3.160  -6.302  1.00 0.00 ? 70  ILE A HG22 1 
ATOM 1115 H HG23 . ILE A 1 70  ? -4.338  -3.383  -5.825  1.00 0.00 ? 70  ILE A HG23 1 
ATOM 1116 H HD11 . ILE A 1 70  ? -4.189  0.491   -8.243  1.00 0.00 ? 70  ILE A HD11 1 
ATOM 1117 H HD12 . ILE A 1 70  ? -2.649  1.019   -7.523  1.00 0.00 ? 70  ILE A HD12 1 
ATOM 1118 H HD13 . ILE A 1 70  ? -2.714  0.548   -9.238  1.00 0.00 ? 70  ILE A HD13 1 
ATOM 1119 N N    . LYS A 1 71  ? -5.219  -4.089  -9.186  1.00 0.00 ? 71  LYS A N    1 
ATOM 1120 C CA   . LYS A 1 71  ? -5.012  -5.100  -10.209 1.00 0.00 ? 71  LYS A CA   1 
ATOM 1121 C C    . LYS A 1 71  ? -6.091  -4.958  -11.286 1.00 0.00 ? 71  LYS A C    1 
ATOM 1122 O O    . LYS A 1 71  ? -5.925  -5.445  -12.403 1.00 0.00 ? 71  LYS A O    1 
ATOM 1123 C CB   . LYS A 1 71  ? -4.950  -6.493  -9.582  1.00 0.00 ? 71  LYS A CB   1 
ATOM 1124 C CG   . LYS A 1 71  ? -3.545  -7.088  -9.703  1.00 0.00 ? 71  LYS A CG   1 
ATOM 1125 C CD   . LYS A 1 71  ? -3.602  -8.614  -9.797  1.00 0.00 ? 71  LYS A CD   1 
ATOM 1126 C CE   . LYS A 1 71  ? -2.887  -9.113  -11.054 1.00 0.00 ? 71  LYS A CE   1 
ATOM 1127 N NZ   . LYS A 1 71  ? -3.469  -10.396 -11.508 1.00 0.00 ? 71  LYS A NZ   1 
ATOM 1128 H H    . LYS A 1 71  ? -5.621  -4.426  -8.336  1.00 0.00 ? 71  LYS A H    1 
ATOM 1129 H HA   . LYS A 1 71  ? -4.041  -4.909  -10.666 1.00 0.00 ? 71  LYS A HA   1 
ATOM 1130 H HB2  . LYS A 1 71  ? -5.233  -6.436  -8.531  1.00 0.00 ? 71  LYS A HB2  1 
ATOM 1131 H HB3  . LYS A 1 71  ? -5.671  -7.149  -10.070 1.00 0.00 ? 71  LYS A HB3  1 
ATOM 1132 H HG2  . LYS A 1 71  ? -3.052  -6.684  -10.588 1.00 0.00 ? 71  LYS A HG2  1 
ATOM 1133 H HG3  . LYS A 1 71  ? -2.946  -6.795  -8.842  1.00 0.00 ? 71  LYS A HG3  1 
ATOM 1134 H HD2  . LYS A 1 71  ? -3.142  -9.053  -8.913  1.00 0.00 ? 71  LYS A HD2  1 
ATOM 1135 H HD3  . LYS A 1 71  ? -4.641  -8.943  -9.812  1.00 0.00 ? 71  LYS A HD3  1 
ATOM 1136 H HE2  . LYS A 1 71  ? -2.968  -8.369  -11.846 1.00 0.00 ? 71  LYS A HE2  1 
ATOM 1137 H HE3  . LYS A 1 71  ? -1.824  -9.243  -10.846 1.00 0.00 ? 71  LYS A HE3  1 
ATOM 1138 H HZ1  . LYS A 1 71  ? -4.040  -10.829 -10.790 1.00 0.00 ? 71  LYS A HZ1  1 
ATOM 1139 H HZ2  . LYS A 1 71  ? -4.062  -10.276 -12.322 1.00 0.00 ? 71  LYS A HZ2  1 
ATOM 1140 N N    . GLN A 1 72  ? -7.171  -4.289  -10.911 1.00 0.00 ? 72  GLN A N    1 
ATOM 1141 C CA   . GLN A 1 72  ? -8.276  -4.077  -11.830 1.00 0.00 ? 72  GLN A CA   1 
ATOM 1142 C C    . GLN A 1 72  ? -7.859  -3.119  -12.949 1.00 0.00 ? 72  GLN A C    1 
ATOM 1143 O O    . GLN A 1 72  ? -8.507  -3.056  -13.992 1.00 0.00 ? 72  GLN A O    1 
ATOM 1144 C CB   . GLN A 1 72  ? -9.510  -3.553  -11.093 1.00 0.00 ? 72  GLN A CB   1 
ATOM 1145 C CG   . GLN A 1 72  ? -10.018 -2.256  -11.726 1.00 0.00 ? 72  GLN A CG   1 
ATOM 1146 C CD   . GLN A 1 72  ? -11.443 -1.943  -11.266 1.00 0.00 ? 72  GLN A CD   1 
ATOM 1147 O OE1  . GLN A 1 72  ? -11.959 -2.520  -10.323 1.00 0.00 ? 72  GLN A OE1  1 
ATOM 1148 N NE2  . GLN A 1 72  ? -12.048 -0.999  -11.982 1.00 0.00 ? 72  GLN A NE2  1 
ATOM 1149 H H    . GLN A 1 72  ? -7.299  -3.898  -10.000 1.00 0.00 ? 72  GLN A H    1 
ATOM 1150 H HA   . GLN A 1 72  ? -8.499  -5.058  -12.249 1.00 0.00 ? 72  GLN A HA   1 
ATOM 1151 H HB2  . GLN A 1 72  ? -10.298 -4.306  -11.116 1.00 0.00 ? 72  GLN A HB2  1 
ATOM 1152 H HB3  . GLN A 1 72  ? -9.265  -3.380  -10.046 1.00 0.00 ? 72  GLN A HB3  1 
ATOM 1153 H HG2  . GLN A 1 72  ? -9.356  -1.433  -11.457 1.00 0.00 ? 72  GLN A HG2  1 
ATOM 1154 H HG3  . GLN A 1 72  ? -9.994  -2.343  -12.812 1.00 0.00 ? 72  GLN A HG3  1 
ATOM 1155 H HE21 . GLN A 1 72  ? -11.567 -0.565  -12.743 1.00 0.00 ? 72  GLN A HE21 1 
ATOM 1156 H HE22 . GLN A 1 72  ? -12.983 -0.724  -11.758 1.00 0.00 ? 72  GLN A HE22 1 
ATOM 1157 N N    . ILE A 1 73  ? -6.778  -2.396  -12.694 1.00 0.00 ? 73  ILE A N    1 
ATOM 1158 C CA   . ILE A 1 73  ? -6.267  -1.445  -13.665 1.00 0.00 ? 73  ILE A CA   1 
ATOM 1159 C C    . ILE A 1 73  ? -5.338  -2.169  -14.642 1.00 0.00 ? 73  ILE A C    1 
ATOM 1160 O O    . ILE A 1 73  ? -5.260  -1.805  -15.814 1.00 0.00 ? 73  ILE A O    1 
ATOM 1161 C CB   . ILE A 1 73  ? -5.611  -0.256  -12.958 1.00 0.00 ? 73  ILE A CB   1 
ATOM 1162 C CG1  . ILE A 1 73  ? -6.441  0.191   -11.754 1.00 0.00 ? 73  ILE A CG1  1 
ATOM 1163 C CG2  . ILE A 1 73  ? -5.355  0.891   -13.936 1.00 0.00 ? 73  ILE A CG2  1 
ATOM 1164 C CD1  . ILE A 1 73  ? -5.600  0.186   -10.474 1.00 0.00 ? 73  ILE A CD1  1 
ATOM 1165 H H    . ILE A 1 73  ? -6.256  -2.453  -11.842 1.00 0.00 ? 73  ILE A H    1 
ATOM 1166 H HA   . ILE A 1 73  ? -7.119  -1.056  -14.222 1.00 0.00 ? 73  ILE A HA   1 
ATOM 1167 H HB   . ILE A 1 73  ? -4.641  -0.579  -12.578 1.00 0.00 ? 73  ILE A HB   1 
ATOM 1168 H HG12 . ILE A 1 73  ? -6.834  1.192   -11.930 1.00 0.00 ? 73  ILE A HG12 1 
ATOM 1169 H HG13 . ILE A 1 73  ? -7.298  -0.470  -11.632 1.00 0.00 ? 73  ILE A HG13 1 
ATOM 1170 H HG21 . ILE A 1 73  ? -5.069  0.484   -14.906 1.00 0.00 ? 73  ILE A HG21 1 
ATOM 1171 H HG22 . ILE A 1 73  ? -6.262  1.485   -14.044 1.00 0.00 ? 73  ILE A HG22 1 
ATOM 1172 H HG23 . ILE A 1 73  ? -4.552  1.521   -13.556 1.00 0.00 ? 73  ILE A HG23 1 
ATOM 1173 H HD11 . ILE A 1 73  ? -4.582  -0.127  -10.711 1.00 0.00 ? 73  ILE A HD11 1 
ATOM 1174 H HD12 . ILE A 1 73  ? -5.583  1.188   -10.047 1.00 0.00 ? 73  ILE A HD12 1 
ATOM 1175 H HD13 . ILE A 1 73  ? -6.036  -0.509  -9.756  1.00 0.00 ? 73  ILE A HD13 1 
ATOM 1176 N N    . GLY A 1 74  ? -4.657  -3.179  -14.121 1.00 0.00 ? 74  GLY A N    1 
ATOM 1177 C CA   . GLY A 1 74  ? -3.736  -3.957  -14.933 1.00 0.00 ? 74  GLY A CA   1 
ATOM 1178 C C    . GLY A 1 74  ? -2.296  -3.785  -14.446 1.00 0.00 ? 74  GLY A C    1 
ATOM 1179 O O    . GLY A 1 74  ? -1.403  -3.478  -15.234 1.00 0.00 ? 74  GLY A O    1 
ATOM 1180 H H    . GLY A 1 74  ? -4.725  -3.467  -13.167 1.00 0.00 ? 74  GLY A H    1 
ATOM 1181 H HA2  . GLY A 1 74  ? -4.014  -5.011  -14.896 1.00 0.00 ? 74  GLY A HA2  1 
ATOM 1182 H HA3  . GLY A 1 74  ? -3.812  -3.645  -15.975 1.00 0.00 ? 74  GLY A HA3  1 
ATOM 1183 N N    . GLY A 1 75  ? -2.115  -3.993  -13.151 1.00 0.00 ? 75  GLY A N    1 
ATOM 1184 C CA   . GLY A 1 75  ? -0.798  -3.865  -12.549 1.00 0.00 ? 75  GLY A CA   1 
ATOM 1185 C C    . GLY A 1 75  ? -0.614  -4.875  -11.414 1.00 0.00 ? 75  GLY A C    1 
ATOM 1186 O O    . GLY A 1 75  ? -0.900  -6.059  -11.579 1.00 0.00 ? 75  GLY A O    1 
ATOM 1187 H H    . GLY A 1 75  ? -2.847  -4.243  -12.517 1.00 0.00 ? 75  GLY A H    1 
ATOM 1188 H HA2  . GLY A 1 75  ? -0.032  -4.021  -13.308 1.00 0.00 ? 75  GLY A HA2  1 
ATOM 1189 H HA3  . GLY A 1 75  ? -0.666  -2.853  -12.165 1.00 0.00 ? 75  GLY A HA3  1 
ATOM 1190 N N    . GLU A 1 76  ? -0.137  -4.368  -10.287 1.00 0.00 ? 76  GLU A N    1 
ATOM 1191 C CA   . GLU A 1 76  ? 0.087   -5.211  -9.124  1.00 0.00 ? 76  GLU A CA   1 
ATOM 1192 C C    . GLU A 1 76  ? 0.008   -4.378  -7.842  1.00 0.00 ? 76  GLU A C    1 
ATOM 1193 O O    . GLU A 1 76  ? 0.183   -3.162  -7.875  1.00 0.00 ? 76  GLU A O    1 
ATOM 1194 C CB   . GLU A 1 76  ? 1.432   -5.935  -9.224  1.00 0.00 ? 76  GLU A CB   1 
ATOM 1195 C CG   . GLU A 1 76  ? 1.881   -6.059  -10.681 1.00 0.00 ? 76  GLU A CG   1 
ATOM 1196 C CD   . GLU A 1 76  ? 1.184   -7.233  -11.372 1.00 0.00 ? 76  GLU A CD   1 
ATOM 1197 O OE1  . GLU A 1 76  ? 0.341   -7.902  -10.757 1.00 0.00 ? 76  GLU A OE1  1 
ATOM 1198 O OE2  . GLU A 1 76  ? 1.546   -7.439  -12.593 1.00 0.00 ? 76  GLU A OE2  1 
ATOM 1199 H H    . GLU A 1 76  ? 0.094   -3.404  -10.160 1.00 0.00 ? 76  GLU A H    1 
ATOM 1200 H HA   . GLU A 1 76  ? -0.716  -5.946  -9.139  1.00 0.00 ? 76  GLU A HA   1 
ATOM 1201 H HB2  . GLU A 1 76  ? 2.185   -5.393  -8.652  1.00 0.00 ? 76  GLU A HB2  1 
ATOM 1202 H HB3  . GLU A 1 76  ? 1.348   -6.927  -8.780  1.00 0.00 ? 76  GLU A HB3  1 
ATOM 1203 H HG2  . GLU A 1 76  ? 1.658   -5.134  -11.213 1.00 0.00 ? 76  GLU A HG2  1 
ATOM 1204 H HG3  . GLU A 1 76  ? 2.961   -6.197  -10.722 1.00 0.00 ? 76  GLU A HG3  1 
ATOM 1205 H HE2  . GLU A 1 76  ? 2.113   -8.261  -12.648 1.00 0.00 ? 76  GLU A HE2  1 
ATOM 1206 N N    . MET A 1 77  ? -0.259  -5.069  -6.743  1.00 0.00 ? 77  MET A N    1 
ATOM 1207 C CA   . MET A 1 77  ? -0.365  -4.409  -5.452  1.00 0.00 ? 77  MET A CA   1 
ATOM 1208 C C    . MET A 1 77  ? 0.822   -4.764  -4.556  1.00 0.00 ? 77  MET A C    1 
ATOM 1209 O O    . MET A 1 77  ? 1.077   -5.938  -4.293  1.00 0.00 ? 77  MET A O    1 
ATOM 1210 C CB   . MET A 1 77  ? -1.667  -4.833  -4.768  1.00 0.00 ? 77  MET A CB   1 
ATOM 1211 C CG   . MET A 1 77  ? -2.133  -3.770  -3.770  1.00 0.00 ? 77  MET A CG   1 
ATOM 1212 S SD   . MET A 1 77  ? -0.733  -3.115  -2.878  1.00 0.00 ? 77  MET A SD   1 
ATOM 1213 C CE   . MET A 1 77  ? -1.209  -1.398  -2.772  1.00 0.00 ? 77  MET A CE   1 
ATOM 1214 H H    . MET A 1 77  ? -0.402  -6.058  -6.724  1.00 0.00 ? 77  MET A H    1 
ATOM 1215 H HA   . MET A 1 77  ? -0.361  -3.341  -5.668  1.00 0.00 ? 77  MET A HA   1 
ATOM 1216 H HB2  . MET A 1 77  ? -2.440  -4.997  -5.518  1.00 0.00 ? 77  MET A HB2  1 
ATOM 1217 H HB3  . MET A 1 77  ? -1.517  -5.781  -4.251  1.00 0.00 ? 77  MET A HB3  1 
ATOM 1218 H HG2  . MET A 1 77  ? -2.647  -2.967  -4.297  1.00 0.00 ? 77  MET A HG2  1 
ATOM 1219 H HG3  . MET A 1 77  ? -2.850  -4.204  -3.073  1.00 0.00 ? 77  MET A HG3  1 
ATOM 1220 H HE1  . MET A 1 77  ? -2.209  -1.272  -3.186  1.00 0.00 ? 77  MET A HE1  1 
ATOM 1221 H HE2  . MET A 1 77  ? -1.205  -1.083  -1.729  1.00 0.00 ? 77  MET A HE2  1 
ATOM 1222 H HE3  . MET A 1 77  ? -0.503  -0.790  -3.338  1.00 0.00 ? 77  MET A HE3  1 
ATOM 1223 N N    . VAL A 1 78  ? 1.518   -3.727  -4.112  1.00 0.00 ? 78  VAL A N    1 
ATOM 1224 C CA   . VAL A 1 78  ? 2.672   -3.915  -3.249  1.00 0.00 ? 78  VAL A CA   1 
ATOM 1225 C C    . VAL A 1 78  ? 2.498   -3.074  -1.982  1.00 0.00 ? 78  VAL A C    1 
ATOM 1226 O O    . VAL A 1 78  ? 1.852   -2.028  -2.011  1.00 0.00 ? 78  VAL A O    1 
ATOM 1227 C CB   . VAL A 1 78  ? 3.955   -3.585  -4.014  1.00 0.00 ? 78  VAL A CB   1 
ATOM 1228 C CG1  . VAL A 1 78  ? 5.150   -3.484  -3.063  1.00 0.00 ? 78  VAL A CG1  1 
ATOM 1229 C CG2  . VAL A 1 78  ? 4.216   -4.613  -5.116  1.00 0.00 ? 78  VAL A CG2  1 
ATOM 1230 H H    . VAL A 1 78  ? 1.304   -2.775  -4.331  1.00 0.00 ? 78  VAL A H    1 
ATOM 1231 H HA   . VAL A 1 78  ? 2.706   -4.967  -2.970  1.00 0.00 ? 78  VAL A HA   1 
ATOM 1232 H HB   . VAL A 1 78  ? 3.822   -2.612  -4.488  1.00 0.00 ? 78  VAL A HB   1 
ATOM 1233 H HG11 . VAL A 1 78  ? 5.077   -4.265  -2.306  1.00 0.00 ? 78  VAL A HG11 1 
ATOM 1234 H HG12 . VAL A 1 78  ? 6.074   -3.610  -3.627  1.00 0.00 ? 78  VAL A HG12 1 
ATOM 1235 H HG13 . VAL A 1 78  ? 5.149   -2.508  -2.580  1.00 0.00 ? 78  VAL A HG13 1 
ATOM 1236 H HG21 . VAL A 1 78  ? 3.418   -5.355  -5.117  1.00 0.00 ? 78  VAL A HG21 1 
ATOM 1237 H HG22 . VAL A 1 78  ? 4.246   -4.110  -6.082  1.00 0.00 ? 78  VAL A HG22 1 
ATOM 1238 H HG23 . VAL A 1 78  ? 5.171   -5.107  -4.934  1.00 0.00 ? 78  VAL A HG23 1 
ATOM 1239 N N    . VAL A 1 79  ? 3.087   -3.564  -0.901  1.00 0.00 ? 79  VAL A N    1 
ATOM 1240 C CA   . VAL A 1 79  ? 3.005   -2.871  0.374   1.00 0.00 ? 79  VAL A CA   1 
ATOM 1241 C C    . VAL A 1 79  ? 4.126   -3.366  1.290   1.00 0.00 ? 79  VAL A C    1 
ATOM 1242 O O    . VAL A 1 79  ? 4.346   -4.570  1.415   1.00 0.00 ? 79  VAL A O    1 
ATOM 1243 C CB   . VAL A 1 79  ? 1.612   -3.054  0.981   1.00 0.00 ? 79  VAL A CB   1 
ATOM 1244 C CG1  . VAL A 1 79  ? 1.316   -4.532  1.239   1.00 0.00 ? 79  VAL A CG1  1 
ATOM 1245 C CG2  . VAL A 1 79  ? 1.461   -2.232  2.261   1.00 0.00 ? 79  VAL A CG2  1 
ATOM 1246 H H    . VAL A 1 79  ? 3.611   -4.415  -0.886  1.00 0.00 ? 79  VAL A H    1 
ATOM 1247 H HA   . VAL A 1 79  ? 3.153   -1.808  0.181   1.00 0.00 ? 79  VAL A HA   1 
ATOM 1248 H HB   . VAL A 1 79  ? 0.882   -2.687  0.259   1.00 0.00 ? 79  VAL A HB   1 
ATOM 1249 H HG11 . VAL A 1 79  ? 1.809   -5.140  0.479   1.00 0.00 ? 79  VAL A HG11 1 
ATOM 1250 H HG12 . VAL A 1 79  ? 1.689   -4.810  2.225   1.00 0.00 ? 79  VAL A HG12 1 
ATOM 1251 H HG13 . VAL A 1 79  ? 0.241   -4.701  1.197   1.00 0.00 ? 79  VAL A HG13 1 
ATOM 1252 H HG21 . VAL A 1 79  ? 2.289   -2.452  2.935   1.00 0.00 ? 79  VAL A HG21 1 
ATOM 1253 H HG22 . VAL A 1 79  ? 1.464   -1.170  2.014   1.00 0.00 ? 79  VAL A HG22 1 
ATOM 1254 H HG23 . VAL A 1 79  ? 0.519   -2.488  2.748   1.00 0.00 ? 79  VAL A HG23 1 
ATOM 1255 N N    . CYS A 1 80  ? 4.805   -2.411  1.910   1.00 0.00 ? 80  CYS A N    1 
ATOM 1256 C CA   . CYS A 1 80  ? 5.896   -2.734  2.812   1.00 0.00 ? 80  CYS A CA   1 
ATOM 1257 C C    . CYS A 1 80  ? 5.698   -1.946  4.108   1.00 0.00 ? 80  CYS A C    1 
ATOM 1258 O O    . CYS A 1 80  ? 4.619   -1.410  4.353   1.00 0.00 ? 80  CYS A O    1 
ATOM 1259 C CB   . CYS A 1 80  ? 7.259   -2.452  2.176   1.00 0.00 ? 80  CYS A CB   1 
ATOM 1260 S SG   . CYS A 1 80  ? 7.494   -0.649  1.972   1.00 0.00 ? 80  CYS A SG   1 
ATOM 1261 H H    . CYS A 1 80  ? 4.620   -1.434  1.803   1.00 0.00 ? 80  CYS A H    1 
ATOM 1262 H HA   . CYS A 1 80  ? 5.841   -3.806  2.999   1.00 0.00 ? 80  CYS A HA   1 
ATOM 1263 H HB2  . CYS A 1 80  ? 8.053   -2.863  2.799   1.00 0.00 ? 80  CYS A HB2  1 
ATOM 1264 H HB3  . CYS A 1 80  ? 7.327   -2.948  1.207   1.00 0.00 ? 80  CYS A HB3  1 
ATOM 1265 H HG   . CYS A 1 80  ? 8.772   -0.632  2.339   1.00 0.00 ? 80  CYS A HG   1 
ATOM 1266 N N    . ALA A 1 81  ? 6.756   -1.901  4.905   1.00 0.00 ? 81  ALA A N    1 
ATOM 1267 C CA   . ALA A 1 81  ? 6.712   -1.187  6.169   1.00 0.00 ? 81  ALA A CA   1 
ATOM 1268 C C    . ALA A 1 81  ? 5.965   -2.033  7.201   1.00 0.00 ? 81  ALA A C    1 
ATOM 1269 O O    . ALA A 1 81  ? 5.103   -1.527  7.917   1.00 0.00 ? 81  ALA A O    1 
ATOM 1270 C CB   . ALA A 1 81  ? 6.065   0.183   5.959   1.00 0.00 ? 81  ALA A CB   1 
ATOM 1271 H H    . ALA A 1 81  ? 7.631   -2.340  4.698   1.00 0.00 ? 81  ALA A H    1 
ATOM 1272 H HA   . ALA A 1 81  ? 7.739   -1.042  6.504   1.00 0.00 ? 81  ALA A HA   1 
ATOM 1273 H HB1  . ALA A 1 81  ? 5.481   0.173   5.038   1.00 0.00 ? 81  ALA A HB1  1 
ATOM 1274 H HB2  . ALA A 1 81  ? 5.410   0.408   6.801   1.00 0.00 ? 81  ALA A HB2  1 
ATOM 1275 H HB3  . ALA A 1 81  ? 6.841   0.945   5.889   1.00 0.00 ? 81  ALA A HB3  1 
ATOM 1276 N N    . ILE A 1 82  ? 6.324   -3.307  7.245   1.00 0.00 ? 82  ILE A N    1 
ATOM 1277 C CA   . ILE A 1 82  ? 5.699   -4.229  8.180   1.00 0.00 ? 82  ILE A CA   1 
ATOM 1278 C C    . ILE A 1 82  ? 6.352   -4.075  9.554   1.00 0.00 ? 82  ILE A C    1 
ATOM 1279 O O    . ILE A 1 82  ? 7.091   -3.120  9.792   1.00 0.00 ? 82  ILE A O    1 
ATOM 1280 C CB   . ILE A 1 82  ? 5.743   -5.657  7.635   1.00 0.00 ? 82  ILE A CB   1 
ATOM 1281 C CG1  . ILE A 1 82  ? 4.594   -6.496  8.199   1.00 0.00 ? 82  ILE A CG1  1 
ATOM 1282 C CG2  . ILE A 1 82  ? 7.105   -6.302  7.895   1.00 0.00 ? 82  ILE A CG2  1 
ATOM 1283 C CD1  . ILE A 1 82  ? 3.243   -5.992  7.687   1.00 0.00 ? 82  ILE A CD1  1 
ATOM 1284 H H    . ILE A 1 82  ? 7.025   -3.713  6.659   1.00 0.00 ? 82  ILE A H    1 
ATOM 1285 H HA   . ILE A 1 82  ? 4.649   -3.948  8.263   1.00 0.00 ? 82  ILE A HA   1 
ATOM 1286 H HB   . ILE A 1 82  ? 5.609   -5.615  6.553   1.00 0.00 ? 82  ILE A HB   1 
ATOM 1287 H HG12 . ILE A 1 82  ? 4.728   -7.540  7.917   1.00 0.00 ? 82  ILE A HG12 1 
ATOM 1288 H HG13 . ILE A 1 82  ? 4.612   -6.456  9.288   1.00 0.00 ? 82  ILE A HG13 1 
ATOM 1289 H HG21 . ILE A 1 82  ? 7.355   -6.210  8.953   1.00 0.00 ? 82  ILE A HG21 1 
ATOM 1290 H HG22 . ILE A 1 82  ? 7.067   -7.357  7.622   1.00 0.00 ? 82  ILE A HG22 1 
ATOM 1291 H HG23 . ILE A 1 82  ? 7.866   -5.800  7.297   1.00 0.00 ? 82  ILE A HG23 1 
ATOM 1292 H HD11 . ILE A 1 82  ? 3.401   -5.135  7.031   1.00 0.00 ? 82  ILE A HD11 1 
ATOM 1293 H HD12 . ILE A 1 82  ? 2.747   -6.787  7.132   1.00 0.00 ? 82  ILE A HD12 1 
ATOM 1294 H HD13 . ILE A 1 82  ? 2.622   -5.695  8.532   1.00 0.00 ? 82  ILE A HD13 1 
ATOM 1295 N N    . SER A 1 83  ? 6.057   -5.030  10.425  1.00 0.00 ? 83  SER A N    1 
ATOM 1296 C CA   . SER A 1 83  ? 6.607   -5.013  11.770  1.00 0.00 ? 83  SER A CA   1 
ATOM 1297 C C    . SER A 1 83  ? 6.262   -6.316  12.493  1.00 0.00 ? 83  SER A C    1 
ATOM 1298 O O    . SER A 1 83  ? 5.370   -7.048  12.067  1.00 0.00 ? 83  SER A O    1 
ATOM 1299 C CB   . SER A 1 83  ? 6.086   -3.811  12.562  1.00 0.00 ? 83  SER A CB   1 
ATOM 1300 O OG   . SER A 1 83  ? 6.787   -3.638  13.790  1.00 0.00 ? 83  SER A OG   1 
ATOM 1301 H H    . SER A 1 83  ? 5.456   -5.803  10.224  1.00 0.00 ? 83  SER A H    1 
ATOM 1302 H HA   . SER A 1 83  ? 7.685   -4.922  11.640  1.00 0.00 ? 83  SER A HA   1 
ATOM 1303 H HB2  . SER A 1 83  ? 6.183   -2.909  11.958  1.00 0.00 ? 83  SER A HB2  1 
ATOM 1304 H HB3  . SER A 1 83  ? 5.024   -3.945  12.767  1.00 0.00 ? 83  SER A HB3  1 
ATOM 1305 H HG   . SER A 1 83  ? 7.091   -2.689  13.880  1.00 0.00 ? 83  SER A HG   1 
ATOM 1306 N N    . PRO A 1 84  ? 7.005   -6.572  13.603  1.00 0.00 ? 84  PRO A N    1 
ATOM 1307 C CA   . PRO A 1 84  ? 6.787   -7.774  14.388  1.00 0.00 ? 84  PRO A CA   1 
ATOM 1308 C C    . PRO A 1 84  ? 5.512   -7.657  15.228  1.00 0.00 ? 84  PRO A C    1 
ATOM 1309 O O    . PRO A 1 84  ? 5.078   -8.631  15.841  1.00 0.00 ? 84  PRO A O    1 
ATOM 1310 C CB   . PRO A 1 84  ? 8.041   -7.925  15.233  1.00 0.00 ? 84  PRO A CB   1 
ATOM 1311 C CG   . PRO A 1 84  ? 8.710   -6.560  15.234  1.00 0.00 ? 84  PRO A CG   1 
ATOM 1312 C CD   . PRO A 1 84  ? 8.069   -5.726  14.136  1.00 0.00 ? 84  PRO A CD   1 
ATOM 1313 H HA   . PRO A 1 84  ? 6.648   -8.561  13.788  1.00 0.00 ? 84  PRO A HA   1 
ATOM 1314 H HB2  . PRO A 1 84  ? 7.794   -8.239  16.248  1.00 0.00 ? 84  PRO A HB2  1 
ATOM 1315 H HB3  . PRO A 1 84  ? 8.703   -8.684  14.817  1.00 0.00 ? 84  PRO A HB3  1 
ATOM 1316 H HG2  . PRO A 1 84  ? 8.588   -6.075  16.202  1.00 0.00 ? 84  PRO A HG2  1 
ATOM 1317 H HG3  . PRO A 1 84  ? 9.781   -6.660  15.060  1.00 0.00 ? 84  PRO A HG3  1 
ATOM 1318 H HD2  . PRO A 1 84  ? 7.671   -4.792  14.531  1.00 0.00 ? 84  PRO A HD2  1 
ATOM 1319 H HD3  . PRO A 1 84  ? 8.791   -5.464  13.364  1.00 0.00 ? 84  PRO A HD3  1 
ATOM 1320 N N    . ALA A 1 85  ? 4.948   -6.458  15.225  1.00 0.00 ? 85  ALA A N    1 
ATOM 1321 C CA   . ALA A 1 85  ? 3.733   -6.201  15.978  1.00 0.00 ? 85  ALA A CA   1 
ATOM 1322 C C    . ALA A 1 85  ? 2.736   -5.456  15.089  1.00 0.00 ? 85  ALA A C    1 
ATOM 1323 O O    . ALA A 1 85  ? 1.914   -4.684  15.583  1.00 0.00 ? 85  ALA A O    1 
ATOM 1324 C CB   . ALA A 1 85  ? 4.075   -5.422  17.250  1.00 0.00 ? 85  ALA A CB   1 
ATOM 1325 H H    . ALA A 1 85  ? 5.308   -5.672  14.723  1.00 0.00 ? 85  ALA A H    1 
ATOM 1326 H HA   . ALA A 1 85  ? 3.307   -7.164  16.260  1.00 0.00 ? 85  ALA A HA   1 
ATOM 1327 H HB1  . ALA A 1 85  ? 5.062   -5.717  17.602  1.00 0.00 ? 85  ALA A HB1  1 
ATOM 1328 H HB2  . ALA A 1 85  ? 4.069   -4.354  17.035  1.00 0.00 ? 85  ALA A HB2  1 
ATOM 1329 H HB3  . ALA A 1 85  ? 3.334   -5.641  18.020  1.00 0.00 ? 85  ALA A HB3  1 
ATOM 1330 N N    . VAL A 1 86  ? 2.839   -5.714  13.794  1.00 0.00 ? 86  VAL A N    1 
ATOM 1331 C CA   . VAL A 1 86  ? 1.957   -5.076  12.830  1.00 0.00 ? 86  VAL A CA   1 
ATOM 1332 C C    . VAL A 1 86  ? 1.536   -6.101  11.776  1.00 0.00 ? 86  VAL A C    1 
ATOM 1333 O O    . VAL A 1 86  ? 0.401   -6.076  11.299  1.00 0.00 ? 86  VAL A O    1 
ATOM 1334 C CB   . VAL A 1 86  ? 2.639   -3.847  12.229  1.00 0.00 ? 86  VAL A CB   1 
ATOM 1335 C CG1  . VAL A 1 86  ? 2.058   -3.515  10.854  1.00 0.00 ? 86  VAL A CG1  1 
ATOM 1336 C CG2  . VAL A 1 86  ? 2.536   -2.646  13.173  1.00 0.00 ? 86  VAL A CG2  1 
ATOM 1337 H H    . VAL A 1 86  ? 3.509   -6.343  13.400  1.00 0.00 ? 86  VAL A H    1 
ATOM 1338 H HA   . VAL A 1 86  ? 1.070   -4.742  13.369  1.00 0.00 ? 86  VAL A HA   1 
ATOM 1339 H HB   . VAL A 1 86  ? 3.696   -4.080  12.099  1.00 0.00 ? 86  VAL A HB   1 
ATOM 1340 H HG11 . VAL A 1 86  ? 1.004   -3.789  10.829  1.00 0.00 ? 86  VAL A HG11 1 
ATOM 1341 H HG12 . VAL A 1 86  ? 2.159   -2.446  10.665  1.00 0.00 ? 86  VAL A HG12 1 
ATOM 1342 H HG13 . VAL A 1 86  ? 2.598   -4.071  10.088  1.00 0.00 ? 86  VAL A HG13 1 
ATOM 1343 H HG21 . VAL A 1 86  ? 1.509   -2.551  13.528  1.00 0.00 ? 86  VAL A HG21 1 
ATOM 1344 H HG22 . VAL A 1 86  ? 3.202   -2.793  14.023  1.00 0.00 ? 86  VAL A HG22 1 
ATOM 1345 H HG23 . VAL A 1 86  ? 2.822   -1.739  12.640  1.00 0.00 ? 86  VAL A HG23 1 
ATOM 1346 N N    . LYS A 1 87  ? 2.469   -6.979  11.442  1.00 0.00 ? 87  LYS A N    1 
ATOM 1347 C CA   . LYS A 1 87  ? 2.209   -8.011  10.454  1.00 0.00 ? 87  LYS A CA   1 
ATOM 1348 C C    . LYS A 1 87  ? 1.220   -9.026  11.031  1.00 0.00 ? 87  LYS A C    1 
ATOM 1349 O O    . LYS A 1 87  ? 0.745   -9.910  10.319  1.00 0.00 ? 87  LYS A O    1 
ATOM 1350 C CB   . LYS A 1 87  ? 3.520   -8.635  9.971   1.00 0.00 ? 87  LYS A CB   1 
ATOM 1351 C CG   . LYS A 1 87  ? 3.748   -10.003 10.619  1.00 0.00 ? 87  LYS A CG   1 
ATOM 1352 C CD   . LYS A 1 87  ? 5.206   -10.442 10.475  1.00 0.00 ? 87  LYS A CD   1 
ATOM 1353 C CE   . LYS A 1 87  ? 5.379   -11.908 10.874  1.00 0.00 ? 87  LYS A CE   1 
ATOM 1354 N NZ   . LYS A 1 87  ? 6.807   -12.293 10.828  1.00 0.00 ? 87  LYS A NZ   1 
ATOM 1355 H H    . LYS A 1 87  ? 3.390   -6.993  11.834  1.00 0.00 ? 87  LYS A H    1 
ATOM 1356 H HA   . LYS A 1 87  ? 1.745   -7.529  9.593   1.00 0.00 ? 87  LYS A HA   1 
ATOM 1357 H HB2  . LYS A 1 87  ? 3.499   -8.742  8.887   1.00 0.00 ? 87  LYS A HB2  1 
ATOM 1358 H HB3  . LYS A 1 87  ? 4.352   -7.972  10.210  1.00 0.00 ? 87  LYS A HB3  1 
ATOM 1359 H HG2  . LYS A 1 87  ? 3.481   -9.957  11.675  1.00 0.00 ? 87  LYS A HG2  1 
ATOM 1360 H HG3  . LYS A 1 87  ? 3.094   -10.741 10.157  1.00 0.00 ? 87  LYS A HG3  1 
ATOM 1361 H HD2  . LYS A 1 87  ? 5.531   -10.301 9.444   1.00 0.00 ? 87  LYS A HD2  1 
ATOM 1362 H HD3  . LYS A 1 87  ? 5.842   -9.813  11.098  1.00 0.00 ? 87  LYS A HD3  1 
ATOM 1363 H HE2  . LYS A 1 87  ? 4.986   -12.066 11.878  1.00 0.00 ? 87  LYS A HE2  1 
ATOM 1364 H HE3  . LYS A 1 87  ? 4.803   -12.545 10.202  1.00 0.00 ? 87  LYS A HE3  1 
ATOM 1365 H HZ1  . LYS A 1 87  ? 7.311   -11.985 11.654  1.00 0.00 ? 87  LYS A HZ1  1 
ATOM 1366 H HZ2  . LYS A 1 87  ? 6.929   -13.298 10.769  1.00 0.00 ? 87  LYS A HZ2  1 
ATOM 1367 N N    . ARG A 1 88  ? 0.941   -8.867  12.317  1.00 0.00 ? 88  ARG A N    1 
ATOM 1368 C CA   . ARG A 1 88  ? 0.018   -9.759  12.997  1.00 0.00 ? 88  ARG A CA   1 
ATOM 1369 C C    . ARG A 1 88  ? -1.406  -9.548  12.478  1.00 0.00 ? 88  ARG A C    1 
ATOM 1370 O O    . ARG A 1 88  ? -2.259  -10.422 12.620  1.00 0.00 ? 88  ARG A O    1 
ATOM 1371 C CB   . ARG A 1 88  ? 0.041   -9.525  14.509  1.00 0.00 ? 88  ARG A CB   1 
ATOM 1372 C CG   . ARG A 1 88  ? -0.750  -8.270  14.883  1.00 0.00 ? 88  ARG A CG   1 
ATOM 1373 C CD   . ARG A 1 88  ? -0.207  -7.042  14.150  1.00 0.00 ? 88  ARG A CD   1 
ATOM 1374 N NE   . ARG A 1 88  ? -0.479  -5.820  14.940  1.00 0.00 ? 88  ARG A NE   1 
ATOM 1375 C CZ   . ARG A 1 88  ? -1.383  -5.750  15.939  1.00 0.00 ? 88  ARG A CZ   1 
ATOM 1376 N NH1  . ARG A 1 88  ? -2.113  -6.833  16.280  1.00 0.00 ? 88  ARG A NH1  1 
ATOM 1377 N NH2  . ARG A 1 88  ? -1.545  -4.606  16.579  1.00 0.00 ? 88  ARG A NH2  1 
ATOM 1378 H H    . ARG A 1 88  ? 1.331   -8.146  12.889  1.00 0.00 ? 88  ARG A H    1 
ATOM 1379 H HA   . ARG A 1 88  ? 0.375   -10.761 12.765  1.00 0.00 ? 88  ARG A HA   1 
ATOM 1380 H HB2  . ARG A 1 88  ? -0.380  -10.390 15.021  1.00 0.00 ? 88  ARG A HB2  1 
ATOM 1381 H HB3  . ARG A 1 88  ? 1.071   -9.425  14.849  1.00 0.00 ? 88  ARG A HB3  1 
ATOM 1382 H HG2  . ARG A 1 88  ? -1.802  -8.411  14.634  1.00 0.00 ? 88  ARG A HG2  1 
ATOM 1383 H HG3  . ARG A 1 88  ? -0.697  -8.108  15.959  1.00 0.00 ? 88  ARG A HG3  1 
ATOM 1384 H HD2  . ARG A 1 88  ? 0.865   -7.149  13.988  1.00 0.00 ? 88  ARG A HD2  1 
ATOM 1385 H HD3  . ARG A 1 88  ? -0.671  -6.960  13.167  1.00 0.00 ? 88  ARG A HD3  1 
ATOM 1386 H HE   . ARG A 1 88  ? 0.040   -4.994  14.719  1.00 0.00 ? 88  ARG A HE   1 
ATOM 1387 H HH11 . ARG A 1 88  ? -1.985  -7.696  15.790  1.00 0.00 ? 88  ARG A HH11 1 
ATOM 1388 H HH12 . ARG A 1 88  ? -2.782  -6.774  17.021  1.00 0.00 ? 88  ARG A HH12 1 
ATOM 1389 H HH21 . ARG A 1 88  ? -2.192  -4.471  17.328  1.00 0.00 ? 88  ARG A HH21 1 
ATOM 1390 N N    . LEU A 1 89  ? -1.619  -8.382  11.886  1.00 0.00 ? 89  LEU A N    1 
ATOM 1391 C CA   . LEU A 1 89  ? -2.923  -8.044  11.342  1.00 0.00 ? 89  LEU A CA   1 
ATOM 1392 C C    . LEU A 1 89  ? -3.227  -8.959  10.154  1.00 0.00 ? 89  LEU A C    1 
ATOM 1393 O O    . LEU A 1 89  ? -4.325  -9.503  10.049  1.00 0.00 ? 89  LEU A O    1 
ATOM 1394 C CB   . LEU A 1 89  ? -2.995  -6.554  11.006  1.00 0.00 ? 89  LEU A CB   1 
ATOM 1395 C CG   . LEU A 1 89  ? -3.686  -5.665  12.043  1.00 0.00 ? 89  LEU A CG   1 
ATOM 1396 C CD1  . LEU A 1 89  ? -3.334  -4.193  11.824  1.00 0.00 ? 89  LEU A CD1  1 
ATOM 1397 C CD2  . LEU A 1 89  ? -5.198  -5.899  12.048  1.00 0.00 ? 89  LEU A CD2  1 
ATOM 1398 H H    . LEU A 1 89  ? -0.920  -7.675  11.775  1.00 0.00 ? 89  LEU A H    1 
ATOM 1399 H HA   . LEU A 1 89  ? -3.661  -8.236  12.123  1.00 0.00 ? 89  LEU A HA   1 
ATOM 1400 H HB2  . LEU A 1 89  ? -1.980  -6.185  10.860  1.00 0.00 ? 89  LEU A HB2  1 
ATOM 1401 H HB3  . LEU A 1 89  ? -3.516  -6.441  10.055  1.00 0.00 ? 89  LEU A HB3  1 
ATOM 1402 H HG   . LEU A 1 89  ? -3.315  -5.941  13.030  1.00 0.00 ? 89  LEU A HG   1 
ATOM 1403 H HD11 . LEU A 1 89  ? -3.027  -4.043  10.789  1.00 0.00 ? 89  LEU A HD11 1 
ATOM 1404 H HD12 . LEU A 1 89  ? -4.207  -3.575  12.036  1.00 0.00 ? 89  LEU A HD12 1 
ATOM 1405 H HD13 . LEU A 1 89  ? -2.519  -3.910  12.490  1.00 0.00 ? 89  LEU A HD13 1 
ATOM 1406 H HD21 . LEU A 1 89  ? -5.503  -6.313  11.086  1.00 0.00 ? 89  LEU A HD21 1 
ATOM 1407 H HD22 . LEU A 1 89  ? -5.455  -6.599  12.842  1.00 0.00 ? 89  LEU A HD22 1 
ATOM 1408 H HD23 . LEU A 1 89  ? -5.711  -4.953  12.215  1.00 0.00 ? 89  LEU A HD23 1 
ATOM 1409 N N    . PHE A 1 90  ? -2.235  -9.098  9.287   1.00 0.00 ? 90  PHE A N    1 
ATOM 1410 C CA   . PHE A 1 90  ? -2.382  -9.937  8.110   1.00 0.00 ? 90  PHE A CA   1 
ATOM 1411 C C    . PHE A 1 90  ? -2.016  -11.390 8.422   1.00 0.00 ? 90  PHE A C    1 
ATOM 1412 O O    . PHE A 1 90  ? -2.443  -12.306 7.721   1.00 0.00 ? 90  PHE A O    1 
ATOM 1413 C CB   . PHE A 1 90  ? -1.418  -9.398  7.052   1.00 0.00 ? 90  PHE A CB   1 
ATOM 1414 C CG   . PHE A 1 90  ? -1.541  -7.892  6.809   1.00 0.00 ? 90  PHE A CG   1 
ATOM 1415 C CD1  . PHE A 1 90  ? -0.977  -7.014  7.682   1.00 0.00 ? 90  PHE A CD1  1 
ATOM 1416 C CD2  . PHE A 1 90  ? -2.212  -7.431  5.720   1.00 0.00 ? 90  PHE A CD2  1 
ATOM 1417 C CE1  . PHE A 1 90  ? -1.091  -5.617  7.457   1.00 0.00 ? 90  PHE A CE1  1 
ATOM 1418 C CE2  . PHE A 1 90  ? -2.327  -6.034  5.494   1.00 0.00 ? 90  PHE A CE2  1 
ATOM 1419 C CZ   . PHE A 1 90  ? -1.763  -5.156  6.367   1.00 0.00 ? 90  PHE A CZ   1 
ATOM 1420 H H    . PHE A 1 90  ? -1.345  -8.652  9.379   1.00 0.00 ? 90  PHE A H    1 
ATOM 1421 H HA   . PHE A 1 90  ? -3.428  -9.886  7.804   1.00 0.00 ? 90  PHE A HA   1 
ATOM 1422 H HB2  . PHE A 1 90  ? -0.396  -9.624  7.358   1.00 0.00 ? 90  PHE A HB2  1 
ATOM 1423 H HB3  . PHE A 1 90  ? -1.594  -9.922  6.113   1.00 0.00 ? 90  PHE A HB3  1 
ATOM 1424 H HD1  . PHE A 1 90  ? -0.439  -7.383  8.555   1.00 0.00 ? 90  PHE A HD1  1 
ATOM 1425 H HD2  . PHE A 1 90  ? -2.663  -8.135  5.021   1.00 0.00 ? 90  PHE A HD2  1 
ATOM 1426 H HE1  . PHE A 1 90  ? -0.640  -4.913  8.156   1.00 0.00 ? 90  PHE A HE1  1 
ATOM 1427 H HE2  . PHE A 1 90  ? -2.865  -5.665  4.621   1.00 0.00 ? 90  PHE A HE2  1 
ATOM 1428 H HZ   . PHE A 1 90  ? -1.851  -4.083  6.194   1.00 0.00 ? 90  PHE A HZ   1 
ATOM 1429 N N    . ASP A 1 91  ? -1.230  -11.555 9.476   1.00 0.00 ? 91  ASP A N    1 
ATOM 1430 C CA   . ASP A 1 91  ? -0.802  -12.881 9.889   1.00 0.00 ? 91  ASP A CA   1 
ATOM 1431 C C    . ASP A 1 91  ? -2.002  -13.649 10.448  1.00 0.00 ? 91  ASP A C    1 
ATOM 1432 O O    . ASP A 1 91  ? -2.081  -14.868 10.311  1.00 0.00 ? 91  ASP A O    1 
ATOM 1433 C CB   . ASP A 1 91  ? 0.260   -12.798 10.988  1.00 0.00 ? 91  ASP A CB   1 
ATOM 1434 C CG   . ASP A 1 91  ? 1.569   -13.528 10.679  1.00 0.00 ? 91  ASP A CG   1 
ATOM 1435 O OD1  . ASP A 1 91  ? 2.175   -13.328 9.615   1.00 0.00 ? 91  ASP A OD1  1 
ATOM 1436 O OD2  . ASP A 1 91  ? 1.970   -14.342 11.596  1.00 0.00 ? 91  ASP A OD2  1 
ATOM 1437 H H    . ASP A 1 91  ? -0.888  -10.805 10.042  1.00 0.00 ? 91  ASP A H    1 
ATOM 1438 H HA   . ASP A 1 91  ? -0.392  -13.343 8.991   1.00 0.00 ? 91  ASP A HA   1 
ATOM 1439 H HB2  . ASP A 1 91  ? 0.482   -11.749 11.179  1.00 0.00 ? 91  ASP A HB2  1 
ATOM 1440 H HB3  . ASP A 1 91  ? -0.158  -13.208 11.908  1.00 0.00 ? 91  ASP A HB3  1 
ATOM 1441 H HD2  . ASP A 1 91  ? 2.642   -14.978 11.218  1.00 0.00 ? 91  ASP A HD2  1 
ATOM 1442 N N    . MET A 1 92  ? -2.906  -12.902 11.065  1.00 0.00 ? 92  MET A N    1 
ATOM 1443 C CA   . MET A 1 92  ? -4.099  -13.497 11.644  1.00 0.00 ? 92  MET A CA   1 
ATOM 1444 C C    . MET A 1 92  ? -5.194  -13.666 10.589  1.00 0.00 ? 92  MET A C    1 
ATOM 1445 O O    . MET A 1 92  ? -5.989  -14.602 10.658  1.00 0.00 ? 92  MET A O    1 
ATOM 1446 C CB   . MET A 1 92  ? -4.614  -12.609 12.777  1.00 0.00 ? 92  MET A CB   1 
ATOM 1447 C CG   . MET A 1 92  ? -5.614  -13.366 13.654  1.00 0.00 ? 92  MET A CG   1 
ATOM 1448 S SD   . MET A 1 92  ? -6.498  -12.219 14.700  1.00 0.00 ? 92  MET A SD   1 
ATOM 1449 C CE   . MET A 1 92  ? -7.722  -13.316 15.396  1.00 0.00 ? 92  MET A CE   1 
ATOM 1450 H H    . MET A 1 92  ? -2.833  -11.911 11.173  1.00 0.00 ? 92  MET A H    1 
ATOM 1451 H HA   . MET A 1 92  ? -3.788  -14.475 12.014  1.00 0.00 ? 92  MET A HA   1 
ATOM 1452 H HB2  . MET A 1 92  ? -3.777  -12.267 13.386  1.00 0.00 ? 92  MET A HB2  1 
ATOM 1453 H HB3  . MET A 1 92  ? -5.089  -11.721 12.361  1.00 0.00 ? 92  MET A HB3  1 
ATOM 1454 H HG2  . MET A 1 92  ? -6.317  -13.914 13.027  1.00 0.00 ? 92  MET A HG2  1 
ATOM 1455 H HG3  . MET A 1 92  ? -5.092  -14.099 14.266  1.00 0.00 ? 92  MET A HG3  1 
ATOM 1456 H HE1  . MET A 1 92  ? -7.342  -14.336 15.388  1.00 0.00 ? 92  MET A HE1  1 
ATOM 1457 H HE2  . MET A 1 92  ? -7.938  -13.015 16.421  1.00 0.00 ? 92  MET A HE2  1 
ATOM 1458 H HE3  . MET A 1 92  ? -8.635  -13.264 14.803  1.00 0.00 ? 92  MET A HE3  1 
ATOM 1459 N N    . SER A 1 93  ? -5.200  -12.746 9.635   1.00 0.00 ? 93  SER A N    1 
ATOM 1460 C CA   . SER A 1 93  ? -6.184  -12.781 8.567   1.00 0.00 ? 93  SER A CA   1 
ATOM 1461 C C    . SER A 1 93  ? -5.956  -14.009 7.685   1.00 0.00 ? 93  SER A C    1 
ATOM 1462 O O    . SER A 1 93  ? -6.910  -14.646 7.242   1.00 0.00 ? 93  SER A O    1 
ATOM 1463 C CB   . SER A 1 93  ? -6.128  -11.505 7.725   1.00 0.00 ? 93  SER A CB   1 
ATOM 1464 O OG   . SER A 1 93  ? -7.358  -11.258 7.049   1.00 0.00 ? 93  SER A OG   1 
ATOM 1465 H H    . SER A 1 93  ? -4.549  -11.988 9.586   1.00 0.00 ? 93  SER A H    1 
ATOM 1466 H HA   . SER A 1 93  ? -7.150  -12.843 9.067   1.00 0.00 ? 93  SER A HA   1 
ATOM 1467 H HB2  . SER A 1 93  ? -5.891  -10.657 8.368   1.00 0.00 ? 93  SER A HB2  1 
ATOM 1468 H HB3  . SER A 1 93  ? -5.323  -11.587 6.995   1.00 0.00 ? 93  SER A HB3  1 
ATOM 1469 H HG   . SER A 1 93  ? -7.847  -12.118 6.902   1.00 0.00 ? 93  SER A HG   1 
ATOM 1470 N N    . GLY A 1 94  ? -4.685  -14.306 7.455   1.00 0.00 ? 94  GLY A N    1 
ATOM 1471 C CA   . GLY A 1 94  ? -4.319  -15.448 6.636   1.00 0.00 ? 94  GLY A CA   1 
ATOM 1472 C C    . GLY A 1 94  ? -4.441  -15.116 5.147   1.00 0.00 ? 94  GLY A C    1 
ATOM 1473 O O    . GLY A 1 94  ? -4.270  -15.988 4.296   1.00 0.00 ? 94  GLY A O    1 
ATOM 1474 H H    . GLY A 1 94  ? -3.914  -13.782 7.817   1.00 0.00 ? 94  GLY A H    1 
ATOM 1475 H HA2  . GLY A 1 94  ? -3.296  -15.750 6.862   1.00 0.00 ? 94  GLY A HA2  1 
ATOM 1476 H HA3  . GLY A 1 94  ? -4.962  -16.295 6.877   1.00 0.00 ? 94  GLY A HA3  1 
ATOM 1477 N N    . LEU A 1 95  ? -4.736  -13.854 4.877   1.00 0.00 ? 95  LEU A N    1 
ATOM 1478 C CA   . LEU A 1 95  ? -4.882  -13.395 3.506   1.00 0.00 ? 95  LEU A CA   1 
ATOM 1479 C C    . LEU A 1 95  ? -3.644  -12.590 3.106   1.00 0.00 ? 95  LEU A C    1 
ATOM 1480 O O    . LEU A 1 95  ? -3.637  -11.927 2.071   1.00 0.00 ? 95  LEU A O    1 
ATOM 1481 C CB   . LEU A 1 95  ? -6.195  -12.629 3.334   1.00 0.00 ? 95  LEU A CB   1 
ATOM 1482 C CG   . LEU A 1 95  ? -6.836  -12.698 1.946   1.00 0.00 ? 95  LEU A CG   1 
ATOM 1483 C CD1  . LEU A 1 95  ? -6.694  -14.098 1.347   1.00 0.00 ? 95  LEU A CD1  1 
ATOM 1484 C CD2  . LEU A 1 95  ? -8.295  -12.238 1.993   1.00 0.00 ? 95  LEU A CD2  1 
ATOM 1485 H H    . LEU A 1 95  ? -4.874  -13.150 5.574   1.00 0.00 ? 95  LEU A H    1 
ATOM 1486 H HA   . LEU A 1 95  ? -4.940  -14.278 2.871   1.00 0.00 ? 95  LEU A HA   1 
ATOM 1487 H HB2  . LEU A 1 95  ? -6.912  -13.008 4.063   1.00 0.00 ? 95  LEU A HB2  1 
ATOM 1488 H HB3  . LEU A 1 95  ? -6.016  -11.581 3.578   1.00 0.00 ? 95  LEU A HB3  1 
ATOM 1489 H HG   . LEU A 1 95  ? -6.303  -12.011 1.289   1.00 0.00 ? 95  LEU A HG   1 
ATOM 1490 H HD11 . LEU A 1 95  ? -5.639  -14.358 1.274   1.00 0.00 ? 95  LEU A HD11 1 
ATOM 1491 H HD12 . LEU A 1 95  ? -7.203  -14.820 1.986   1.00 0.00 ? 95  LEU A HD12 1 
ATOM 1492 H HD13 . LEU A 1 95  ? -7.142  -14.114 0.352   1.00 0.00 ? 95  LEU A HD13 1 
ATOM 1493 H HD21 . LEU A 1 95  ? -8.416  -11.495 2.780   1.00 0.00 ? 95  LEU A HD21 1 
ATOM 1494 H HD22 . LEU A 1 95  ? -8.568  -11.799 1.034   1.00 0.00 ? 95  LEU A HD22 1 
ATOM 1495 H HD23 . LEU A 1 95  ? -8.939  -13.094 2.197   1.00 0.00 ? 95  LEU A HD23 1 
ATOM 1496 N N    . PHE A 1 96  ? -2.625  -12.675 3.949   1.00 0.00 ? 96  PHE A N    1 
ATOM 1497 C CA   . PHE A 1 96  ? -1.383  -11.963 3.697   1.00 0.00 ? 96  PHE A CA   1 
ATOM 1498 C C    . PHE A 1 96  ? -0.909  -12.180 2.259   1.00 0.00 ? 96  PHE A C    1 
ATOM 1499 O O    . PHE A 1 96  ? -0.317  -11.287 1.656   1.00 0.00 ? 96  PHE A O    1 
ATOM 1500 C CB   . PHE A 1 96  ? -0.338  -12.533 4.658   1.00 0.00 ? 96  PHE A CB   1 
ATOM 1501 C CG   . PHE A 1 96  ? 0.539   -11.471 5.324   1.00 0.00 ? 96  PHE A CG   1 
ATOM 1502 C CD1  . PHE A 1 96  ? 0.368   -10.157 5.018   1.00 0.00 ? 96  PHE A CD1  1 
ATOM 1503 C CD2  . PHE A 1 96  ? 1.490   -11.841 6.223   1.00 0.00 ? 96  PHE A CD2  1 
ATOM 1504 C CE1  . PHE A 1 96  ? 1.182   -9.172  5.637   1.00 0.00 ? 96  PHE A CE1  1 
ATOM 1505 C CE2  . PHE A 1 96  ? 2.305   -10.856 6.841   1.00 0.00 ? 96  PHE A CE2  1 
ATOM 1506 C CZ   . PHE A 1 96  ? 2.133   -9.542  6.535   1.00 0.00 ? 96  PHE A CZ   1 
ATOM 1507 H H    . PHE A 1 96  ? -2.638  -13.217 4.791   1.00 0.00 ? 96  PHE A H    1 
ATOM 1508 H HA   . PHE A 1 96  ? -1.580  -10.903 3.858   1.00 0.00 ? 96  PHE A HA   1 
ATOM 1509 H HB2  . PHE A 1 96  ? -0.846  -13.108 5.432   1.00 0.00 ? 96  PHE A HB2  1 
ATOM 1510 H HB3  . PHE A 1 96  ? 0.300   -13.228 4.113   1.00 0.00 ? 96  PHE A HB3  1 
ATOM 1511 H HD1  . PHE A 1 96  ? -0.394  -9.861  4.298   1.00 0.00 ? 96  PHE A HD1  1 
ATOM 1512 H HD2  . PHE A 1 96  ? 1.628   -12.894 6.468   1.00 0.00 ? 96  PHE A HD2  1 
ATOM 1513 H HE1  . PHE A 1 96  ? 1.044   -8.119  5.391   1.00 0.00 ? 96  PHE A HE1  1 
ATOM 1514 H HE2  . PHE A 1 96  ? 3.068   -11.153 7.562   1.00 0.00 ? 96  PHE A HE2  1 
ATOM 1515 H HZ   . PHE A 1 96  ? 2.758   -8.785  7.009   1.00 0.00 ? 96  PHE A HZ   1 
ATOM 1516 N N    . LYS A 1 97  ? -1.189  -13.371 1.751   1.00 0.00 ? 97  LYS A N    1 
ATOM 1517 C CA   . LYS A 1 97  ? -0.798  -13.716 0.395   1.00 0.00 ? 97  LYS A CA   1 
ATOM 1518 C C    . LYS A 1 97  ? -1.503  -12.780 -0.588  1.00 0.00 ? 97  LYS A C    1 
ATOM 1519 O O    . LYS A 1 97  ? -1.012  -12.549 -1.692  1.00 0.00 ? 97  LYS A O    1 
ATOM 1520 C CB   . LYS A 1 97  ? -1.058  -15.200 0.124   1.00 0.00 ? 97  LYS A CB   1 
ATOM 1521 C CG   . LYS A 1 97  ? -0.583  -16.062 1.295   1.00 0.00 ? 97  LYS A CG   1 
ATOM 1522 C CD   . LYS A 1 97  ? 0.090   -17.342 0.795   1.00 0.00 ? 97  LYS A CD   1 
ATOM 1523 C CE   . LYS A 1 97  ? 0.424   -18.277 1.959   1.00 0.00 ? 97  LYS A CE   1 
ATOM 1524 N NZ   . LYS A 1 97  ? 1.077   -19.510 1.464   1.00 0.00 ? 97  LYS A NZ   1 
ATOM 1525 H H    . LYS A 1 97  ? -1.672  -14.092 2.249   1.00 0.00 ? 97  LYS A H    1 
ATOM 1526 H HA   . LYS A 1 97  ? 0.276   -13.557 0.314   1.00 0.00 ? 97  LYS A HA   1 
ATOM 1527 H HB2  . LYS A 1 97  ? -2.123  -15.363 -0.043  1.00 0.00 ? 97  LYS A HB2  1 
ATOM 1528 H HB3  . LYS A 1 97  ? -0.543  -15.503 -0.788  1.00 0.00 ? 97  LYS A HB3  1 
ATOM 1529 H HG2  . LYS A 1 97  ? 0.117   -15.495 1.908   1.00 0.00 ? 97  LYS A HG2  1 
ATOM 1530 H HG3  . LYS A 1 97  ? -1.430  -16.318 1.931   1.00 0.00 ? 97  LYS A HG3  1 
ATOM 1531 H HD2  . LYS A 1 97  ? -0.568  -17.853 0.092   1.00 0.00 ? 97  LYS A HD2  1 
ATOM 1532 H HD3  . LYS A 1 97  ? 1.002   -17.090 0.252   1.00 0.00 ? 97  LYS A HD3  1 
ATOM 1533 H HE2  . LYS A 1 97  ? 1.084   -17.769 2.663   1.00 0.00 ? 97  LYS A HE2  1 
ATOM 1534 H HE3  . LYS A 1 97  ? -0.486  -18.532 2.502   1.00 0.00 ? 97  LYS A HE3  1 
ATOM 1535 H HZ1  . LYS A 1 97  ? 1.788   -19.847 2.102   1.00 0.00 ? 97  LYS A HZ1  1 
ATOM 1536 H HZ2  . LYS A 1 97  ? 0.412   -20.266 1.338   1.00 0.00 ? 97  LYS A HZ2  1 
ATOM 1537 N N    . ILE A 1 98  ? -2.644  -12.265 -0.153  1.00 0.00 ? 98  ILE A N    1 
ATOM 1538 C CA   . ILE A 1 98  ? -3.419  -11.356 -0.979  1.00 0.00 ? 98  ILE A CA   1 
ATOM 1539 C C    . ILE A 1 98  ? -2.903  -9.929  -0.783  1.00 0.00 ? 98  ILE A C    1 
ATOM 1540 O O    . ILE A 1 98  ? -3.319  -9.012  -1.491  1.00 0.00 ? 98  ILE A O    1 
ATOM 1541 C CB   . ILE A 1 98  ? -4.913  -11.515 -0.694  1.00 0.00 ? 98  ILE A CB   1 
ATOM 1542 C CG1  . ILE A 1 98  ? -5.705  -11.681 -1.992  1.00 0.00 ? 98  ILE A CG1  1 
ATOM 1543 C CG2  . ILE A 1 98  ? -5.436  -10.352 0.153   1.00 0.00 ? 98  ILE A CG2  1 
ATOM 1544 C CD1  . ILE A 1 98  ? -6.468  -10.400 -2.338  1.00 0.00 ? 98  ILE A CD1  1 
ATOM 1545 H H    . ILE A 1 98  ? -3.037  -12.458 0.747   1.00 0.00 ? 98  ILE A H    1 
ATOM 1546 H HA   . ILE A 1 98  ? -3.257  -11.642 -2.019  1.00 0.00 ? 98  ILE A HA   1 
ATOM 1547 H HB   . ILE A 1 98  ? -5.055  -12.425 -0.112  1.00 0.00 ? 98  ILE A HB   1 
ATOM 1548 H HG12 . ILE A 1 98  ? -5.027  -11.934 -2.807  1.00 0.00 ? 98  ILE A HG12 1 
ATOM 1549 H HG13 . ILE A 1 98  ? -6.406  -12.509 -1.892  1.00 0.00 ? 98  ILE A HG13 1 
ATOM 1550 H HG21 . ILE A 1 98  ? -5.209  -9.410  -0.346  1.00 0.00 ? 98  ILE A HG21 1 
ATOM 1551 H HG22 . ILE A 1 98  ? -6.515  -10.448 0.274   1.00 0.00 ? 98  ILE A HG22 1 
ATOM 1552 H HG23 . ILE A 1 98  ? -4.957  -10.371 1.131   1.00 0.00 ? 98  ILE A HG23 1 
ATOM 1553 H HD11 . ILE A 1 98  ? -5.877  -9.534  -2.037  1.00 0.00 ? 98  ILE A HD11 1 
ATOM 1554 H HD12 . ILE A 1 98  ? -6.648  -10.362 -3.412  1.00 0.00 ? 98  ILE A HD12 1 
ATOM 1555 H HD13 . ILE A 1 98  ? -7.421  -10.391 -1.808  1.00 0.00 ? 98  ILE A HD13 1 
ATOM 1556 N N    . ILE A 1 99  ? -2.005  -9.785  0.180   1.00 0.00 ? 99  ILE A N    1 
ATOM 1557 C CA   . ILE A 1 99  ? -1.429  -8.485  0.478   1.00 0.00 ? 99  ILE A CA   1 
ATOM 1558 C C    . ILE A 1 99  ? 0.066   -8.508  0.153   1.00 0.00 ? 99  ILE A C    1 
ATOM 1559 O O    . ILE A 1 99  ? 0.701   -7.459  0.062   1.00 0.00 ? 99  ILE A O    1 
ATOM 1560 C CB   . ILE A 1 99  ? -1.738  -8.080  1.921   1.00 0.00 ? 99  ILE A CB   1 
ATOM 1561 C CG1  . ILE A 1 99  ? -3.212  -7.703  2.081   1.00 0.00 ? 99  ILE A CG1  1 
ATOM 1562 C CG2  . ILE A 1 99  ? -0.806  -6.960  2.387   1.00 0.00 ? 99  ILE A CG2  1 
ATOM 1563 C CD1  . ILE A 1 99  ? -3.643  -6.705  1.005   1.00 0.00 ? 99  ILE A CD1  1 
ATOM 1564 H H    . ILE A 1 99  ? -1.672  -10.536 0.751   1.00 0.00 ? 99  ILE A H    1 
ATOM 1565 H HA   . ILE A 1 99  ? -1.913  -7.756  -0.172  1.00 0.00 ? 99  ILE A HA   1 
ATOM 1566 H HB   . ILE A 1 99  ? -1.554  -8.941  2.564   1.00 0.00 ? 99  ILE A HB   1 
ATOM 1567 H HG12 . ILE A 1 99  ? -3.828  -8.600  2.019   1.00 0.00 ? 99  ILE A HG12 1 
ATOM 1568 H HG13 . ILE A 1 99  ? -3.375  -7.272  3.069   1.00 0.00 ? 99  ILE A HG13 1 
ATOM 1569 H HG21 . ILE A 1 99  ? 0.226   -7.224  2.152   1.00 0.00 ? 99  ILE A HG21 1 
ATOM 1570 H HG22 . ILE A 1 99  ? -1.068  -6.033  1.878   1.00 0.00 ? 99  ILE A HG22 1 
ATOM 1571 H HG23 . ILE A 1 99  ? -0.909  -6.825  3.464   1.00 0.00 ? 99  ILE A HG23 1 
ATOM 1572 H HD11 . ILE A 1 99  ? -2.794  -6.479  0.359   1.00 0.00 ? 99  ILE A HD11 1 
ATOM 1573 H HD12 . ILE A 1 99  ? -4.448  -7.137  0.410   1.00 0.00 ? 99  ILE A HD12 1 
ATOM 1574 H HD13 . ILE A 1 99  ? -3.993  -5.788  1.479   1.00 0.00 ? 99  ILE A HD13 1 
ATOM 1575 N N    . ARG A 1 100 ? 0.584   -9.715  -0.016  1.00 0.00 ? 100 ARG A N    1 
ATOM 1576 C CA   . ARG A 1 100 ? 1.992   -9.889  -0.329  1.00 0.00 ? 100 ARG A CA   1 
ATOM 1577 C C    . ARG A 1 100 ? 2.816   -8.755  0.283   1.00 0.00 ? 100 ARG A C    1 
ATOM 1578 O O    . ARG A 1 100 ? 3.047   -7.733  -0.362  1.00 0.00 ? 100 ARG A O    1 
ATOM 1579 C CB   . ARG A 1 100 ? 2.220   -9.917  -1.842  1.00 0.00 ? 100 ARG A CB   1 
ATOM 1580 C CG   . ARG A 1 100 ? 3.387   -10.837 -2.205  1.00 0.00 ? 100 ARG A CG   1 
ATOM 1581 C CD   . ARG A 1 100 ? 4.013   -10.429 -3.540  1.00 0.00 ? 100 ARG A CD   1 
ATOM 1582 N NE   . ARG A 1 100 ? 4.560   -11.621 -4.227  1.00 0.00 ? 100 ARG A NE   1 
ATOM 1583 C CZ   . ARG A 1 100 ? 3.878   -12.349 -5.136  1.00 0.00 ? 100 ARG A CZ   1 
ATOM 1584 N NH1  . ARG A 1 100 ? 2.615   -12.014 -5.475  1.00 0.00 ? 100 ARG A NH1  1 
ATOM 1585 N NH2  . ARG A 1 100 ? 4.465   -13.396 -5.688  1.00 0.00 ? 100 ARG A NH2  1 
ATOM 1586 H H    . ARG A 1 100 ? 0.060   -10.564 0.060   1.00 0.00 ? 100 ARG A H    1 
ATOM 1587 H HA   . ARG A 1 100 ? 2.260   -10.850 0.110   1.00 0.00 ? 100 ARG A HA   1 
ATOM 1588 H HB2  . ARG A 1 100 ? 1.314   -10.258 -2.343  1.00 0.00 ? 100 ARG A HB2  1 
ATOM 1589 H HB3  . ARG A 1 100 ? 2.423   -8.908  -2.202  1.00 0.00 ? 100 ARG A HB3  1 
ATOM 1590 H HG2  . ARG A 1 100 ? 4.142   -10.800 -1.419  1.00 0.00 ? 100 ARG A HG2  1 
ATOM 1591 H HG3  . ARG A 1 100 ? 3.039   -11.868 -2.262  1.00 0.00 ? 100 ARG A HG3  1 
ATOM 1592 H HD2  . ARG A 1 100 ? 3.265   -9.947  -4.169  1.00 0.00 ? 100 ARG A HD2  1 
ATOM 1593 H HD3  . ARG A 1 100 ? 4.806   -9.700  -3.371  1.00 0.00 ? 100 ARG A HD3  1 
ATOM 1594 H HE   . ARG A 1 100 ? 5.493   -11.903 -4.004  1.00 0.00 ? 100 ARG A HE   1 
ATOM 1595 H HH11 . ARG A 1 100 ? 2.178   -11.221 -5.052  1.00 0.00 ? 100 ARG A HH11 1 
ATOM 1596 H HH12 . ARG A 1 100 ? 2.117   -12.560 -6.149  1.00 0.00 ? 100 ARG A HH12 1 
ATOM 1597 H HH21 . ARG A 1 100 ? 4.030   -13.986 -6.368  1.00 0.00 ? 100 ARG A HH21 1 
ATOM 1598 N N    . PHE A 1 101 ? 3.237   -8.972  1.519   1.00 0.00 ? 101 PHE A N    1 
ATOM 1599 C CA   . PHE A 1 101 ? 4.031   -7.981  2.226   1.00 0.00 ? 101 PHE A CA   1 
ATOM 1600 C C    . PHE A 1 101 ? 5.501   -8.402  2.293   1.00 0.00 ? 101 PHE A C    1 
ATOM 1601 O O    . PHE A 1 101 ? 5.848   -9.519  1.912   1.00 0.00 ? 101 PHE A O    1 
ATOM 1602 C CB   . PHE A 1 101 ? 3.473   -7.892  3.648   1.00 0.00 ? 101 PHE A CB   1 
ATOM 1603 C CG   . PHE A 1 101 ? 3.273   -6.460  4.148   1.00 0.00 ? 101 PHE A CG   1 
ATOM 1604 C CD1  . PHE A 1 101 ? 4.303   -5.796  4.739   1.00 0.00 ? 101 PHE A CD1  1 
ATOM 1605 C CD2  . PHE A 1 101 ? 2.065   -5.851  4.002   1.00 0.00 ? 101 PHE A CD2  1 
ATOM 1606 C CE1  . PHE A 1 101 ? 4.117   -4.467  5.203   1.00 0.00 ? 101 PHE A CE1  1 
ATOM 1607 C CE2  . PHE A 1 101 ? 1.880   -4.522  4.467   1.00 0.00 ? 101 PHE A CE2  1 
ATOM 1608 C CZ   . PHE A 1 101 ? 2.909   -3.858  5.057   1.00 0.00 ? 101 PHE A CZ   1 
ATOM 1609 H H    . PHE A 1 101 ? 3.044   -9.806  2.038   1.00 0.00 ? 101 PHE A H    1 
ATOM 1610 H HA   . PHE A 1 101 ? 3.948   -7.046  1.672   1.00 0.00 ? 101 PHE A HA   1 
ATOM 1611 H HB2  . PHE A 1 101 ? 2.518   -8.415  3.686   1.00 0.00 ? 101 PHE A HB2  1 
ATOM 1612 H HB3  . PHE A 1 101 ? 4.150   -8.411  4.326   1.00 0.00 ? 101 PHE A HB3  1 
ATOM 1613 H HD1  . PHE A 1 101 ? 5.270   -6.284  4.856   1.00 0.00 ? 101 PHE A HD1  1 
ATOM 1614 H HD2  . PHE A 1 101 ? 1.240   -6.383  3.529   1.00 0.00 ? 101 PHE A HD2  1 
ATOM 1615 H HE1  . PHE A 1 101 ? 4.942   -3.934  5.677   1.00 0.00 ? 101 PHE A HE1  1 
ATOM 1616 H HE2  . PHE A 1 101 ? 0.913   -4.034  4.351   1.00 0.00 ? 101 PHE A HE2  1 
ATOM 1617 H HZ   . PHE A 1 101 ? 2.767   -2.838  5.414   1.00 0.00 ? 101 PHE A HZ   1 
ATOM 1618 N N    . GLU A 1 102 ? 6.324   -7.486  2.780   1.00 0.00 ? 102 GLU A N    1 
ATOM 1619 C CA   . GLU A 1 102 ? 7.748   -7.748  2.901   1.00 0.00 ? 102 GLU A CA   1 
ATOM 1620 C C    . GLU A 1 102 ? 8.320   -7.020  4.119   1.00 0.00 ? 102 GLU A C    1 
ATOM 1621 O O    . GLU A 1 102 ? 7.645   -6.880  5.137   1.00 0.00 ? 102 GLU A O    1 
ATOM 1622 C CB   . GLU A 1 102 ? 8.489   -7.347  1.624   1.00 0.00 ? 102 GLU A CB   1 
ATOM 1623 C CG   . GLU A 1 102 ? 9.444   -8.455  1.173   1.00 0.00 ? 102 GLU A CG   1 
ATOM 1624 C CD   . GLU A 1 102 ? 10.847  -8.234  1.742   1.00 0.00 ? 102 GLU A CD   1 
ATOM 1625 O OE1  . GLU A 1 102 ? 11.281  -7.082  1.891   1.00 0.00 ? 102 GLU A OE1  1 
ATOM 1626 O OE2  . GLU A 1 102 ? 11.491  -9.312  2.035   1.00 0.00 ? 102 GLU A OE2  1 
ATOM 1627 H H    . GLU A 1 102 ? 6.033   -6.580  3.089   1.00 0.00 ? 102 GLU A H    1 
ATOM 1628 H HA   . GLU A 1 102 ? 7.834   -8.826  3.040   1.00 0.00 ? 102 GLU A HA   1 
ATOM 1629 H HB2  . GLU A 1 102 ? 7.770   -7.138  0.832   1.00 0.00 ? 102 GLU A HB2  1 
ATOM 1630 H HB3  . GLU A 1 102 ? 9.048   -6.428  1.797   1.00 0.00 ? 102 GLU A HB3  1 
ATOM 1631 H HG2  . GLU A 1 102 ? 9.063   -9.423  1.499   1.00 0.00 ? 102 GLU A HG2  1 
ATOM 1632 H HG3  . GLU A 1 102 ? 9.489   -8.481  0.085   1.00 0.00 ? 102 GLU A HG3  1 
ATOM 1633 H HE2  . GLU A 1 102 ? 12.385  -9.082  2.422   1.00 0.00 ? 102 GLU A HE2  1 
ATOM 1634 N N    . GLN A 1 103 ? 9.560   -6.575  3.973   1.00 0.00 ? 103 GLN A N    1 
ATOM 1635 C CA   . GLN A 1 103 ? 10.232  -5.865  5.049   1.00 0.00 ? 103 GLN A CA   1 
ATOM 1636 C C    . GLN A 1 103 ? 11.302  -4.932  4.482   1.00 0.00 ? 103 GLN A C    1 
ATOM 1637 O O    . GLN A 1 103 ? 12.450  -5.334  4.300   1.00 0.00 ? 103 GLN A O    1 
ATOM 1638 C CB   . GLN A 1 103 ? 10.837  -6.844  6.057   1.00 0.00 ? 103 GLN A CB   1 
ATOM 1639 C CG   . GLN A 1 103 ? 9.834   -7.940  6.428   1.00 0.00 ? 103 GLN A CG   1 
ATOM 1640 C CD   . GLN A 1 103 ? 10.482  -8.993  7.329   1.00 0.00 ? 103 GLN A CD   1 
ATOM 1641 O OE1  . GLN A 1 103 ? 11.688  -9.176  7.346   1.00 0.00 ? 103 GLN A OE1  1 
ATOM 1642 N NE2  . GLN A 1 103 ? 9.616   -9.675  8.074   1.00 0.00 ? 103 GLN A NE2  1 
ATOM 1643 H H    . GLN A 1 103 ? 10.102  -6.692  3.141   1.00 0.00 ? 103 GLN A H    1 
ATOM 1644 H HA   . GLN A 1 103 ? 9.454   -5.282  5.541   1.00 0.00 ? 103 GLN A HA   1 
ATOM 1645 H HB2  . GLN A 1 103 ? 11.735  -7.296  5.637   1.00 0.00 ? 103 GLN A HB2  1 
ATOM 1646 H HB3  . GLN A 1 103 ? 11.141  -6.306  6.955   1.00 0.00 ? 103 GLN A HB3  1 
ATOM 1647 H HG2  . GLN A 1 103 ? 8.978   -7.497  6.937   1.00 0.00 ? 103 GLN A HG2  1 
ATOM 1648 H HG3  . GLN A 1 103 ? 9.456   -8.413  5.521   1.00 0.00 ? 103 GLN A HG3  1 
ATOM 1649 H HE21 . GLN A 1 103 ? 8.638   -9.475  8.011   1.00 0.00 ? 103 GLN A HE21 1 
ATOM 1650 H HE22 . GLN A 1 103 ? 9.942   -10.386 8.695   1.00 0.00 ? 103 GLN A HE22 1 
ATOM 1651 N N    . SER A 1 104 ? 10.889  -3.700  4.219   1.00 0.00 ? 104 SER A N    1 
ATOM 1652 C CA   . SER A 1 104 ? 11.797  -2.705  3.675   1.00 0.00 ? 104 SER A CA   1 
ATOM 1653 C C    . SER A 1 104 ? 12.579  -3.297  2.501   1.00 0.00 ? 104 SER A C    1 
ATOM 1654 O O    . SER A 1 104 ? 12.445  -2.839  1.368   1.00 0.00 ? 104 SER A O    1 
ATOM 1655 C CB   . SER A 1 104 ? 12.759  -2.193  4.750   1.00 0.00 ? 104 SER A CB   1 
ATOM 1656 O OG   . SER A 1 104 ? 13.808  -1.405  4.195   1.00 0.00 ? 104 SER A OG   1 
ATOM 1657 H H    . SER A 1 104 ? 9.953   -3.381  4.370   1.00 0.00 ? 104 SER A H    1 
ATOM 1658 H HA   . SER A 1 104 ? 11.161  -1.887  3.338   1.00 0.00 ? 104 SER A HA   1 
ATOM 1659 H HB2  . SER A 1 104 ? 12.206  -1.600  5.478   1.00 0.00 ? 104 SER A HB2  1 
ATOM 1660 H HB3  . SER A 1 104 ? 13.186  -3.040  5.286   1.00 0.00 ? 104 SER A HB3  1 
ATOM 1661 H HG   . SER A 1 104 ? 14.502  -1.998  3.788   1.00 0.00 ? 104 SER A HG   1 
ATOM 1662 N N    . GLU A 1 105 ? 13.380  -4.306  2.813   1.00 0.00 ? 105 GLU A N    1 
ATOM 1663 C CA   . GLU A 1 105 ? 14.184  -4.964  1.798   1.00 0.00 ? 105 GLU A CA   1 
ATOM 1664 C C    . GLU A 1 105 ? 13.438  -4.986  0.462   1.00 0.00 ? 105 GLU A C    1 
ATOM 1665 O O    . GLU A 1 105 ? 14.056  -4.936  -0.600  1.00 0.00 ? 105 GLU A O    1 
ATOM 1666 C CB   . GLU A 1 105 ? 14.569  -6.378  2.235   1.00 0.00 ? 105 GLU A CB   1 
ATOM 1667 C CG   . GLU A 1 105 ? 15.361  -7.095  1.140   1.00 0.00 ? 105 GLU A CG   1 
ATOM 1668 C CD   . GLU A 1 105 ? 16.511  -7.908  1.738   1.00 0.00 ? 105 GLU A CD   1 
ATOM 1669 O OE1  . GLU A 1 105 ? 16.938  -7.639  2.870   1.00 0.00 ? 105 GLU A OE1  1 
ATOM 1670 O OE2  . GLU A 1 105 ? 16.963  -8.851  0.982   1.00 0.00 ? 105 GLU A OE2  1 
ATOM 1671 H H    . GLU A 1 105 ? 13.482  -4.673  3.737   1.00 0.00 ? 105 GLU A H    1 
ATOM 1672 H HA   . GLU A 1 105 ? 15.086  -4.361  1.707   1.00 0.00 ? 105 GLU A HA   1 
ATOM 1673 H HB2  . GLU A 1 105 ? 15.162  -6.332  3.148   1.00 0.00 ? 105 GLU A HB2  1 
ATOM 1674 H HB3  . GLU A 1 105 ? 13.669  -6.948  2.469   1.00 0.00 ? 105 GLU A HB3  1 
ATOM 1675 H HG2  . GLU A 1 105 ? 14.699  -7.753  0.578   1.00 0.00 ? 105 GLU A HG2  1 
ATOM 1676 H HG3  . GLU A 1 105 ? 15.757  -6.363  0.435   1.00 0.00 ? 105 GLU A HG3  1 
ATOM 1677 H HE2  . GLU A 1 105 ? 17.842  -8.582  0.588   1.00 0.00 ? 105 GLU A HE2  1 
ATOM 1678 N N    . GLN A 1 106 ? 12.119  -5.063  0.558   1.00 0.00 ? 106 GLN A N    1 
ATOM 1679 C CA   . GLN A 1 106 ? 11.282  -5.094  -0.629  1.00 0.00 ? 106 GLN A CA   1 
ATOM 1680 C C    . GLN A 1 106 ? 11.383  -3.766  -1.383  1.00 0.00 ? 106 GLN A C    1 
ATOM 1681 O O    . GLN A 1 106 ? 10.930  -3.659  -2.521  1.00 0.00 ? 106 GLN A O    1 
ATOM 1682 C CB   . GLN A 1 106 ? 9.829   -5.409  -0.269  1.00 0.00 ? 106 GLN A CB   1 
ATOM 1683 C CG   . GLN A 1 106 ? 8.872   -4.891  -1.343  1.00 0.00 ? 106 GLN A CG   1 
ATOM 1684 C CD   . GLN A 1 106 ? 7.541   -5.644  -1.302  1.00 0.00 ? 106 GLN A CD   1 
ATOM 1685 O OE1  . GLN A 1 106 ? 6.473   -5.066  -1.189  1.00 0.00 ? 106 GLN A OE1  1 
ATOM 1686 N NE2  . GLN A 1 106 ? 7.664   -6.965  -1.401  1.00 0.00 ? 106 GLN A NE2  1 
ATOM 1687 H H    . GLN A 1 106 ? 11.623  -5.105  1.426   1.00 0.00 ? 106 GLN A H    1 
ATOM 1688 H HA   . GLN A 1 106 ? 11.680  -5.901  -1.244  1.00 0.00 ? 106 GLN A HA   1 
ATOM 1689 H HB2  . GLN A 1 106 ? 9.706   -6.487  -0.156  1.00 0.00 ? 106 GLN A HB2  1 
ATOM 1690 H HB3  . GLN A 1 106 ? 9.582   -4.958  0.692   1.00 0.00 ? 106 GLN A HB3  1 
ATOM 1691 H HG2  . GLN A 1 106 ? 8.695   -3.825  -1.193  1.00 0.00 ? 106 GLN A HG2  1 
ATOM 1692 H HG3  . GLN A 1 106 ? 9.328   -5.002  -2.326  1.00 0.00 ? 106 GLN A HG3  1 
ATOM 1693 H HE21 . GLN A 1 106 ? 8.571   -7.377  -1.492  1.00 0.00 ? 106 GLN A HE21 1 
ATOM 1694 H HE22 . GLN A 1 106 ? 6.851   -7.546  -1.385  1.00 0.00 ? 106 GLN A HE22 1 
ATOM 1695 N N    . GLN A 1 107 ? 11.981  -2.789  -0.719  1.00 0.00 ? 107 GLN A N    1 
ATOM 1696 C CA   . GLN A 1 107 ? 12.148  -1.473  -1.313  1.00 0.00 ? 107 GLN A CA   1 
ATOM 1697 C C    . GLN A 1 107 ? 12.394  -1.598  -2.818  1.00 0.00 ? 107 GLN A C    1 
ATOM 1698 O O    . GLN A 1 107 ? 12.004  -0.722  -3.589  1.00 0.00 ? 107 GLN A O    1 
ATOM 1699 C CB   . GLN A 1 107 ? 13.285  -0.705  -0.634  1.00 0.00 ? 107 GLN A CB   1 
ATOM 1700 C CG   . GLN A 1 107 ? 14.107  0.078   -1.659  1.00 0.00 ? 107 GLN A CG   1 
ATOM 1701 C CD   . GLN A 1 107 ? 14.973  1.136   -0.974  1.00 0.00 ? 107 GLN A CD   1 
ATOM 1702 O OE1  . GLN A 1 107 ? 14.544  1.841   -0.076  1.00 0.00 ? 107 GLN A OE1  1 
ATOM 1703 N NE2  . GLN A 1 107 ? 16.214  1.208   -1.447  1.00 0.00 ? 107 GLN A NE2  1 
ATOM 1704 H H    . GLN A 1 107 ? 12.346  -2.884  0.207   1.00 0.00 ? 107 GLN A H    1 
ATOM 1705 H HA   . GLN A 1 107 ? 11.208  -0.952  -1.133  1.00 0.00 ? 107 GLN A HA   1 
ATOM 1706 H HB2  . GLN A 1 107 ? 12.874  -0.021  0.107   1.00 0.00 ? 107 GLN A HB2  1 
ATOM 1707 H HB3  . GLN A 1 107 ? 13.931  -1.402  -0.100  1.00 0.00 ? 107 GLN A HB3  1 
ATOM 1708 H HG2  . GLN A 1 107 ? 14.740  -0.608  -2.223  1.00 0.00 ? 107 GLN A HG2  1 
ATOM 1709 H HG3  . GLN A 1 107 ? 13.440  0.557   -2.376  1.00 0.00 ? 107 GLN A HG3  1 
ATOM 1710 H HE21 . GLN A 1 107 ? 16.504  0.599   -2.186  1.00 0.00 ? 107 GLN A HE21 1 
ATOM 1711 H HE22 . GLN A 1 107 ? 16.859  1.870   -1.063  1.00 0.00 ? 107 GLN A HE22 1 
ATOM 1712 N N    . ALA A 1 108 ? 13.039  -2.693  -3.191  1.00 0.00 ? 108 ALA A N    1 
ATOM 1713 C CA   . ALA A 1 108 ? 13.340  -2.944  -4.591  1.00 0.00 ? 108 ALA A CA   1 
ATOM 1714 C C    . ALA A 1 108 ? 12.149  -3.646  -5.246  1.00 0.00 ? 108 ALA A C    1 
ATOM 1715 O O    . ALA A 1 108 ? 11.618  -3.169  -6.248  1.00 0.00 ? 108 ALA A O    1 
ATOM 1716 C CB   . ALA A 1 108 ? 14.629  -3.762  -4.697  1.00 0.00 ? 108 ALA A CB   1 
ATOM 1717 H H    . ALA A 1 108 ? 13.353  -3.401  -2.558  1.00 0.00 ? 108 ALA A H    1 
ATOM 1718 H HA   . ALA A 1 108 ? 13.495  -1.980  -5.074  1.00 0.00 ? 108 ALA A HA   1 
ATOM 1719 H HB1  . ALA A 1 108 ? 15.234  -3.604  -3.804  1.00 0.00 ? 108 ALA A HB1  1 
ATOM 1720 H HB2  . ALA A 1 108 ? 14.381  -4.820  -4.787  1.00 0.00 ? 108 ALA A HB2  1 
ATOM 1721 H HB3  . ALA A 1 108 ? 15.190  -3.444  -5.575  1.00 0.00 ? 108 ALA A HB3  1 
ATOM 1722 N N    . LEU A 1 109 ? 11.763  -4.766  -4.655  1.00 0.00 ? 109 LEU A N    1 
ATOM 1723 C CA   . LEU A 1 109 ? 10.645  -5.538  -5.169  1.00 0.00 ? 109 LEU A CA   1 
ATOM 1724 C C    . LEU A 1 109 ? 9.362   -4.714  -5.041  1.00 0.00 ? 109 LEU A C    1 
ATOM 1725 O O    . LEU A 1 109 ? 8.377   -4.983  -5.727  1.00 0.00 ? 109 LEU A O    1 
ATOM 1726 C CB   . LEU A 1 109 ? 10.572  -6.901  -4.479  1.00 0.00 ? 109 LEU A CB   1 
ATOM 1727 C CG   . LEU A 1 109 ? 10.667  -8.122  -5.394  1.00 0.00 ? 109 LEU A CG   1 
ATOM 1728 C CD1  . LEU A 1 109 ? 10.905  -9.399  -4.585  1.00 0.00 ? 109 LEU A CD1  1 
ATOM 1729 C CD2  . LEU A 1 109 ? 9.432   -8.235  -6.290  1.00 0.00 ? 109 LEU A CD2  1 
ATOM 1730 H H    . LEU A 1 109 ? 12.201  -5.148  -3.840  1.00 0.00 ? 109 LEU A H    1 
ATOM 1731 H HA   . LEU A 1 109 ? 10.834  -5.722  -6.227  1.00 0.00 ? 109 LEU A HA   1 
ATOM 1732 H HB2  . LEU A 1 109 ? 11.376  -6.958  -3.744  1.00 0.00 ? 109 LEU A HB2  1 
ATOM 1733 H HB3  . LEU A 1 109 ? 9.633   -6.958  -3.928  1.00 0.00 ? 109 LEU A HB3  1 
ATOM 1734 H HG   . LEU A 1 109 ? 11.529  -7.992  -6.049  1.00 0.00 ? 109 LEU A HG   1 
ATOM 1735 H HD11 . LEU A 1 109 ? 10.260  -9.397  -3.706  1.00 0.00 ? 109 LEU A HD11 1 
ATOM 1736 H HD12 . LEU A 1 109 ? 10.677  -10.269 -5.200  1.00 0.00 ? 109 LEU A HD12 1 
ATOM 1737 H HD13 . LEU A 1 109 ? 11.949  -9.440  -4.270  1.00 0.00 ? 109 LEU A HD13 1 
ATOM 1738 H HD21 . LEU A 1 109 ? 8.937   -7.266  -6.348  1.00 0.00 ? 109 LEU A HD21 1 
ATOM 1739 H HD22 . LEU A 1 109 ? 9.735   -8.548  -7.289  1.00 0.00 ? 109 LEU A HD22 1 
ATOM 1740 H HD23 . LEU A 1 109 ? 8.745   -8.970  -5.872  1.00 0.00 ? 109 LEU A HD23 1 
ATOM 1741 N N    . LEU A 1 110 ? 9.415   -3.728  -4.158  1.00 0.00 ? 110 LEU A N    1 
ATOM 1742 C CA   . LEU A 1 110 ? 8.269   -2.863  -3.932  1.00 0.00 ? 110 LEU A CA   1 
ATOM 1743 C C    . LEU A 1 110 ? 7.852   -2.220  -5.256  1.00 0.00 ? 110 LEU A C    1 
ATOM 1744 O O    . LEU A 1 110 ? 6.662   -2.070  -5.530  1.00 0.00 ? 110 LEU A O    1 
ATOM 1745 C CB   . LEU A 1 110 ? 8.572   -1.850  -2.827  1.00 0.00 ? 110 LEU A CB   1 
ATOM 1746 C CG   . LEU A 1 110 ? 7.360   -1.284  -2.084  1.00 0.00 ? 110 LEU A CG   1 
ATOM 1747 C CD1  . LEU A 1 110 ? 7.222   -1.917  -0.698  1.00 0.00 ? 110 LEU A CD1  1 
ATOM 1748 C CD2  . LEU A 1 110 ? 7.424   0.242   -2.013  1.00 0.00 ? 110 LEU A CD2  1 
ATOM 1749 H H    . LEU A 1 110 ? 10.220  -3.516  -3.603  1.00 0.00 ? 110 LEU A H    1 
ATOM 1750 H HA   . LEU A 1 110 ? 7.451   -3.490  -3.580  1.00 0.00 ? 110 LEU A HA   1 
ATOM 1751 H HB2  . LEU A 1 110 ? 9.232   -2.323  -2.098  1.00 0.00 ? 110 LEU A HB2  1 
ATOM 1752 H HB3  . LEU A 1 110 ? 9.126   -1.019  -3.264  1.00 0.00 ? 110 LEU A HB3  1 
ATOM 1753 H HG   . LEU A 1 110 ? 6.463   -1.543  -2.647  1.00 0.00 ? 110 LEU A HG   1 
ATOM 1754 H HD11 . LEU A 1 110 ? 8.180   -1.869  -0.180  1.00 0.00 ? 110 LEU A HD11 1 
ATOM 1755 H HD12 . LEU A 1 110 ? 6.471   -1.374  -0.124  1.00 0.00 ? 110 LEU A HD12 1 
ATOM 1756 H HD13 . LEU A 1 110 ? 6.917   -2.959  -0.803  1.00 0.00 ? 110 LEU A HD13 1 
ATOM 1757 H HD21 . LEU A 1 110 ? 7.770   0.636   -2.969  1.00 0.00 ? 110 LEU A HD21 1 
ATOM 1758 H HD22 . LEU A 1 110 ? 6.432   0.638   -1.796  1.00 0.00 ? 110 LEU A HD22 1 
ATOM 1759 H HD23 . LEU A 1 110 ? 8.116   0.541   -1.226  1.00 0.00 ? 110 LEU A HD23 1 
ATOM 1760 N N    . THR A 1 111 ? 8.854   -1.859  -6.045  1.00 0.00 ? 111 THR A N    1 
ATOM 1761 C CA   . THR A 1 111 ? 8.606   -1.236  -7.333  1.00 0.00 ? 111 THR A CA   1 
ATOM 1762 C C    . THR A 1 111 ? 7.683   -2.115  -8.181  1.00 0.00 ? 111 THR A C    1 
ATOM 1763 O O    . THR A 1 111 ? 7.331   -1.751  -9.302  1.00 0.00 ? 111 THR A O    1 
ATOM 1764 C CB   . THR A 1 111 ? 9.958   -0.962  -7.994  1.00 0.00 ? 111 THR A CB   1 
ATOM 1765 O OG1  . THR A 1 111 ? 10.134  0.446   -7.855  1.00 0.00 ? 111 THR A OG1  1 
ATOM 1766 C CG2  . THR A 1 111 ? 9.927   -1.185  -9.508  1.00 0.00 ? 111 THR A CG2  1 
ATOM 1767 H H    . THR A 1 111 ? 9.820   -1.986  -5.815  1.00 0.00 ? 111 THR A H    1 
ATOM 1768 H HA   . THR A 1 111 ? 8.085   -0.294  -7.166  1.00 0.00 ? 111 THR A HA   1 
ATOM 1769 H HB   . THR A 1 111 ? 10.747  -1.555  -7.529  1.00 0.00 ? 111 THR A HB   1 
ATOM 1770 H HG1  . THR A 1 111 ? 11.034  0.641   -7.468  1.00 0.00 ? 111 THR A HG1  1 
ATOM 1771 H HG21 . THR A 1 111 ? 9.136   -0.579  -9.948  1.00 0.00 ? 111 THR A HG21 1 
ATOM 1772 H HG22 . THR A 1 111 ? 10.887  -0.898  -9.937  1.00 0.00 ? 111 THR A HG22 1 
ATOM 1773 H HG23 . THR A 1 111 ? 9.738   -2.238  -9.715  1.00 0.00 ? 111 THR A HG23 1 
ATOM 1774 N N    . LEU A 1 112 ? 7.318   -3.254  -7.613  1.00 0.00 ? 112 LEU A N    1 
ATOM 1775 C CA   . LEU A 1 112 ? 6.443   -4.187  -8.301  1.00 0.00 ? 112 LEU A CA   1 
ATOM 1776 C C    . LEU A 1 112 ? 7.277   -5.335  -8.874  1.00 0.00 ? 112 LEU A C    1 
ATOM 1777 O O    . LEU A 1 112 ? 6.796   -6.100  -9.709  1.00 0.00 ? 112 LEU A O    1 
ATOM 1778 C CB   . LEU A 1 112 ? 5.600   -3.457  -9.350  1.00 0.00 ? 112 LEU A CB   1 
ATOM 1779 C CG   . LEU A 1 112 ? 5.584   -4.077  -10.749 1.00 0.00 ? 112 LEU A CG   1 
ATOM 1780 C CD1  . LEU A 1 112 ? 4.151   -4.334  -11.219 1.00 0.00 ? 112 LEU A CD1  1 
ATOM 1781 C CD2  . LEU A 1 112 ? 6.367   -3.214  -11.741 1.00 0.00 ? 112 LEU A CD2  1 
ATOM 1782 H H    . LEU A 1 112 ? 7.609   -3.543  -6.701  1.00 0.00 ? 112 LEU A H    1 
ATOM 1783 H HA   . LEU A 1 112 ? 5.754   -4.595  -7.562  1.00 0.00 ? 112 LEU A HA   1 
ATOM 1784 H HB2  . LEU A 1 112 ? 4.574   -3.401  -8.988  1.00 0.00 ? 112 LEU A HB2  1 
ATOM 1785 H HB3  . LEU A 1 112 ? 5.966   -2.433  -9.432  1.00 0.00 ? 112 LEU A HB3  1 
ATOM 1786 H HG   . LEU A 1 112 ? 6.086   -5.044  -10.699 1.00 0.00 ? 112 LEU A HG   1 
ATOM 1787 H HD11 . LEU A 1 112 ? 3.572   -4.762  -10.400 1.00 0.00 ? 112 LEU A HD11 1 
ATOM 1788 H HD12 . LEU A 1 112 ? 3.698   -3.394  -11.532 1.00 0.00 ? 112 LEU A HD12 1 
ATOM 1789 H HD13 . LEU A 1 112 ? 4.163   -5.029  -12.058 1.00 0.00 ? 112 LEU A HD13 1 
ATOM 1790 H HD21 . LEU A 1 112 ? 6.622   -2.263  -11.272 1.00 0.00 ? 112 LEU A HD21 1 
ATOM 1791 H HD22 . LEU A 1 112 ? 7.280   -3.731  -12.032 1.00 0.00 ? 112 LEU A HD22 1 
ATOM 1792 H HD23 . LEU A 1 112 ? 5.755   -3.030  -12.623 1.00 0.00 ? 112 LEU A HD23 1 
ATOM 1793 N N    . GLY A 1 113 ? 8.511   -5.419  -8.402  1.00 0.00 ? 113 GLY A N    1 
ATOM 1794 C CA   . GLY A 1 113 ? 9.417   -6.461  -8.855  1.00 0.00 ? 113 GLY A CA   1 
ATOM 1795 C C    . GLY A 1 113 ? 9.400   -6.576  -10.381 1.00 0.00 ? 113 GLY A C    1 
ATOM 1796 O O    . GLY A 1 113 ? 9.631   -7.653  -10.930 1.00 0.00 ? 113 GLY A O    1 
ATOM 1797 H H    . GLY A 1 113 ? 8.895   -4.794  -7.722  1.00 0.00 ? 113 GLY A H    1 
ATOM 1798 H HA2  . GLY A 1 113 ? 10.428  -6.243  -8.515  1.00 0.00 ? 113 GLY A HA2  1 
ATOM 1799 H HA3  . GLY A 1 113 ? 9.130   -7.415  -8.413  1.00 0.00 ? 113 GLY A HA3  1 
ATOM 1800 N N    . VAL A 1 114 ? 9.125   -5.450  -11.024 1.00 0.00 ? 114 VAL A N    1 
ATOM 1801 C CA   . VAL A 1 114 ? 9.076   -5.410  -12.476 1.00 0.00 ? 114 VAL A CA   1 
ATOM 1802 C C    . VAL A 1 114 ? 9.302   -3.973  -12.950 1.00 0.00 ? 114 VAL A C    1 
ATOM 1803 O O    . VAL A 1 114 ? 8.347   -3.253  -13.236 1.00 0.00 ? 114 VAL A O    1 
ATOM 1804 C CB   . VAL A 1 114 ? 7.755   -6.003  -12.972 1.00 0.00 ? 114 VAL A CB   1 
ATOM 1805 C CG1  . VAL A 1 114 ? 7.496   -5.619  -14.430 1.00 0.00 ? 114 VAL A CG1  1 
ATOM 1806 C CG2  . VAL A 1 114 ? 7.735   -7.522  -12.793 1.00 0.00 ? 114 VAL A CG2  1 
ATOM 1807 H H    . VAL A 1 114 ? 8.938   -4.579  -10.571 1.00 0.00 ? 114 VAL A H    1 
ATOM 1808 H HA   . VAL A 1 114 ? 9.888   -6.035  -12.850 1.00 0.00 ? 114 VAL A HA   1 
ATOM 1809 H HB   . VAL A 1 114 ? 6.952   -5.584  -12.367 1.00 0.00 ? 114 VAL A HB   1 
ATOM 1810 H HG11 . VAL A 1 114 ? 8.136   -4.782  -14.705 1.00 0.00 ? 114 VAL A HG11 1 
ATOM 1811 H HG12 . VAL A 1 114 ? 7.714   -6.470  -15.074 1.00 0.00 ? 114 VAL A HG12 1 
ATOM 1812 H HG13 . VAL A 1 114 ? 6.451   -5.332  -14.549 1.00 0.00 ? 114 VAL A HG13 1 
ATOM 1813 H HG21 . VAL A 1 114 ? 8.733   -7.871  -12.528 1.00 0.00 ? 114 VAL A HG21 1 
ATOM 1814 H HG22 . VAL A 1 114 ? 7.036   -7.785  -11.998 1.00 0.00 ? 114 VAL A HG22 1 
ATOM 1815 H HG23 . VAL A 1 114 ? 7.420   -7.994  -13.723 1.00 0.00 ? 114 VAL A HG23 1 
ATOM 1816 N N    . ALA A 1 115 ? 10.571  -3.600  -13.019 1.00 0.00 ? 115 ALA A N    1 
ATOM 1817 C CA   . ALA A 1 115 ? 10.935  -2.262  -13.454 1.00 0.00 ? 115 ALA A CA   1 
ATOM 1818 C C    . ALA A 1 115 ? 12.336  -1.926  -12.940 1.00 0.00 ? 115 ALA A C    1 
ATOM 1819 O O    . ALA A 1 115 ? 12.485  -1.347  -11.865 1.00 0.00 ? 115 ALA A O    1 
ATOM 1820 C CB   . ALA A 1 115 ? 9.882   -1.263  -12.970 1.00 0.00 ? 115 ALA A CB   1 
ATOM 1821 H H    . ALA A 1 115 ? 11.343  -4.191  -12.783 1.00 0.00 ? 115 ALA A H    1 
ATOM 1822 H HA   . ALA A 1 115 ? 10.946  -2.260  -14.544 1.00 0.00 ? 115 ALA A HA   1 
ATOM 1823 H HB1  . ALA A 1 115 ? 9.649   -1.459  -11.923 1.00 0.00 ? 115 ALA A HB1  1 
ATOM 1824 H HB2  . ALA A 1 115 ? 10.268  -0.249  -13.074 1.00 0.00 ? 115 ALA A HB2  1 
ATOM 1825 H HB3  . ALA A 1 115 ? 8.977   -1.370  -13.570 1.00 0.00 ? 115 ALA A HB3  1 
ATOM 1826 N N    . SER A 1 116 ? 13.329  -2.304  -13.733 1.00 0.00 ? 116 SER A N    1 
ATOM 1827 C CA   . SER A 1 116 ? 14.713  -2.050  -13.371 1.00 0.00 ? 116 SER A CA   1 
ATOM 1828 C C    . SER A 1 116 ? 15.080  -2.848  -12.117 1.00 0.00 ? 116 SER A C    1 
ATOM 1829 O O    . SER A 1 116 ? 16.258  -3.081  -11.850 1.00 0.00 ? 116 SER A O    1 
ATOM 1830 C CB   . SER A 1 116 ? 14.958  -0.557  -13.142 1.00 0.00 ? 116 SER A CB   1 
ATOM 1831 O OG   . SER A 1 116 ? 16.347  -0.252  -13.055 1.00 0.00 ? 116 SER A OG   1 
ATOM 1832 H H    . SER A 1 116 ? 13.199  -2.775  -14.605 1.00 0.00 ? 116 SER A H    1 
ATOM 1833 H HA   . SER A 1 116 ? 15.301  -2.387  -14.225 1.00 0.00 ? 116 SER A HA   1 
ATOM 1834 H HB2  . SER A 1 116 ? 14.511  0.013   -13.956 1.00 0.00 ? 116 SER A HB2  1 
ATOM 1835 H HB3  . SER A 1 116 ? 14.461  -0.246  -12.224 1.00 0.00 ? 116 SER A HB3  1 
ATOM 1836 H HG   . SER A 1 116 ? 16.723  -0.604  -12.199 1.00 0.00 ? 116 SER A HG   1 
# 
